data_2IUK
#
_entry.id   2IUK
#
_cell.length_a   92.760
_cell.length_b   115.100
_cell.length_c   120.220
_cell.angle_alpha   90.00
_cell.angle_beta   112.34
_cell.angle_gamma   90.00
#
_symmetry.space_group_name_H-M   'P 1 21 1'
#
loop_
_entity.id
_entity.type
_entity.pdbx_description
1 polymer 'SEED LIPOXYGENASE'
2 non-polymer 'FE (III) ION'
3 water water
#
_entity_poly.entity_id   1
_entity_poly.type   'polypeptide(L)'
_entity_poly.pdbx_seq_one_letter_code
;MFGIFDKGQKIKGTVVLMPKNVLDFNAITSIGKGGVIDTATGILGQGVSLVGGVIDTATSFLGRNISMQLISATQTDGSG
NGKVGKEVYLEKHLPTLPTLGARQDAFSIFFEWDASFGIPGAFYIKNFMTDEFFLVSVKLEDIPNHGTIEFVCNSWVYNF
RSYKKNRIFFVNDTYLPSATPAPLLKYRKEEFEVLRGDGTGKRKDFDRIYDYDVYNDLGNPDGGDPRPILGGCSIYPYPL
RVRTGRERTRTDPNSEKPGEVYVPRDENFGHLKSSDFLTYGIKSLSHDVIPLFKSAIFQLRVTSSEFESFEDVRSLYEGG
IKLPTDILSQISPLPALKEIFRTDGENVLQFPPPHVAKVSKSGVMTDEEFAREVIAGVNPNVIRRLQEFPPKSTLDPTLY
GDQTSTITKEQLEINMGGVTVEEALSTQRLFILDYQDAFIPYLTRINSLPTAKAYATRTILFLKDDGTLKPLAIELSKPH
PDGDNLGPESIVVLPATEGVDSTIWLLAKAHVIVNDSGYHQLVSHWLNTHAVMEPFAIATNRHLSVLHPIYKLLYPHYRD
TININGLARQSLINADGIIEKSFLPGKYSIEMSSSVYKNWVFTHQALPADLVKRGLAIEDPSAPHGLRLVIEDYPYAVDG
LEIWDAIKTWVHEYVSLYYPTDAAVQQDTELQAWWKEAVEKGHGDLKEKPWWPKKQTTEDLIQSCSIIVWTASALHAAVN
FGQYPYGGLILNRPTLARRFIPAEGTPEYDEMVKNPQKAYLRTITPKFETLIDLSVIEILSRHASDEIYLGERETPNWTT
DKKALEAFKRFGSKLTGIEGKINARNSDPSLRNRTGPVQLPYTLLHRSSEEGLTFKGIPNSISI
;
_entity_poly.pdbx_strand_id   A,B
#
# COMPACT_ATOMS: atom_id res chain seq x y z
N GLY A 8 85.29 -26.19 -18.59
CA GLY A 8 84.95 -26.35 -20.00
C GLY A 8 84.32 -25.10 -20.59
N GLN A 9 83.10 -25.25 -21.12
CA GLN A 9 82.30 -24.14 -21.67
C GLN A 9 81.47 -23.45 -20.59
N LYS A 10 82.08 -23.57 -19.39
CA LYS A 10 81.73 -23.13 -18.05
C LYS A 10 80.55 -22.21 -17.77
N ILE A 11 79.52 -22.88 -17.25
CA ILE A 11 78.24 -22.31 -16.84
C ILE A 11 78.41 -21.26 -15.73
N LYS A 12 78.08 -20.01 -16.05
CA LYS A 12 78.15 -18.94 -15.07
C LYS A 12 76.94 -19.10 -14.17
N GLY A 13 77.08 -19.05 -12.84
CA GLY A 13 75.94 -19.15 -11.93
C GLY A 13 75.82 -17.96 -10.97
N THR A 14 74.58 -17.59 -10.58
CA THR A 14 74.36 -16.45 -9.71
C THR A 14 73.51 -16.85 -8.50
N VAL A 15 74.05 -16.75 -7.28
CA VAL A 15 73.35 -17.10 -6.06
C VAL A 15 72.93 -15.86 -5.27
N VAL A 16 71.68 -15.73 -4.88
CA VAL A 16 71.21 -14.63 -4.05
C VAL A 16 70.82 -15.18 -2.69
N LEU A 17 71.26 -14.53 -1.61
CA LEU A 17 70.97 -15.03 -0.27
C LEU A 17 70.81 -13.88 0.68
N MET A 18 70.38 -14.17 1.91
CA MET A 18 70.21 -13.16 2.93
C MET A 18 70.72 -13.80 4.19
N PRO A 19 71.66 -13.15 4.89
CA PRO A 19 72.05 -13.53 6.23
C PRO A 19 70.83 -13.61 7.15
N LYS A 20 71.09 -14.34 8.21
CA LYS A 20 70.14 -14.70 9.24
C LYS A 20 69.48 -13.51 9.92
N ASN A 21 70.39 -12.66 10.39
CA ASN A 21 70.15 -11.45 11.14
C ASN A 21 69.31 -10.34 10.52
N VAL A 22 69.11 -10.32 9.20
CA VAL A 22 68.22 -9.33 8.60
C VAL A 22 66.77 -9.79 8.77
N LEU A 23 66.61 -11.09 9.05
CA LEU A 23 65.35 -11.74 9.31
C LEU A 23 65.20 -12.17 10.77
N ASP A 24 66.26 -12.00 11.56
CA ASP A 24 66.24 -12.42 12.94
C ASP A 24 65.77 -11.30 13.85
N PHE A 25 64.54 -11.39 14.42
CA PHE A 25 63.95 -10.41 15.34
C PHE A 25 64.90 -9.94 16.42
N ASN A 26 65.53 -10.91 17.06
CA ASN A 26 66.42 -10.67 18.15
C ASN A 26 67.58 -9.86 17.70
N ALA A 27 68.16 -10.21 16.55
CA ALA A 27 69.28 -9.45 16.05
C ALA A 27 68.84 -8.12 15.48
N ILE A 28 67.58 -7.98 15.02
CA ILE A 28 66.96 -6.74 14.49
C ILE A 28 66.78 -5.72 15.59
N THR A 29 66.35 -6.23 16.76
CA THR A 29 66.16 -5.47 17.99
C THR A 29 67.42 -5.35 18.87
N SER A 30 68.54 -6.00 18.45
CA SER A 30 69.90 -6.00 19.04
C SER A 30 70.11 -6.61 20.44
N ILE A 31 69.58 -7.83 20.64
CA ILE A 31 69.66 -8.55 21.92
C ILE A 31 70.87 -9.50 21.93
CA VAL A 54 86.88 -0.80 5.51
C VAL A 54 86.22 -2.04 6.12
N ILE A 55 84.88 -2.14 5.97
CA ILE A 55 84.05 -3.24 6.50
C ILE A 55 83.44 -4.15 5.41
N ASP A 56 83.54 -5.48 5.60
CA ASP A 56 83.05 -6.51 4.65
C ASP A 56 82.55 -7.79 5.34
N THR A 57 81.26 -8.11 5.12
CA THR A 57 80.58 -9.25 5.73
C THR A 57 80.17 -10.34 4.75
N ALA A 58 79.87 -9.93 3.52
CA ALA A 58 79.51 -10.84 2.44
C ALA A 58 80.72 -11.63 2.00
N THR A 59 81.91 -11.06 2.25
CA THR A 59 83.19 -11.68 2.03
C THR A 59 83.40 -12.99 2.83
N SER A 60 82.62 -13.26 3.89
CA SER A 60 82.79 -14.48 4.68
C SER A 60 81.99 -15.66 4.17
N PHE A 61 80.91 -15.46 3.37
CA PHE A 61 80.14 -16.53 2.73
C PHE A 61 80.93 -17.09 1.55
N LEU A 62 82.24 -16.88 1.62
CA LEU A 62 83.17 -17.21 0.58
C LEU A 62 84.24 -18.23 0.96
N GLY A 63 84.89 -18.59 -0.15
CA GLY A 63 85.86 -19.67 -0.18
C GLY A 63 85.09 -20.95 0.08
N ARG A 64 85.67 -21.80 0.93
CA ARG A 64 85.09 -23.08 1.33
C ARG A 64 83.98 -22.93 2.39
N ASN A 65 82.92 -22.19 2.02
CA ASN A 65 81.82 -21.97 2.92
C ASN A 65 80.46 -22.40 2.41
N ILE A 66 80.08 -22.14 1.17
CA ILE A 66 78.83 -22.67 0.60
C ILE A 66 79.34 -23.40 -0.63
N SER A 67 79.15 -24.71 -0.81
CA SER A 67 79.44 -25.33 -2.10
C SER A 67 78.13 -25.67 -2.79
N MET A 68 78.14 -26.03 -4.09
CA MET A 68 76.94 -26.41 -4.84
C MET A 68 77.27 -27.43 -5.90
N GLN A 69 76.42 -28.42 -6.19
CA GLN A 69 76.64 -29.41 -7.24
C GLN A 69 75.42 -29.35 -8.13
N LEU A 70 75.54 -29.36 -9.46
CA LEU A 70 74.38 -29.35 -10.35
C LEU A 70 73.87 -30.77 -10.60
N ILE A 71 72.58 -30.91 -10.87
CA ILE A 71 72.03 -32.19 -11.24
C ILE A 71 71.39 -32.03 -12.62
N SER A 72 71.68 -33.01 -13.46
CA SER A 72 71.18 -33.09 -14.82
C SER A 72 69.76 -33.58 -15.08
N ALA A 73 68.96 -32.79 -15.79
CA ALA A 73 67.64 -33.19 -16.24
C ALA A 73 67.70 -34.02 -17.51
N THR A 74 68.85 -34.03 -18.17
CA THR A 74 69.04 -34.71 -19.44
C THR A 74 69.91 -35.94 -19.44
N GLN A 75 70.97 -35.98 -18.63
CA GLN A 75 71.83 -37.14 -18.57
C GLN A 75 71.95 -37.79 -17.23
N THR A 76 72.21 -39.07 -17.45
CA THR A 76 72.14 -40.12 -16.48
C THR A 76 73.39 -40.92 -16.13
N ASP A 77 73.39 -41.57 -14.97
CA ASP A 77 74.40 -42.54 -14.65
C ASP A 77 74.01 -43.93 -15.19
N GLY A 78 74.43 -45.06 -14.60
CA GLY A 78 74.04 -46.36 -15.13
C GLY A 78 72.85 -46.99 -14.43
N SER A 79 72.44 -46.35 -13.33
CA SER A 79 71.25 -46.75 -12.61
C SER A 79 70.04 -45.95 -13.11
N GLY A 80 70.23 -44.97 -14.02
CA GLY A 80 69.15 -44.20 -14.64
C GLY A 80 68.90 -42.83 -14.01
N ASN A 81 69.67 -42.50 -12.96
CA ASN A 81 69.44 -41.27 -12.21
C ASN A 81 70.25 -40.10 -12.73
N GLY A 82 69.71 -38.89 -12.76
CA GLY A 82 70.39 -37.76 -13.35
C GLY A 82 71.72 -37.53 -12.70
N LYS A 83 72.67 -37.16 -13.54
CA LYS A 83 74.03 -36.91 -13.12
C LYS A 83 74.25 -35.84 -12.05
N VAL A 84 75.27 -35.97 -11.21
CA VAL A 84 75.58 -34.90 -10.28
C VAL A 84 76.97 -34.43 -10.70
N GLY A 85 77.17 -33.11 -10.69
CA GLY A 85 78.41 -32.54 -11.19
C GLY A 85 79.11 -31.47 -10.36
N LYS A 86 80.21 -32.06 -9.89
CA LYS A 86 81.30 -31.47 -9.13
C LYS A 86 81.03 -30.25 -8.26
N GLU A 87 81.35 -30.51 -6.99
CA GLU A 87 81.19 -29.61 -5.88
C GLU A 87 82.08 -28.39 -6.03
N VAL A 88 81.45 -27.25 -6.28
CA VAL A 88 82.14 -25.98 -6.48
C VAL A 88 81.55 -24.92 -5.57
N TYR A 89 82.51 -24.36 -4.82
CA TYR A 89 82.32 -23.32 -3.85
C TYR A 89 82.04 -21.98 -4.52
N LEU A 90 81.38 -21.07 -3.79
CA LEU A 90 81.10 -19.71 -4.24
C LEU A 90 82.37 -18.96 -4.57
N GLU A 91 82.36 -18.34 -5.75
CA GLU A 91 83.48 -17.56 -6.24
C GLU A 91 83.54 -16.15 -5.67
N LYS A 92 82.81 -15.16 -6.19
CA LYS A 92 82.92 -13.79 -5.69
C LYS A 92 81.66 -13.16 -5.18
N HIS A 93 81.79 -12.11 -4.36
CA HIS A 93 80.64 -11.34 -3.93
C HIS A 93 80.40 -10.38 -5.07
N LEU A 94 79.28 -10.57 -5.76
CA LEU A 94 78.93 -9.65 -6.81
C LEU A 94 78.38 -8.43 -6.09
N PRO A 95 79.04 -7.27 -6.21
CA PRO A 95 78.73 -6.06 -5.43
C PRO A 95 77.52 -5.23 -5.88
N THR A 96 77.28 -5.26 -7.20
CA THR A 96 76.22 -4.54 -7.90
C THR A 96 74.86 -5.12 -7.59
N LEU A 97 73.80 -4.32 -7.77
CA LEU A 97 72.45 -4.87 -7.72
C LEU A 97 72.10 -5.30 -9.14
N PRO A 98 71.84 -6.60 -9.40
CA PRO A 98 70.89 -7.07 -10.42
C PRO A 98 69.59 -6.26 -10.30
N THR A 99 68.95 -6.49 -9.16
CA THR A 99 67.78 -5.80 -8.65
C THR A 99 67.79 -6.23 -7.19
N LEU A 100 68.04 -7.54 -6.95
CA LEU A 100 68.15 -8.19 -5.66
C LEU A 100 66.93 -8.07 -4.73
N GLY A 101 66.98 -7.33 -3.61
CA GLY A 101 65.83 -7.17 -2.75
C GLY A 101 66.21 -6.85 -1.32
N ALA A 102 66.31 -5.55 -1.08
CA ALA A 102 66.65 -4.97 0.21
C ALA A 102 67.97 -5.42 0.88
N ARG A 103 67.96 -6.56 1.58
CA ARG A 103 69.11 -7.05 2.32
C ARG A 103 69.80 -8.27 1.75
N GLN A 104 69.49 -8.46 0.46
CA GLN A 104 70.02 -9.54 -0.35
C GLN A 104 71.42 -9.24 -0.86
N ASP A 105 72.26 -10.28 -0.75
CA ASP A 105 73.64 -10.29 -1.21
C ASP A 105 73.77 -11.31 -2.34
N ALA A 106 74.40 -10.85 -3.42
CA ALA A 106 74.58 -11.62 -4.63
C ALA A 106 75.91 -12.30 -4.71
N PHE A 107 76.06 -13.42 -5.43
CA PHE A 107 77.31 -14.15 -5.52
C PHE A 107 77.34 -15.02 -6.74
N SER A 108 78.53 -15.26 -7.28
CA SER A 108 78.69 -16.08 -8.46
C SER A 108 79.42 -17.36 -8.16
N ILE A 109 78.98 -18.48 -8.76
CA ILE A 109 79.68 -19.75 -8.68
C ILE A 109 79.95 -20.10 -10.13
N PHE A 110 81.02 -20.86 -10.36
CA PHE A 110 81.32 -21.26 -11.72
C PHE A 110 81.42 -22.78 -11.81
N PHE A 111 80.59 -23.31 -12.71
CA PHE A 111 80.52 -24.73 -13.00
C PHE A 111 80.99 -24.97 -14.40
N GLU A 112 81.76 -26.04 -14.62
CA GLU A 112 82.32 -26.37 -15.91
C GLU A 112 81.33 -27.09 -16.80
N TRP A 113 81.79 -27.63 -17.93
CA TRP A 113 80.86 -28.24 -18.85
C TRP A 113 81.32 -29.46 -19.60
N ASP A 114 81.09 -30.68 -19.08
CA ASP A 114 81.54 -31.84 -19.84
C ASP A 114 80.62 -32.24 -21.00
N ALA A 115 79.82 -31.27 -21.49
CA ALA A 115 78.86 -31.37 -22.60
C ALA A 115 77.79 -32.41 -22.37
N SER A 116 78.27 -33.64 -22.19
CA SER A 116 77.53 -34.84 -21.83
C SER A 116 76.95 -34.78 -20.41
N PHE A 117 77.05 -33.67 -19.68
CA PHE A 117 76.41 -33.53 -18.37
C PHE A 117 74.92 -33.35 -18.62
N GLY A 118 74.59 -32.44 -19.52
CA GLY A 118 73.20 -32.16 -19.85
C GLY A 118 72.74 -30.90 -19.14
N ILE A 119 71.54 -30.42 -19.46
CA ILE A 119 71.01 -29.20 -18.89
C ILE A 119 70.60 -29.45 -17.44
N PRO A 120 71.01 -28.58 -16.50
CA PRO A 120 70.77 -28.76 -15.07
C PRO A 120 69.35 -28.45 -14.63
N GLY A 121 68.73 -29.38 -13.94
CA GLY A 121 67.36 -29.18 -13.50
C GLY A 121 67.22 -29.14 -11.99
N ALA A 122 68.34 -29.10 -11.28
CA ALA A 122 68.38 -29.04 -9.84
C ALA A 122 69.80 -28.87 -9.39
N PHE A 123 69.98 -28.59 -8.10
CA PHE A 123 71.30 -28.54 -7.49
C PHE A 123 71.22 -28.96 -6.02
N TYR A 124 72.36 -29.35 -5.46
CA TYR A 124 72.56 -29.72 -4.05
C TYR A 124 73.38 -28.61 -3.37
N ILE A 125 72.95 -28.10 -2.20
CA ILE A 125 73.77 -27.08 -1.54
C ILE A 125 74.13 -27.52 -0.13
N LYS A 126 75.42 -27.23 0.17
CA LYS A 126 76.00 -27.50 1.46
C LYS A 126 76.65 -26.21 1.92
N ASN A 127 76.28 -25.80 3.11
CA ASN A 127 76.83 -24.68 3.83
C ASN A 127 77.75 -25.29 4.90
N PHE A 128 78.99 -24.81 5.00
CA PHE A 128 79.94 -25.32 5.99
C PHE A 128 80.16 -24.43 7.18
N MET A 129 79.46 -23.29 7.13
CA MET A 129 79.42 -22.30 8.19
C MET A 129 78.57 -22.78 9.35
N THR A 130 78.80 -22.16 10.50
CA THR A 130 78.07 -22.48 11.70
C THR A 130 76.63 -22.05 11.56
N ASP A 131 76.41 -20.81 11.11
CA ASP A 131 75.08 -20.28 10.95
C ASP A 131 74.42 -20.30 9.56
N GLU A 132 73.10 -20.61 9.61
CA GLU A 132 72.20 -20.69 8.50
C GLU A 132 72.03 -19.39 7.77
N PHE A 133 71.59 -19.50 6.54
CA PHE A 133 71.30 -18.31 5.79
C PHE A 133 70.03 -18.60 5.08
N PHE A 134 69.51 -17.58 4.42
CA PHE A 134 68.30 -17.77 3.66
C PHE A 134 68.68 -17.73 2.19
N LEU A 135 68.73 -18.89 1.52
CA LEU A 135 68.98 -18.95 0.10
C LEU A 135 67.75 -18.44 -0.62
N VAL A 136 67.75 -17.37 -1.47
CA VAL A 136 66.50 -16.91 -2.10
C VAL A 136 66.40 -17.25 -3.59
N SER A 137 67.53 -17.29 -4.29
CA SER A 137 67.57 -17.71 -5.67
C SER A 137 68.96 -18.06 -6.08
N VAL A 138 68.92 -18.67 -7.26
CA VAL A 138 70.04 -19.08 -8.07
C VAL A 138 69.52 -19.02 -9.51
N LYS A 139 70.38 -18.53 -10.39
CA LYS A 139 70.13 -18.43 -11.83
C LYS A 139 71.37 -19.00 -12.51
N LEU A 140 71.23 -19.67 -13.63
CA LEU A 140 72.37 -20.25 -14.34
C LEU A 140 72.44 -19.70 -15.76
N GLU A 141 73.57 -19.04 -16.00
CA GLU A 141 73.92 -18.38 -17.24
C GLU A 141 74.95 -19.19 -18.00
N ASP A 142 75.18 -18.81 -19.27
CA ASP A 142 76.18 -19.38 -20.14
C ASP A 142 76.10 -20.91 -20.27
N ILE A 143 74.89 -21.51 -20.25
CA ILE A 143 74.78 -22.93 -20.57
C ILE A 143 74.80 -22.83 -22.11
N PRO A 144 75.80 -23.39 -22.81
CA PRO A 144 75.87 -23.40 -24.28
C PRO A 144 74.65 -24.10 -24.87
N ASN A 145 74.03 -23.41 -25.84
CA ASN A 145 72.84 -23.81 -26.59
C ASN A 145 71.56 -23.47 -25.81
N HIS A 146 71.57 -23.50 -24.47
CA HIS A 146 70.41 -23.18 -23.62
C HIS A 146 70.44 -21.74 -23.07
N GLY A 147 69.25 -21.26 -22.69
CA GLY A 147 69.07 -19.97 -22.05
C GLY A 147 69.18 -20.07 -20.53
N THR A 148 68.98 -18.95 -19.81
CA THR A 148 69.10 -18.93 -18.35
C THR A 148 68.10 -19.76 -17.55
N ILE A 149 68.68 -20.64 -16.74
CA ILE A 149 67.92 -21.54 -15.90
C ILE A 149 67.67 -20.92 -14.52
N GLU A 150 66.39 -20.69 -14.19
CA GLU A 150 66.05 -20.15 -12.87
C GLU A 150 65.56 -21.19 -11.90
N PHE A 151 65.91 -20.87 -10.66
CA PHE A 151 65.51 -21.63 -9.49
C PHE A 151 64.90 -20.62 -8.52
N VAL A 152 63.72 -20.90 -7.95
CA VAL A 152 63.11 -20.06 -6.89
C VAL A 152 63.28 -20.85 -5.59
N CYS A 153 64.29 -20.45 -4.80
CA CYS A 153 64.69 -21.21 -3.63
C CYS A 153 63.92 -20.90 -2.35
N ASN A 154 64.16 -19.73 -1.72
CA ASN A 154 63.45 -19.20 -0.57
C ASN A 154 63.34 -20.10 0.64
N SER A 155 64.55 -20.55 1.01
CA SER A 155 64.74 -21.56 2.03
C SER A 155 66.04 -21.43 2.82
N TRP A 156 65.88 -21.64 4.14
CA TRP A 156 66.94 -21.63 5.11
C TRP A 156 67.81 -22.85 5.01
N VAL A 157 69.07 -22.56 4.72
CA VAL A 157 70.06 -23.61 4.57
C VAL A 157 71.04 -23.68 5.75
N TYR A 158 70.86 -24.63 6.67
CA TYR A 158 71.77 -24.83 7.79
C TYR A 158 73.06 -25.57 7.43
N ASN A 159 74.07 -25.57 8.31
CA ASN A 159 75.29 -26.37 8.19
C ASN A 159 74.91 -27.80 7.79
N PHE A 160 75.50 -28.43 6.74
CA PHE A 160 75.10 -29.78 6.30
C PHE A 160 74.84 -30.74 7.43
N ARG A 161 75.78 -30.87 8.36
CA ARG A 161 75.71 -31.81 9.46
C ARG A 161 74.43 -31.86 10.28
N SER A 162 73.51 -30.90 10.05
CA SER A 162 72.21 -30.87 10.68
C SER A 162 71.10 -31.30 9.75
N TYR A 163 71.49 -31.96 8.67
CA TYR A 163 70.57 -32.42 7.64
C TYR A 163 70.90 -33.87 7.28
N LYS A 164 69.81 -34.63 7.26
CA LYS A 164 69.68 -36.04 6.89
C LYS A 164 70.54 -36.49 5.70
N LYS A 165 70.48 -35.63 4.69
CA LYS A 165 71.17 -35.67 3.40
C LYS A 165 71.03 -34.28 2.74
N ASN A 166 71.80 -34.01 1.67
CA ASN A 166 71.86 -32.72 0.99
C ASN A 166 70.54 -32.09 0.58
N ARG A 167 70.54 -30.78 0.57
CA ARG A 167 69.37 -30.04 0.15
C ARG A 167 69.27 -30.17 -1.34
N ILE A 168 68.08 -30.27 -1.93
CA ILE A 168 67.95 -30.26 -3.39
C ILE A 168 66.99 -29.10 -3.67
N PHE A 169 67.44 -28.19 -4.55
CA PHE A 169 66.59 -27.14 -5.07
C PHE A 169 66.34 -27.42 -6.53
N PHE A 170 65.10 -27.23 -7.01
CA PHE A 170 64.70 -27.49 -8.38
C PHE A 170 64.30 -26.23 -9.14
N VAL A 171 64.33 -26.39 -10.49
CA VAL A 171 63.96 -25.44 -11.54
C VAL A 171 62.52 -25.11 -11.43
N ASN A 172 62.18 -23.87 -11.82
CA ASN A 172 60.83 -23.41 -11.70
C ASN A 172 59.82 -23.97 -12.67
N ASP A 173 60.19 -24.96 -13.50
CA ASP A 173 59.29 -25.63 -14.44
C ASP A 173 58.25 -26.46 -13.71
N THR A 174 57.08 -26.60 -14.30
CA THR A 174 55.97 -27.29 -13.67
C THR A 174 55.71 -28.62 -14.32
N TYR A 175 55.70 -29.68 -13.49
CA TYR A 175 55.55 -31.07 -13.92
C TYR A 175 54.61 -31.89 -13.07
N LEU A 176 53.67 -32.61 -13.70
CA LEU A 176 52.88 -33.62 -13.01
C LEU A 176 53.85 -34.73 -12.63
N PRO A 177 53.57 -35.70 -11.78
CA PRO A 177 54.42 -36.87 -11.63
C PRO A 177 54.92 -37.56 -12.94
N SER A 178 54.04 -38.08 -13.85
CA SER A 178 54.40 -38.74 -15.10
C SER A 178 55.32 -38.00 -16.07
N ALA A 179 55.07 -36.70 -16.14
CA ALA A 179 55.81 -35.73 -16.92
C ALA A 179 57.18 -35.33 -16.41
N THR A 180 57.55 -35.71 -15.17
CA THR A 180 58.87 -35.42 -14.60
C THR A 180 59.91 -36.09 -15.50
N PRO A 181 60.92 -35.37 -16.03
CA PRO A 181 62.13 -35.92 -16.63
C PRO A 181 62.62 -37.17 -15.95
N ALA A 182 62.92 -38.20 -16.75
CA ALA A 182 63.41 -39.44 -16.20
C ALA A 182 64.64 -39.24 -15.31
N PRO A 183 65.61 -38.33 -15.59
CA PRO A 183 66.72 -38.03 -14.70
C PRO A 183 66.37 -37.39 -13.37
N LEU A 184 65.30 -36.62 -13.35
CA LEU A 184 64.84 -35.93 -12.17
C LEU A 184 63.84 -36.69 -11.32
N LEU A 185 63.44 -37.91 -11.66
CA LEU A 185 62.49 -38.66 -10.86
C LEU A 185 62.99 -39.27 -9.56
N LYS A 186 64.24 -39.65 -9.51
CA LYS A 186 64.84 -40.19 -8.29
C LYS A 186 64.81 -39.03 -7.31
N TYR A 187 65.42 -37.96 -7.79
CA TYR A 187 65.47 -36.69 -7.11
C TYR A 187 64.07 -36.27 -6.74
N ARG A 188 63.08 -36.10 -7.61
CA ARG A 188 61.74 -35.69 -7.21
C ARG A 188 61.12 -36.57 -6.16
N LYS A 189 61.05 -37.90 -6.37
CA LYS A 189 60.42 -38.82 -5.41
C LYS A 189 61.16 -39.05 -4.12
N GLU A 190 62.49 -38.95 -4.07
CA GLU A 190 63.25 -39.11 -2.84
C GLU A 190 63.23 -37.88 -1.90
N GLU A 191 63.18 -36.63 -2.40
CA GLU A 191 63.08 -35.42 -1.59
C GLU A 191 61.78 -35.43 -0.80
N PHE A 192 60.73 -36.01 -1.32
CA PHE A 192 59.54 -36.28 -0.56
C PHE A 192 59.69 -37.03 0.71
N GLU A 193 60.47 -38.10 0.60
CA GLU A 193 60.73 -38.99 1.71
C GLU A 193 61.39 -38.18 2.80
N VAL A 194 62.24 -37.21 2.41
CA VAL A 194 62.87 -36.27 3.30
C VAL A 194 61.76 -35.48 3.99
N LEU A 195 60.80 -34.85 3.28
CA LEU A 195 59.71 -34.10 3.90
C LEU A 195 58.80 -34.88 4.86
N ARG A 196 58.49 -36.14 4.58
CA ARG A 196 57.66 -36.97 5.43
C ARG A 196 58.34 -37.45 6.73
N GLY A 197 59.65 -37.66 6.75
CA GLY A 197 60.34 -38.19 7.92
C GLY A 197 59.90 -39.62 8.22
N ASP A 198 60.08 -40.13 9.44
CA ASP A 198 59.69 -41.50 9.77
C ASP A 198 58.60 -41.66 10.84
N GLY A 199 57.98 -40.56 11.28
CA GLY A 199 56.96 -40.59 12.33
C GLY A 199 57.53 -40.76 13.73
N THR A 200 58.85 -40.56 13.89
CA THR A 200 59.50 -40.73 15.19
C THR A 200 60.53 -39.64 15.43
N GLY A 201 60.80 -39.44 16.73
CA GLY A 201 61.82 -38.51 17.19
C GLY A 201 61.30 -37.14 17.53
N LYS A 202 62.07 -36.49 18.40
CA LYS A 202 61.77 -35.13 18.77
C LYS A 202 62.40 -34.23 17.74
N ARG A 203 61.51 -33.48 17.08
CA ARG A 203 61.86 -32.56 16.02
C ARG A 203 62.64 -31.34 16.48
N LYS A 204 63.58 -30.94 15.63
CA LYS A 204 64.49 -29.83 15.88
C LYS A 204 64.17 -28.68 14.97
N ASP A 205 64.61 -27.46 15.28
CA ASP A 205 64.15 -26.34 14.50
C ASP A 205 64.66 -26.32 13.09
N PHE A 206 65.82 -26.90 12.79
CA PHE A 206 66.27 -26.91 11.41
C PHE A 206 65.62 -27.91 10.47
N ASP A 207 64.80 -28.78 11.08
CA ASP A 207 64.12 -29.86 10.40
C ASP A 207 62.98 -29.43 9.58
N ARG A 208 62.82 -30.12 8.47
CA ARG A 208 61.69 -29.88 7.61
C ARG A 208 60.80 -31.10 7.55
N ILE A 209 60.45 -31.77 8.65
CA ILE A 209 59.59 -32.94 8.58
C ILE A 209 58.22 -32.50 9.01
N TYR A 210 57.29 -32.80 8.11
CA TYR A 210 55.87 -32.49 8.17
C TYR A 210 55.21 -33.81 8.43
N ASP A 211 54.42 -33.83 9.51
CA ASP A 211 53.70 -35.02 9.92
C ASP A 211 52.60 -34.60 10.88
N TYR A 212 51.76 -35.57 11.26
CA TYR A 212 50.57 -35.37 12.07
C TYR A 212 50.59 -35.87 13.51
N ASP A 213 49.95 -35.08 14.38
CA ASP A 213 49.67 -35.52 15.74
C ASP A 213 48.33 -34.95 16.16
N VAL A 214 47.84 -35.30 17.35
CA VAL A 214 46.58 -34.86 17.97
C VAL A 214 46.79 -33.64 18.86
N TYR A 215 45.74 -32.90 19.20
CA TYR A 215 45.90 -31.79 20.12
C TYR A 215 45.88 -32.28 21.57
N ASN A 216 47.00 -32.89 21.94
CA ASN A 216 47.26 -33.40 23.26
C ASN A 216 48.32 -32.56 23.94
N ASP A 217 48.59 -31.35 23.43
CA ASP A 217 49.65 -30.49 23.93
C ASP A 217 49.20 -29.14 24.49
N LEU A 218 47.89 -29.09 24.75
CA LEU A 218 47.23 -27.91 25.25
C LEU A 218 47.26 -27.86 26.77
N GLY A 219 46.99 -28.95 27.47
CA GLY A 219 47.05 -28.93 28.91
C GLY A 219 48.44 -29.24 29.45
N ASN A 220 48.51 -28.86 30.74
CA ASN A 220 49.65 -29.05 31.62
C ASN A 220 49.23 -29.94 32.81
N PRO A 221 49.13 -31.29 32.65
CA PRO A 221 48.52 -32.21 33.60
C PRO A 221 49.41 -32.32 34.80
N ASP A 222 50.73 -32.34 34.55
CA ASP A 222 51.75 -32.37 35.58
C ASP A 222 51.65 -31.25 36.57
N GLY A 223 50.92 -30.18 36.19
CA GLY A 223 50.74 -28.97 36.98
C GLY A 223 49.30 -28.73 37.40
N GLY A 224 48.37 -29.62 37.11
CA GLY A 224 47.02 -29.52 37.63
C GLY A 224 45.93 -29.08 36.67
N ASP A 225 46.38 -28.65 35.49
CA ASP A 225 45.50 -28.18 34.42
C ASP A 225 45.55 -29.07 33.18
N PRO A 226 44.89 -30.25 33.17
CA PRO A 226 44.83 -31.14 32.03
C PRO A 226 43.62 -30.88 31.19
N ARG A 227 43.87 -31.03 29.91
CA ARG A 227 42.80 -30.81 28.96
C ARG A 227 42.57 -32.09 28.20
N PRO A 228 41.38 -32.37 27.68
CA PRO A 228 41.13 -33.58 26.92
C PRO A 228 41.90 -33.57 25.61
N ILE A 229 42.41 -34.77 25.27
CA ILE A 229 43.12 -34.95 24.02
C ILE A 229 42.14 -34.84 22.86
N LEU A 230 42.27 -33.75 22.11
CA LEU A 230 41.39 -33.53 20.96
C LEU A 230 42.01 -34.09 19.67
N GLY A 231 41.23 -35.00 19.07
CA GLY A 231 41.60 -35.79 17.91
C GLY A 231 41.87 -37.25 18.31
N GLY A 232 41.77 -38.13 17.29
CA GLY A 232 42.04 -39.56 17.41
C GLY A 232 40.96 -40.37 18.10
N CYS A 233 39.70 -39.94 17.99
CA CYS A 233 38.60 -40.43 18.78
C CYS A 233 37.31 -40.00 18.13
N SER A 234 36.17 -40.56 18.47
CA SER A 234 34.91 -40.11 17.94
C SER A 234 34.09 -39.32 18.95
N ILE A 235 34.59 -39.32 20.19
CA ILE A 235 34.00 -38.54 21.25
C ILE A 235 34.68 -37.16 21.22
N TYR A 236 35.98 -37.13 20.87
CA TYR A 236 36.82 -35.95 20.68
C TYR A 236 37.45 -35.89 19.29
N PRO A 237 36.70 -35.70 18.17
CA PRO A 237 37.27 -35.50 16.85
C PRO A 237 37.90 -34.13 16.73
N TYR A 238 38.95 -33.99 15.94
CA TYR A 238 39.56 -32.72 15.69
C TYR A 238 40.52 -32.91 14.51
N PRO A 239 40.77 -31.89 13.65
CA PRO A 239 41.81 -31.88 12.62
C PRO A 239 43.16 -32.18 13.16
N LEU A 240 44.06 -32.98 12.52
CA LEU A 240 45.31 -33.26 13.20
C LEU A 240 46.31 -32.10 12.94
N ARG A 241 47.54 -32.00 13.50
CA ARG A 241 48.39 -30.82 13.37
C ARG A 241 49.83 -31.14 13.21
N VAL A 242 50.74 -30.20 13.02
CA VAL A 242 52.10 -30.61 12.78
C VAL A 242 52.75 -31.16 14.04
N ARG A 243 53.29 -32.36 13.83
CA ARG A 243 53.93 -33.14 14.88
C ARG A 243 55.24 -32.49 15.26
N THR A 244 55.31 -32.42 16.59
CA THR A 244 56.42 -31.81 17.29
C THR A 244 57.27 -32.84 18.01
N GLY A 245 56.71 -33.91 18.56
CA GLY A 245 57.50 -35.00 19.09
C GLY A 245 58.17 -34.83 20.44
N ARG A 246 57.83 -33.81 21.23
CA ARG A 246 58.42 -33.61 22.54
C ARG A 246 58.08 -34.78 23.50
N GLU A 247 58.83 -34.86 24.59
CA GLU A 247 58.60 -35.82 25.64
C GLU A 247 57.23 -35.64 26.30
N ARG A 248 56.79 -36.79 26.82
CA ARG A 248 55.56 -36.98 27.54
C ARG A 248 55.49 -36.31 28.92
N THR A 249 54.26 -36.25 29.39
CA THR A 249 53.85 -35.78 30.69
C THR A 249 54.06 -36.92 31.70
N ARG A 250 54.41 -36.61 32.95
CA ARG A 250 54.56 -37.64 33.96
C ARG A 250 53.16 -38.20 34.25
N THR A 251 52.15 -37.34 34.48
CA THR A 251 50.79 -37.78 34.79
C THR A 251 50.09 -38.53 33.64
N ASP A 252 50.17 -38.05 32.39
CA ASP A 252 49.50 -38.62 31.23
C ASP A 252 50.56 -38.76 30.17
N PRO A 253 51.13 -39.95 29.92
CA PRO A 253 52.10 -40.12 28.86
C PRO A 253 51.49 -40.25 27.47
N ASN A 254 50.23 -39.82 27.32
CA ASN A 254 49.54 -39.70 26.05
C ASN A 254 49.45 -38.21 25.70
N SER A 255 49.82 -37.31 26.64
CA SER A 255 49.87 -35.87 26.42
C SER A 255 51.31 -35.43 26.34
N GLU A 256 51.72 -34.41 25.53
CA GLU A 256 53.10 -33.96 25.50
C GLU A 256 53.29 -32.70 26.32
N LYS A 257 54.54 -32.64 26.83
CA LYS A 257 55.03 -31.59 27.69
C LYS A 257 54.90 -30.23 27.05
N PRO A 258 54.68 -29.16 27.83
CA PRO A 258 55.04 -27.81 27.44
C PRO A 258 56.52 -27.68 27.14
N GLY A 259 56.80 -26.85 26.12
CA GLY A 259 58.12 -26.52 25.62
C GLY A 259 57.95 -25.53 24.49
N GLU A 260 58.94 -25.28 23.63
CA GLU A 260 58.75 -24.40 22.49
C GLU A 260 58.36 -25.21 21.29
N VAL A 261 57.31 -24.74 20.60
CA VAL A 261 56.68 -25.40 19.46
C VAL A 261 57.53 -25.44 18.22
N TYR A 262 57.72 -26.65 17.71
CA TYR A 262 58.42 -26.84 16.44
C TYR A 262 57.40 -26.66 15.35
N VAL A 263 57.89 -25.97 14.34
CA VAL A 263 57.19 -25.90 13.09
C VAL A 263 58.29 -26.29 12.10
N PRO A 264 58.04 -27.03 11.01
CA PRO A 264 59.03 -27.37 9.98
C PRO A 264 59.76 -26.08 9.55
N ARG A 265 61.09 -25.99 9.48
CA ARG A 265 61.80 -24.70 9.36
C ARG A 265 61.29 -23.65 8.39
N ASP A 266 60.87 -23.93 7.14
CA ASP A 266 60.43 -22.85 6.24
C ASP A 266 59.02 -22.34 6.41
N GLU A 267 58.34 -22.90 7.41
CA GLU A 267 57.03 -22.44 7.80
C GLU A 267 57.11 -21.30 8.82
N ASN A 268 58.31 -21.06 9.37
CA ASN A 268 58.51 -19.90 10.21
C ASN A 268 59.07 -18.80 9.32
N PHE A 269 58.19 -17.88 8.91
CA PHE A 269 58.59 -16.78 8.05
C PHE A 269 59.11 -15.59 8.80
N GLY A 270 60.31 -15.24 8.34
CA GLY A 270 61.06 -14.14 8.89
C GLY A 270 60.79 -12.85 8.14
N HIS A 271 61.29 -11.80 8.81
CA HIS A 271 61.05 -10.46 8.36
C HIS A 271 62.17 -9.50 8.73
N LEU A 272 62.27 -8.49 7.89
CA LEU A 272 63.05 -7.27 8.08
C LEU A 272 61.89 -6.47 8.70
N LYS A 273 62.12 -5.63 9.71
CA LYS A 273 61.09 -4.95 10.53
C LYS A 273 60.52 -5.83 11.63
N SER A 274 60.81 -5.34 12.84
CA SER A 274 60.38 -5.98 14.06
C SER A 274 58.88 -5.82 14.29
N SER A 275 58.23 -4.79 13.75
CA SER A 275 56.79 -4.64 13.96
C SER A 275 55.92 -5.69 13.27
N ASP A 276 56.51 -6.45 12.35
CA ASP A 276 55.88 -7.48 11.54
C ASP A 276 55.93 -8.93 12.05
N PHE A 277 56.64 -9.12 13.16
CA PHE A 277 56.70 -10.38 13.87
C PHE A 277 55.54 -10.27 14.82
N LEU A 278 54.36 -10.61 14.30
CA LEU A 278 53.13 -10.49 15.06
C LEU A 278 52.95 -11.54 16.11
N THR A 279 53.82 -12.52 15.97
CA THR A 279 53.86 -13.67 16.84
C THR A 279 54.67 -13.32 18.08
N TYR A 280 55.71 -12.51 17.89
CA TYR A 280 56.50 -11.95 18.96
C TYR A 280 55.73 -10.94 19.79
N GLY A 281 54.72 -10.34 19.16
CA GLY A 281 53.85 -9.35 19.77
C GLY A 281 52.87 -10.01 20.69
N ILE A 282 52.43 -11.20 20.28
CA ILE A 282 51.52 -12.01 21.06
C ILE A 282 52.34 -12.70 22.14
N LYS A 283 53.52 -13.24 21.83
CA LYS A 283 54.33 -13.90 22.83
C LYS A 283 54.64 -12.96 23.94
N SER A 284 54.94 -11.69 23.62
CA SER A 284 55.17 -10.65 24.58
C SER A 284 53.89 -10.15 25.23
N LEU A 285 52.71 -10.36 24.65
CA LEU A 285 51.48 -9.97 25.30
C LEU A 285 51.32 -10.86 26.53
N SER A 286 51.21 -12.18 26.35
CA SER A 286 50.97 -13.11 27.45
C SER A 286 52.04 -13.13 28.52
N HIS A 287 53.25 -12.76 28.11
CA HIS A 287 54.45 -12.81 28.94
C HIS A 287 54.88 -11.57 29.72
N ASP A 288 55.00 -10.44 29.01
CA ASP A 288 55.39 -9.18 29.61
C ASP A 288 54.22 -8.38 30.17
N VAL A 289 53.28 -8.09 29.27
CA VAL A 289 52.18 -7.17 29.50
C VAL A 289 51.05 -7.72 30.34
N ILE A 290 50.28 -8.74 29.95
CA ILE A 290 49.15 -9.24 30.73
C ILE A 290 49.43 -9.39 32.22
N PRO A 291 50.58 -9.91 32.68
CA PRO A 291 51.02 -9.84 34.09
C PRO A 291 51.24 -8.51 34.83
N LEU A 292 51.47 -7.43 34.09
CA LEU A 292 51.64 -6.10 34.62
C LEU A 292 50.28 -5.47 34.85
N PHE A 293 49.36 -5.69 33.88
CA PHE A 293 47.98 -5.28 34.01
C PHE A 293 47.42 -6.01 35.22
N LYS A 294 47.82 -7.26 35.49
CA LYS A 294 47.32 -8.00 36.63
C LYS A 294 47.89 -7.44 37.93
N SER A 295 49.20 -7.13 37.93
CA SER A 295 49.88 -6.47 39.04
C SER A 295 49.10 -5.19 39.26
N ALA A 296 49.03 -4.26 38.30
CA ALA A 296 48.19 -3.09 38.41
C ALA A 296 46.77 -3.28 38.99
N ILE A 297 45.93 -4.25 38.63
CA ILE A 297 44.57 -4.40 39.15
C ILE A 297 44.49 -5.12 40.50
N PHE A 298 45.33 -6.16 40.66
CA PHE A 298 45.26 -6.97 41.87
C PHE A 298 46.45 -6.88 42.84
N GLN A 299 47.62 -6.28 42.54
CA GLN A 299 48.72 -6.05 43.49
C GLN A 299 48.26 -4.98 44.48
N LEU A 300 48.46 -3.71 44.16
CA LEU A 300 47.84 -2.60 44.88
C LEU A 300 46.72 -2.34 43.89
N ARG A 301 45.47 -2.08 44.26
CA ARG A 301 44.58 -1.72 43.18
C ARG A 301 44.78 -0.23 42.83
N VAL A 302 45.62 -0.01 41.81
CA VAL A 302 45.90 1.30 41.24
C VAL A 302 44.79 1.71 40.26
N THR A 303 44.28 0.78 39.42
CA THR A 303 43.13 0.98 38.54
C THR A 303 42.14 -0.10 38.98
N SER A 304 40.86 0.22 39.11
CA SER A 304 39.88 -0.77 39.56
C SER A 304 39.62 -1.98 38.66
N SER A 305 39.09 -3.11 39.14
CA SER A 305 38.85 -4.28 38.30
C SER A 305 37.55 -4.25 37.49
N GLU A 306 36.79 -3.25 37.88
CA GLU A 306 35.51 -2.99 37.31
C GLU A 306 35.42 -1.62 36.72
N PHE A 307 34.51 -1.57 35.75
CA PHE A 307 34.15 -0.34 35.09
C PHE A 307 32.87 0.10 35.78
N GLU A 308 32.67 1.42 35.77
CA GLU A 308 31.49 1.95 36.42
C GLU A 308 30.48 2.56 35.46
N SER A 309 30.93 2.76 34.22
CA SER A 309 30.16 3.43 33.18
C SER A 309 30.82 3.23 31.83
N PHE A 310 30.04 3.46 30.77
CA PHE A 310 30.48 3.37 29.39
C PHE A 310 31.56 4.37 29.01
N GLU A 311 31.67 5.51 29.72
CA GLU A 311 32.71 6.50 29.47
C GLU A 311 34.07 5.99 29.91
N ASP A 312 34.10 5.00 30.81
CA ASP A 312 35.31 4.43 31.37
C ASP A 312 36.06 3.51 30.45
N VAL A 313 35.20 2.74 29.74
CA VAL A 313 35.51 1.75 28.71
C VAL A 313 36.00 2.48 27.49
N ARG A 314 35.35 3.63 27.22
CA ARG A 314 35.76 4.49 26.14
C ARG A 314 37.02 5.22 26.51
N SER A 315 37.21 5.61 27.78
CA SER A 315 38.45 6.29 28.17
C SER A 315 39.45 5.21 28.51
N LEU A 316 40.02 4.82 27.36
CA LEU A 316 41.05 3.80 27.08
C LEU A 316 41.48 4.13 25.65
N TYR A 317 40.57 4.32 24.67
CA TYR A 317 40.96 4.83 23.36
C TYR A 317 40.82 6.33 23.33
N GLU A 318 39.98 6.89 24.21
CA GLU A 318 39.89 8.34 24.40
C GLU A 318 41.10 8.82 25.22
N GLY A 319 40.99 9.09 26.52
CA GLY A 319 42.12 9.55 27.32
C GLY A 319 43.19 8.52 27.63
N GLY A 320 42.72 7.30 27.85
CA GLY A 320 43.58 6.17 28.14
C GLY A 320 43.45 5.73 29.58
N ILE A 321 43.98 4.52 29.83
CA ILE A 321 44.01 3.99 31.19
C ILE A 321 45.33 4.42 31.83
N LYS A 322 45.12 5.09 32.96
CA LYS A 322 46.24 5.54 33.75
C LYS A 322 46.70 4.38 34.61
N LEU A 323 47.95 4.02 34.32
CA LEU A 323 48.71 3.05 35.08
C LEU A 323 49.92 3.80 35.67
N PRO A 324 50.57 3.39 36.76
CA PRO A 324 51.71 4.07 37.33
C PRO A 324 52.90 4.04 36.38
N THR A 325 53.83 4.99 36.55
CA THR A 325 55.00 5.15 35.68
C THR A 325 55.90 3.93 35.61
N ASP A 326 55.88 3.15 36.70
CA ASP A 326 56.64 1.93 36.79
C ASP A 326 56.07 0.84 35.89
N ILE A 327 54.73 0.70 35.77
CA ILE A 327 54.17 -0.24 34.83
C ILE A 327 54.38 0.31 33.42
N LEU A 328 54.06 1.57 33.06
CA LEU A 328 54.30 2.13 31.72
C LEU A 328 55.70 2.06 31.16
N SER A 329 56.69 2.29 32.01
CA SER A 329 58.08 2.26 31.59
C SER A 329 58.63 0.89 31.25
N GLN A 330 57.82 -0.16 31.43
CA GLN A 330 58.19 -1.56 31.13
C GLN A 330 57.59 -2.03 29.84
N ILE A 331 56.45 -1.43 29.53
CA ILE A 331 55.67 -1.68 28.33
C ILE A 331 56.16 -0.77 27.21
N SER A 332 56.55 0.46 27.57
CA SER A 332 56.99 1.46 26.62
C SER A 332 58.22 1.05 25.81
N PRO A 333 59.28 0.41 26.33
CA PRO A 333 60.37 -0.17 25.53
C PRO A 333 60.14 -1.38 24.61
N LEU A 334 59.17 -2.24 24.99
CA LEU A 334 58.81 -3.49 24.33
C LEU A 334 58.78 -3.50 22.81
N PRO A 335 59.78 -4.15 22.20
CA PRO A 335 60.16 -3.93 20.82
C PRO A 335 59.16 -4.41 19.78
N ALA A 336 58.15 -5.17 20.22
CA ALA A 336 57.16 -5.71 19.32
C ALA A 336 55.73 -5.30 19.65
N LEU A 337 55.48 -4.53 20.72
CA LEU A 337 54.13 -4.05 21.02
C LEU A 337 53.88 -2.57 20.72
N LYS A 338 54.88 -1.90 20.11
CA LYS A 338 54.85 -0.47 19.84
C LYS A 338 53.80 0.00 18.85
N GLU A 339 53.39 -0.77 17.84
CA GLU A 339 52.29 -0.40 16.93
C GLU A 339 50.98 -0.67 17.65
N ILE A 340 50.98 -1.57 18.64
CA ILE A 340 49.69 -1.94 19.14
C ILE A 340 49.21 -0.97 20.19
N PHE A 341 50.01 -0.34 21.04
CA PHE A 341 49.47 0.76 21.81
C PHE A 341 50.48 1.82 22.14
N ARG A 342 49.90 2.99 22.36
CA ARG A 342 50.77 4.05 22.80
C ARG A 342 50.64 4.34 24.25
N THR A 343 51.71 3.67 24.67
CA THR A 343 52.28 3.53 25.99
C THR A 343 52.73 4.90 26.51
N ASP A 344 53.25 5.69 25.57
CA ASP A 344 53.73 7.01 25.86
C ASP A 344 52.63 8.05 26.05
N GLY A 345 53.01 8.85 27.03
CA GLY A 345 52.19 9.83 27.71
C GLY A 345 52.60 9.78 29.19
N GLU A 346 53.22 8.60 29.52
CA GLU A 346 53.86 8.08 30.73
C GLU A 346 53.30 8.32 32.14
N ASN A 347 52.05 7.89 32.13
CA ASN A 347 51.10 7.90 33.22
C ASN A 347 49.86 7.22 32.63
N VAL A 348 49.85 7.07 31.30
CA VAL A 348 48.74 6.55 30.53
C VAL A 348 49.17 5.56 29.45
N LEU A 349 48.34 4.54 29.29
CA LEU A 349 48.38 3.57 28.20
C LEU A 349 47.03 3.79 27.51
N GLN A 350 47.09 3.90 26.19
CA GLN A 350 45.87 4.12 25.44
C GLN A 350 45.87 3.49 24.09
N PHE A 351 44.65 3.51 23.53
CA PHE A 351 44.30 3.24 22.14
C PHE A 351 43.97 1.83 21.69
N PRO A 352 43.88 1.56 20.36
CA PRO A 352 43.29 2.37 19.27
C PRO A 352 41.80 2.61 19.23
N PRO A 353 41.26 3.66 18.57
CA PRO A 353 39.83 3.77 18.33
C PRO A 353 39.44 2.63 17.41
N PRO A 354 38.59 1.72 17.93
CA PRO A 354 37.98 0.66 17.15
C PRO A 354 37.10 1.38 16.16
N HIS A 355 37.07 0.89 14.92
CA HIS A 355 36.27 1.52 13.87
C HIS A 355 34.82 1.68 14.22
N VAL A 356 34.24 1.06 15.26
CA VAL A 356 32.87 1.40 15.69
C VAL A 356 32.75 2.85 16.28
N ALA A 357 33.63 3.83 15.91
CA ALA A 357 33.68 5.25 16.30
C ALA A 357 34.01 6.38 15.26
N LYS A 358 32.86 7.00 14.97
CA LYS A 358 32.35 8.08 14.12
C LYS A 358 31.05 8.34 14.91
N VAL A 359 30.37 7.26 15.30
CA VAL A 359 29.25 7.27 16.24
C VAL A 359 29.72 6.37 17.38
N SER A 360 29.72 6.93 18.61
CA SER A 360 30.09 6.18 19.81
C SER A 360 28.87 5.61 20.50
N LYS A 361 27.72 6.21 20.18
CA LYS A 361 26.41 5.82 20.71
C LYS A 361 25.94 4.61 19.92
N SER A 362 26.57 4.35 18.79
CA SER A 362 26.26 3.11 18.15
C SER A 362 27.49 2.42 17.58
N GLY A 363 26.97 1.26 17.99
CA GLY A 363 27.53 -0.06 17.96
C GLY A 363 26.84 -0.61 19.17
N VAL A 364 27.57 -0.18 20.23
CA VAL A 364 27.28 -0.45 21.65
C VAL A 364 25.82 -0.54 22.06
N MET A 365 24.91 0.07 21.22
CA MET A 365 23.49 0.33 21.44
C MET A 365 22.37 0.10 20.43
N THR A 366 22.39 0.62 19.19
CA THR A 366 21.21 0.51 18.33
C THR A 366 20.85 -0.93 17.95
N ASP A 367 19.53 -1.10 17.83
CA ASP A 367 18.95 -2.37 17.46
C ASP A 367 19.18 -2.77 16.01
N GLU A 368 19.33 -1.77 15.14
CA GLU A 368 19.48 -1.99 13.72
C GLU A 368 20.93 -2.29 13.38
N GLU A 369 21.87 -1.83 14.22
CA GLU A 369 23.26 -2.20 14.12
C GLU A 369 23.52 -3.57 14.76
N PHE A 370 22.88 -3.97 15.90
CA PHE A 370 22.96 -5.29 16.52
C PHE A 370 22.62 -6.37 15.50
N ALA A 371 21.57 -6.10 14.71
CA ALA A 371 21.09 -6.96 13.64
C ALA A 371 21.97 -6.80 12.42
N ARG A 372 22.45 -5.60 12.05
CA ARG A 372 23.28 -5.41 10.87
C ARG A 372 24.59 -6.18 10.90
N GLU A 373 25.15 -6.43 12.09
CA GLU A 373 26.41 -7.11 12.20
C GLU A 373 26.38 -8.63 12.07
N VAL A 374 25.19 -9.20 12.06
CA VAL A 374 24.95 -10.62 11.81
C VAL A 374 25.19 -10.95 10.31
N ILE A 375 25.04 -9.94 9.42
CA ILE A 375 25.21 -10.02 7.97
C ILE A 375 26.44 -9.24 7.46
N ALA A 376 27.01 -8.32 8.26
CA ALA A 376 28.15 -7.54 7.83
C ALA A 376 29.08 -7.30 8.97
N GLY A 377 28.87 -7.98 10.10
CA GLY A 377 29.77 -7.85 11.24
C GLY A 377 30.95 -8.81 11.22
N VAL A 378 31.43 -9.08 12.42
CA VAL A 378 32.58 -9.94 12.68
C VAL A 378 32.32 -11.42 12.37
N ASN A 379 31.06 -11.84 12.54
CA ASN A 379 30.64 -13.22 12.41
C ASN A 379 29.42 -13.28 11.51
N PRO A 380 29.57 -13.25 10.19
CA PRO A 380 28.52 -12.98 9.20
C PRO A 380 27.83 -14.19 8.55
N ASN A 381 28.35 -15.38 8.79
CA ASN A 381 27.90 -16.59 8.16
C ASN A 381 27.16 -17.53 9.05
N VAL A 382 26.79 -17.01 10.23
CA VAL A 382 25.92 -17.68 11.19
C VAL A 382 24.73 -16.70 11.16
N ILE A 383 23.65 -17.32 10.72
CA ILE A 383 22.31 -16.78 10.52
C ILE A 383 21.73 -17.67 9.45
N ARG A 384 20.59 -18.19 9.84
CA ARG A 384 19.78 -19.13 9.09
C ARG A 384 18.53 -18.39 8.70
N ARG A 385 17.71 -19.07 7.92
CA ARG A 385 16.37 -18.62 7.67
C ARG A 385 15.41 -19.61 8.33
N LEU A 386 14.34 -19.13 8.98
CA LEU A 386 13.33 -19.99 9.55
C LEU A 386 12.41 -20.55 8.48
N GLN A 387 11.96 -21.81 8.64
CA GLN A 387 10.97 -22.38 7.73
C GLN A 387 9.73 -22.94 8.40
N GLU A 388 9.80 -23.05 9.73
CA GLU A 388 8.75 -23.48 10.60
C GLU A 388 8.72 -22.52 11.80
N PHE A 389 7.62 -22.41 12.57
CA PHE A 389 7.60 -21.61 13.78
C PHE A 389 6.68 -22.21 14.84
N PRO A 390 7.12 -22.38 16.11
CA PRO A 390 8.43 -21.98 16.66
C PRO A 390 9.74 -22.63 16.17
N PRO A 391 10.92 -21.99 16.24
CA PRO A 391 12.22 -22.64 16.01
C PRO A 391 12.44 -23.98 16.71
N LYS A 392 13.15 -24.92 16.07
CA LYS A 392 13.46 -26.20 16.67
C LYS A 392 14.88 -26.41 17.20
N SER A 393 15.04 -27.64 17.64
CA SER A 393 16.26 -28.17 18.24
C SER A 393 16.50 -29.49 17.55
N THR A 394 17.78 -29.75 17.26
CA THR A 394 18.18 -31.04 16.75
C THR A 394 19.04 -31.76 17.76
N LEU A 395 18.89 -31.40 19.03
CA LEU A 395 19.81 -31.84 20.05
C LEU A 395 19.88 -33.29 20.55
N ASP A 396 18.73 -33.92 20.79
CA ASP A 396 18.52 -35.30 21.24
C ASP A 396 17.61 -35.17 22.44
N PRO A 397 16.33 -35.53 22.32
CA PRO A 397 15.35 -35.37 23.37
C PRO A 397 15.61 -36.20 24.61
N THR A 398 16.40 -37.29 24.45
CA THR A 398 16.74 -38.24 25.50
C THR A 398 17.81 -37.67 26.43
N LEU A 399 18.65 -36.80 25.85
CA LEU A 399 19.73 -36.17 26.56
C LEU A 399 19.52 -34.72 26.97
N TYR A 400 18.67 -33.95 26.31
CA TYR A 400 18.51 -32.54 26.59
C TYR A 400 17.08 -32.05 26.81
N GLY A 401 16.10 -32.95 26.73
CA GLY A 401 14.71 -32.60 26.87
C GLY A 401 14.16 -32.06 25.57
N ASP A 402 13.06 -31.29 25.65
CA ASP A 402 12.35 -30.76 24.50
C ASP A 402 13.08 -29.65 23.74
N GLN A 403 13.62 -28.64 24.41
CA GLN A 403 14.40 -27.59 23.76
C GLN A 403 13.79 -26.68 22.71
N THR A 404 12.56 -26.93 22.26
CA THR A 404 11.87 -26.10 21.28
C THR A 404 11.70 -24.67 21.79
N SER A 405 11.71 -23.69 20.88
CA SER A 405 11.62 -22.29 21.26
C SER A 405 10.27 -21.98 21.86
N THR A 406 10.33 -21.19 22.92
CA THR A 406 9.10 -20.84 23.59
C THR A 406 8.53 -19.53 23.05
N ILE A 407 9.20 -18.84 22.10
CA ILE A 407 8.73 -17.62 21.42
C ILE A 407 7.44 -17.90 20.67
N THR A 408 6.47 -17.01 20.79
CA THR A 408 5.13 -17.21 20.22
C THR A 408 4.87 -16.27 19.04
N LYS A 409 3.92 -16.65 18.15
CA LYS A 409 3.47 -15.86 16.99
C LYS A 409 3.31 -14.41 17.42
N GLU A 410 2.55 -14.30 18.53
CA GLU A 410 2.17 -13.08 19.21
C GLU A 410 3.32 -12.20 19.70
N GLN A 411 4.55 -12.69 19.86
CA GLN A 411 5.64 -11.83 20.33
C GLN A 411 6.36 -11.18 19.17
N LEU A 412 6.44 -12.00 18.13
CA LEU A 412 7.05 -11.62 16.89
C LEU A 412 6.22 -10.56 16.21
N GLU A 413 4.98 -10.93 15.92
CA GLU A 413 4.00 -10.13 15.20
C GLU A 413 3.75 -8.71 15.64
N ILE A 414 3.89 -8.42 16.94
CA ILE A 414 3.69 -7.06 17.45
C ILE A 414 4.76 -6.08 16.95
N ASN A 415 5.81 -6.62 16.30
CA ASN A 415 6.90 -5.83 15.73
C ASN A 415 7.16 -6.11 14.26
N MET A 416 6.38 -7.04 13.68
CA MET A 416 6.46 -7.41 12.28
C MET A 416 5.70 -6.49 11.32
N GLY A 417 5.15 -5.39 11.85
CA GLY A 417 4.48 -4.33 11.12
C GLY A 417 3.36 -4.79 10.23
N GLY A 418 2.40 -5.53 10.79
CA GLY A 418 1.23 -5.98 10.05
C GLY A 418 1.32 -7.38 9.49
N VAL A 419 2.57 -7.85 9.31
CA VAL A 419 2.88 -9.16 8.77
C VAL A 419 2.67 -10.23 9.81
N THR A 420 2.04 -11.30 9.34
CA THR A 420 1.81 -12.45 10.18
C THR A 420 3.05 -13.33 10.10
N VAL A 421 3.39 -14.21 11.06
CA VAL A 421 4.59 -15.02 10.93
C VAL A 421 4.53 -15.93 9.72
N GLU A 422 3.37 -16.49 9.34
CA GLU A 422 3.26 -17.34 8.16
C GLU A 422 3.46 -16.56 6.87
N GLU A 423 3.05 -15.29 6.83
CA GLU A 423 3.30 -14.43 5.68
C GLU A 423 4.81 -14.25 5.55
N ALA A 424 5.52 -13.92 6.63
CA ALA A 424 6.96 -13.72 6.60
C ALA A 424 7.72 -14.99 6.35
N LEU A 425 7.24 -16.14 6.84
CA LEU A 425 7.87 -17.45 6.60
C LEU A 425 7.90 -17.76 5.12
N SER A 426 6.75 -17.55 4.45
CA SER A 426 6.60 -17.82 3.03
C SER A 426 7.30 -16.78 2.16
N THR A 427 7.38 -15.50 2.57
CA THR A 427 8.08 -14.44 1.83
C THR A 427 9.57 -14.30 2.13
N GLN A 428 10.08 -15.23 2.96
CA GLN A 428 11.48 -15.39 3.33
C GLN A 428 12.07 -14.13 3.96
N ARG A 429 11.21 -13.61 4.83
CA ARG A 429 11.51 -12.44 5.64
C ARG A 429 11.82 -12.79 7.08
N LEU A 430 11.58 -14.00 7.57
CA LEU A 430 11.89 -14.35 8.94
C LEU A 430 13.12 -15.23 8.93
N PHE A 431 14.08 -14.79 9.76
CA PHE A 431 15.43 -15.31 9.93
C PHE A 431 15.78 -15.56 11.40
N ILE A 432 16.95 -16.20 11.70
CA ILE A 432 17.35 -16.49 13.09
C ILE A 432 18.85 -16.58 13.39
N LEU A 433 19.35 -16.29 14.62
CA LEU A 433 20.73 -16.56 15.02
C LEU A 433 20.51 -17.54 16.22
N ASP A 434 20.76 -18.85 15.97
CA ASP A 434 20.41 -19.95 16.85
C ASP A 434 21.58 -20.71 17.40
N TYR A 435 21.80 -20.30 18.65
CA TYR A 435 22.87 -20.79 19.47
C TYR A 435 22.41 -21.77 20.54
N GLN A 436 21.18 -22.27 20.43
CA GLN A 436 20.65 -23.24 21.36
C GLN A 436 21.48 -24.53 21.43
N ASP A 437 21.54 -25.25 20.30
CA ASP A 437 22.17 -26.55 20.19
C ASP A 437 23.68 -26.57 20.33
N ALA A 438 24.35 -25.45 20.03
CA ALA A 438 25.79 -25.24 20.26
C ALA A 438 26.12 -25.04 21.75
N PHE A 439 25.30 -24.27 22.49
CA PHE A 439 25.55 -23.92 23.86
C PHE A 439 24.90 -24.83 24.82
N ILE A 440 23.63 -25.22 24.68
CA ILE A 440 23.01 -26.04 25.70
C ILE A 440 23.81 -27.27 26.16
N PRO A 441 24.47 -28.12 25.32
CA PRO A 441 25.42 -29.16 25.75
C PRO A 441 26.58 -28.85 26.70
N TYR A 442 27.04 -27.61 26.61
CA TYR A 442 28.10 -27.07 27.43
C TYR A 442 27.68 -26.09 28.49
N LEU A 443 26.39 -25.81 28.69
CA LEU A 443 26.04 -24.79 29.63
C LEU A 443 25.95 -25.18 31.11
N THR A 444 25.88 -26.47 31.45
CA THR A 444 25.87 -26.92 32.83
C THR A 444 27.27 -26.72 33.30
N ARG A 445 28.19 -27.29 32.51
CA ARG A 445 29.60 -27.13 32.73
C ARG A 445 30.05 -25.69 32.69
N ILE A 446 29.69 -24.86 31.71
CA ILE A 446 30.07 -23.43 31.69
C ILE A 446 29.47 -22.76 32.91
N ASN A 447 28.19 -22.99 33.26
CA ASN A 447 27.67 -22.21 34.39
C ASN A 447 28.10 -22.52 35.77
N SER A 448 28.80 -23.63 35.90
CA SER A 448 29.33 -24.04 37.18
C SER A 448 30.80 -23.60 37.29
N LEU A 449 31.35 -22.94 36.27
CA LEU A 449 32.67 -22.32 36.36
C LEU A 449 32.46 -21.15 37.34
N PRO A 450 33.47 -20.59 38.02
CA PRO A 450 33.26 -19.77 39.21
C PRO A 450 32.62 -18.40 38.95
N THR A 451 33.06 -17.70 37.90
CA THR A 451 32.62 -16.35 37.56
C THR A 451 31.77 -16.30 36.27
N ALA A 452 30.93 -17.31 36.02
CA ALA A 452 30.13 -17.33 34.81
C ALA A 452 28.71 -17.70 35.11
N LYS A 453 27.82 -17.08 34.34
CA LYS A 453 26.38 -17.28 34.44
C LYS A 453 25.83 -16.77 33.12
N ALA A 454 25.87 -17.63 32.10
CA ALA A 454 25.45 -17.34 30.73
C ALA A 454 24.15 -17.99 30.29
N TYR A 455 23.67 -17.69 29.07
CA TYR A 455 22.53 -18.38 28.46
C TYR A 455 22.88 -18.97 27.08
N ALA A 456 21.98 -19.80 26.57
CA ALA A 456 22.06 -20.37 25.22
C ALA A 456 21.02 -19.57 24.46
N THR A 457 21.42 -18.67 23.56
CA THR A 457 20.44 -17.78 22.97
C THR A 457 19.86 -18.03 21.59
N ARG A 458 18.69 -17.46 21.36
CA ARG A 458 17.99 -17.50 20.10
C ARG A 458 17.40 -16.12 19.83
N THR A 459 17.81 -15.54 18.69
CA THR A 459 17.44 -14.20 18.27
C THR A 459 16.70 -14.23 16.94
N ILE A 460 15.40 -13.89 16.89
CA ILE A 460 14.63 -13.81 15.63
C ILE A 460 14.95 -12.48 14.96
N LEU A 461 15.18 -12.43 13.64
CA LEU A 461 15.45 -11.20 12.91
C LEU A 461 14.46 -11.13 11.75
N PHE A 462 14.00 -9.93 11.42
CA PHE A 462 13.02 -9.72 10.37
C PHE A 462 13.61 -8.82 9.27
N LEU A 463 13.24 -9.11 8.03
CA LEU A 463 13.72 -8.35 6.91
C LEU A 463 12.63 -7.35 6.62
N LYS A 464 12.94 -6.07 6.79
CA LYS A 464 12.02 -4.98 6.59
C LYS A 464 12.01 -4.57 5.15
N ASP A 465 11.04 -3.73 4.79
CA ASP A 465 10.89 -3.22 3.44
C ASP A 465 12.09 -2.38 3.01
N ASP A 466 12.76 -1.59 3.85
CA ASP A 466 13.94 -0.92 3.36
C ASP A 466 15.15 -1.86 3.17
N GLY A 467 15.00 -3.17 3.45
CA GLY A 467 16.04 -4.20 3.27
C GLY A 467 17.00 -4.38 4.44
N THR A 468 16.48 -3.98 5.59
CA THR A 468 17.20 -3.96 6.82
C THR A 468 16.69 -5.06 7.74
N LEU A 469 17.55 -5.50 8.65
CA LEU A 469 17.13 -6.48 9.63
C LEU A 469 16.74 -5.78 10.93
N LYS A 470 15.72 -6.38 11.52
CA LYS A 470 15.06 -5.92 12.73
C LYS A 470 15.02 -7.06 13.76
N PRO A 471 15.60 -6.97 14.96
CA PRO A 471 15.45 -7.99 15.99
C PRO A 471 14.03 -7.99 16.51
N LEU A 472 13.32 -9.13 16.61
CA LEU A 472 11.94 -9.13 17.08
C LEU A 472 11.77 -9.67 18.49
N ALA A 473 12.73 -10.51 18.88
CA ALA A 473 12.71 -11.22 20.16
C ALA A 473 14.01 -12.00 20.37
N ILE A 474 14.47 -12.03 21.63
CA ILE A 474 15.65 -12.77 22.06
C ILE A 474 15.28 -13.68 23.21
N GLU A 475 15.38 -14.98 22.95
CA GLU A 475 15.17 -16.04 23.92
C GLU A 475 16.48 -16.50 24.54
N LEU A 476 16.41 -16.78 25.86
CA LEU A 476 17.54 -17.12 26.69
C LEU A 476 17.29 -18.36 27.54
N SER A 477 18.06 -19.44 27.32
CA SER A 477 17.94 -20.71 28.02
C SER A 477 19.17 -21.16 28.79
N LYS A 478 18.85 -22.03 29.72
CA LYS A 478 19.80 -22.72 30.55
C LYS A 478 19.14 -23.99 31.03
N PRO A 479 19.89 -25.10 31.11
CA PRO A 479 19.48 -26.30 31.80
C PRO A 479 19.43 -26.01 33.28
N HIS A 480 18.40 -26.52 33.97
CA HIS A 480 18.36 -26.29 35.39
C HIS A 480 17.81 -27.51 36.12
N PRO A 481 18.49 -27.87 37.25
CA PRO A 481 19.20 -29.15 37.48
C PRO A 481 18.68 -30.59 37.67
N ASP A 482 19.23 -31.14 36.58
CA ASP A 482 19.26 -32.48 36.03
C ASP A 482 19.67 -32.10 34.58
N GLY A 483 18.88 -31.75 33.56
CA GLY A 483 19.53 -31.27 32.33
C GLY A 483 19.22 -32.00 31.05
N ASP A 484 18.19 -32.84 31.15
CA ASP A 484 17.57 -33.71 30.18
C ASP A 484 16.05 -33.67 30.32
N ASN A 485 15.58 -32.72 31.13
CA ASN A 485 14.18 -32.46 31.39
C ASN A 485 13.88 -31.01 31.10
N LEU A 486 12.90 -30.37 31.78
CA LEU A 486 12.64 -28.95 31.57
C LEU A 486 13.48 -28.07 32.50
N GLY A 487 14.57 -28.18 31.74
CA GLY A 487 15.93 -27.69 31.79
C GLY A 487 16.29 -27.92 30.32
N PRO A 488 15.62 -27.19 29.38
CA PRO A 488 15.61 -25.73 29.30
C PRO A 488 14.72 -24.95 30.27
N GLU A 489 15.33 -23.89 30.75
CA GLU A 489 14.61 -22.94 31.56
C GLU A 489 14.70 -21.74 30.66
N SER A 490 13.58 -21.46 29.98
CA SER A 490 13.60 -20.39 29.02
C SER A 490 12.82 -19.09 29.33
N ILE A 491 13.42 -17.93 28.97
CA ILE A 491 12.69 -16.66 28.99
C ILE A 491 12.73 -15.96 27.63
N VAL A 492 11.73 -15.12 27.32
CA VAL A 492 11.74 -14.36 26.09
C VAL A 492 11.77 -12.88 26.42
N VAL A 493 12.74 -12.17 25.83
CA VAL A 493 12.86 -10.73 26.01
C VAL A 493 12.60 -10.00 24.69
N LEU A 494 11.66 -9.06 24.71
CA LEU A 494 11.16 -8.28 23.57
C LEU A 494 11.74 -6.88 23.43
N PRO A 495 11.87 -6.28 22.21
CA PRO A 495 12.39 -4.93 21.98
C PRO A 495 11.70 -3.83 22.77
N ALA A 496 12.51 -2.90 23.26
CA ALA A 496 12.03 -1.74 24.00
C ALA A 496 12.99 -0.57 23.94
N THR A 497 12.39 0.63 23.87
CA THR A 497 13.11 1.90 23.75
C THR A 497 13.14 2.71 25.05
N GLU A 498 12.00 2.57 25.74
CA GLU A 498 11.65 3.30 26.96
C GLU A 498 11.56 2.48 28.25
N GLY A 499 12.37 2.87 29.26
CA GLY A 499 12.26 2.35 30.61
C GLY A 499 13.29 1.31 30.98
N VAL A 500 12.81 0.42 31.85
CA VAL A 500 13.58 -0.71 32.35
C VAL A 500 13.63 -1.83 31.33
N ASP A 501 12.52 -2.01 30.61
CA ASP A 501 12.46 -2.98 29.54
C ASP A 501 13.49 -2.79 28.42
N SER A 502 14.04 -1.60 28.21
CA SER A 502 15.09 -1.38 27.24
C SER A 502 16.45 -1.79 27.78
N THR A 503 16.54 -1.88 29.10
CA THR A 503 17.76 -2.28 29.79
C THR A 503 17.82 -3.81 29.85
N ILE A 504 16.65 -4.45 29.99
CA ILE A 504 16.58 -5.88 29.95
C ILE A 504 16.77 -6.26 28.48
N TRP A 505 16.39 -5.46 27.44
CA TRP A 505 16.73 -5.86 26.10
C TRP A 505 18.20 -5.74 25.85
N LEU A 506 18.79 -4.65 26.34
CA LEU A 506 20.19 -4.44 26.14
C LEU A 506 21.01 -5.54 26.82
N LEU A 507 20.58 -6.04 27.98
CA LEU A 507 21.25 -7.15 28.62
C LEU A 507 20.95 -8.49 27.93
N ALA A 508 19.89 -8.64 27.11
CA ALA A 508 19.52 -9.84 26.36
C ALA A 508 20.39 -9.91 25.11
N LYS A 509 20.47 -8.78 24.39
CA LYS A 509 21.37 -8.59 23.26
C LYS A 509 22.80 -8.84 23.74
N ALA A 510 23.16 -8.39 24.94
CA ALA A 510 24.49 -8.65 25.49
C ALA A 510 24.76 -10.14 25.67
N HIS A 511 23.78 -10.95 26.12
CA HIS A 511 24.01 -12.37 26.30
C HIS A 511 24.14 -13.05 24.96
N VAL A 512 23.28 -12.74 23.98
CA VAL A 512 23.37 -13.16 22.59
C VAL A 512 24.75 -12.96 22.01
N ILE A 513 25.37 -11.79 22.18
CA ILE A 513 26.72 -11.50 21.67
C ILE A 513 27.88 -12.13 22.46
N VAL A 514 27.63 -12.71 23.64
CA VAL A 514 28.66 -13.45 24.38
C VAL A 514 28.77 -14.87 23.74
N ASN A 515 27.62 -15.53 23.50
CA ASN A 515 27.50 -16.74 22.70
C ASN A 515 28.19 -16.56 21.37
N ASP A 516 27.81 -15.51 20.61
CA ASP A 516 28.35 -15.12 19.29
C ASP A 516 29.84 -14.87 19.25
N SER A 517 30.41 -14.14 20.19
CA SER A 517 31.84 -13.96 20.34
C SER A 517 32.56 -15.26 20.66
N GLY A 518 31.91 -16.11 21.47
CA GLY A 518 32.44 -17.41 21.86
C GLY A 518 32.56 -18.28 20.62
N TYR A 519 31.44 -18.41 19.94
CA TYR A 519 31.31 -19.14 18.69
C TYR A 519 32.20 -18.64 17.60
N HIS A 520 32.28 -17.33 17.41
CA HIS A 520 33.11 -16.78 16.36
C HIS A 520 34.56 -17.14 16.58
N GLN A 521 35.10 -16.93 17.77
CA GLN A 521 36.49 -17.20 18.04
C GLN A 521 36.84 -18.67 17.83
N LEU A 522 36.14 -19.54 18.54
CA LEU A 522 36.36 -20.96 18.54
C LEU A 522 35.92 -21.65 17.25
N VAL A 523 34.81 -21.26 16.62
CA VAL A 523 34.28 -21.95 15.45
C VAL A 523 34.38 -21.21 14.14
N SER A 524 33.82 -20.00 14.01
CA SER A 524 33.92 -19.28 12.75
C SER A 524 35.34 -18.96 12.38
N HIS A 525 36.19 -18.63 13.37
CA HIS A 525 37.61 -18.33 13.17
C HIS A 525 38.58 -19.47 13.46
N TRP A 526 38.85 -19.87 14.72
CA TRP A 526 39.83 -20.91 14.99
C TRP A 526 39.57 -22.20 14.21
N LEU A 527 38.42 -22.86 14.33
CA LEU A 527 38.21 -24.12 13.65
C LEU A 527 38.02 -23.97 12.14
N ASN A 528 37.07 -23.15 11.64
CA ASN A 528 36.78 -23.22 10.23
C ASN A 528 37.81 -22.62 9.32
N THR A 529 38.87 -22.05 9.88
CA THR A 529 39.97 -21.57 9.08
C THR A 529 41.29 -22.13 9.60
N HIS A 530 41.76 -21.79 10.79
CA HIS A 530 43.07 -22.19 11.27
C HIS A 530 43.30 -23.67 11.47
N ALA A 531 42.47 -24.30 12.28
CA ALA A 531 42.64 -25.69 12.59
C ALA A 531 42.36 -26.64 11.42
N VAL A 532 41.33 -26.35 10.62
CA VAL A 532 40.93 -27.17 9.49
C VAL A 532 41.86 -27.14 8.29
N MET A 533 42.69 -26.10 8.15
CA MET A 533 43.64 -25.93 7.06
C MET A 533 44.99 -26.61 7.20
N GLU A 534 45.52 -26.57 8.42
CA GLU A 534 46.80 -27.16 8.70
C GLU A 534 46.90 -28.65 8.30
N PRO A 535 45.87 -29.51 8.29
CA PRO A 535 45.79 -30.78 7.56
C PRO A 535 46.16 -30.83 6.11
N PHE A 536 45.61 -29.90 5.30
CA PHE A 536 45.93 -29.81 3.89
C PHE A 536 47.32 -29.23 3.74
N ALA A 537 47.77 -28.35 4.64
CA ALA A 537 49.07 -27.72 4.53
C ALA A 537 50.15 -28.76 4.71
N ILE A 538 49.95 -29.70 5.65
CA ILE A 538 50.89 -30.80 5.96
C ILE A 538 50.80 -31.76 4.80
N ALA A 539 49.62 -32.09 4.26
CA ALA A 539 49.41 -33.06 3.17
C ALA A 539 50.09 -32.67 1.85
N THR A 540 50.06 -31.37 1.52
CA THR A 540 50.68 -30.76 0.35
C THR A 540 52.17 -30.82 0.35
N ASN A 541 52.77 -30.68 1.53
CA ASN A 541 54.20 -30.72 1.68
C ASN A 541 54.73 -32.13 1.72
N ARG A 542 53.92 -33.10 2.10
CA ARG A 542 54.37 -34.49 2.18
C ARG A 542 54.16 -35.28 0.89
N HIS A 543 53.18 -34.87 0.10
CA HIS A 543 52.78 -35.59 -1.11
C HIS A 543 52.77 -34.92 -2.46
N LEU A 544 53.02 -33.62 -2.59
CA LEU A 544 53.01 -32.92 -3.87
C LEU A 544 54.35 -32.25 -4.05
N SER A 545 55.21 -32.60 -5.03
CA SER A 545 56.55 -32.02 -5.12
C SER A 545 56.48 -30.58 -5.49
N VAL A 546 57.58 -29.91 -5.18
CA VAL A 546 57.91 -28.53 -5.48
C VAL A 546 57.58 -28.28 -6.96
N LEU A 547 57.88 -29.31 -7.76
CA LEU A 547 57.55 -29.47 -9.18
C LEU A 547 56.06 -29.60 -9.54
N HIS A 548 55.14 -29.94 -8.63
CA HIS A 548 53.75 -30.24 -8.90
C HIS A 548 52.81 -29.09 -9.20
N PRO A 549 51.99 -29.10 -10.26
CA PRO A 549 51.01 -28.09 -10.62
C PRO A 549 50.16 -27.54 -9.51
N ILE A 550 49.60 -28.45 -8.73
CA ILE A 550 48.69 -28.14 -7.64
C ILE A 550 49.45 -27.85 -6.33
N TYR A 551 50.78 -27.87 -6.28
CA TYR A 551 51.57 -27.44 -5.13
C TYR A 551 51.73 -25.93 -5.34
N LYS A 552 52.10 -25.53 -6.57
CA LYS A 552 52.29 -24.14 -6.93
C LYS A 552 51.05 -23.31 -6.74
N LEU A 553 49.91 -23.89 -7.02
CA LEU A 553 48.63 -23.21 -6.92
C LEU A 553 48.35 -22.85 -5.47
N LEU A 554 48.42 -23.91 -4.65
CA LEU A 554 47.98 -23.85 -3.28
C LEU A 554 48.98 -23.33 -2.27
N TYR A 555 50.28 -23.61 -2.36
CA TYR A 555 51.23 -23.13 -1.37
C TYR A 555 51.15 -21.68 -0.93
N PRO A 556 50.72 -20.64 -1.69
CA PRO A 556 50.63 -19.29 -1.15
C PRO A 556 49.62 -19.15 0.00
N HIS A 557 48.59 -20.00 -0.07
CA HIS A 557 47.47 -20.03 0.81
C HIS A 557 47.80 -20.68 2.16
N TYR A 558 48.97 -21.31 2.22
CA TYR A 558 49.52 -21.96 3.39
C TYR A 558 50.53 -21.12 4.15
N ARG A 559 50.84 -19.86 3.76
CA ARG A 559 51.88 -19.07 4.39
C ARG A 559 51.56 -18.42 5.73
N ASP A 560 52.39 -18.98 6.65
CA ASP A 560 52.51 -18.76 8.09
C ASP A 560 51.35 -19.33 8.91
N THR A 561 50.59 -20.30 8.37
CA THR A 561 49.49 -20.94 9.06
C THR A 561 49.96 -21.96 10.06
N ILE A 562 50.96 -22.77 9.69
CA ILE A 562 51.48 -23.75 10.61
C ILE A 562 52.18 -22.92 11.67
N ASN A 563 52.75 -21.75 11.32
CA ASN A 563 53.37 -20.89 12.31
C ASN A 563 52.41 -20.16 13.24
N ILE A 564 51.25 -19.57 12.90
CA ILE A 564 50.49 -18.96 13.95
C ILE A 564 49.81 -20.03 14.70
N ASN A 565 49.38 -21.12 14.05
CA ASN A 565 48.81 -22.24 14.77
C ASN A 565 49.73 -22.74 15.86
N GLY A 566 51.01 -22.92 15.60
CA GLY A 566 51.98 -23.32 16.61
C GLY A 566 52.01 -22.44 17.83
N LEU A 567 52.16 -21.11 17.66
CA LEU A 567 52.14 -20.12 18.73
C LEU A 567 50.80 -20.20 19.41
N ALA A 568 49.69 -20.18 18.69
CA ALA A 568 48.38 -20.37 19.26
C ALA A 568 48.32 -21.61 20.12
N ARG A 569 48.80 -22.80 19.69
CA ARG A 569 48.78 -23.99 20.54
C ARG A 569 49.62 -23.78 21.81
N GLN A 570 50.68 -22.95 21.73
CA GLN A 570 51.57 -22.61 22.83
C GLN A 570 51.14 -21.50 23.78
N SER A 571 50.62 -20.36 23.28
CA SER A 571 50.27 -19.17 24.06
C SER A 571 48.82 -18.68 24.03
N LEU A 572 47.98 -18.96 23.02
CA LEU A 572 46.54 -18.59 22.99
C LEU A 572 45.48 -19.65 23.35
N ILE A 573 45.57 -20.87 22.73
CA ILE A 573 44.66 -22.05 22.74
C ILE A 573 44.92 -23.05 23.89
N ASN A 574 45.99 -22.82 24.68
CA ASN A 574 46.45 -23.65 25.81
C ASN A 574 45.72 -23.54 27.15
N ALA A 575 46.04 -24.32 28.20
CA ALA A 575 45.42 -24.19 29.52
C ALA A 575 45.85 -22.91 30.25
N ASP A 576 44.85 -22.14 30.71
CA ASP A 576 44.92 -20.83 31.39
C ASP A 576 45.70 -19.79 30.59
N GLY A 577 45.34 -19.77 29.29
CA GLY A 577 45.87 -18.88 28.28
C GLY A 577 44.86 -17.82 27.93
N ILE A 578 45.17 -17.09 26.87
CA ILE A 578 44.37 -15.97 26.43
C ILE A 578 42.99 -16.31 25.97
N ILE A 579 42.65 -17.25 25.09
CA ILE A 579 41.24 -17.53 24.74
C ILE A 579 40.38 -18.08 25.87
N GLU A 580 40.91 -18.83 26.84
CA GLU A 580 40.18 -19.36 27.98
C GLU A 580 39.86 -18.37 29.08
N LYS A 581 40.82 -17.45 29.27
CA LYS A 581 40.68 -16.33 30.17
C LYS A 581 39.66 -15.36 29.61
N SER A 582 39.70 -15.00 28.31
CA SER A 582 38.79 -14.02 27.74
C SER A 582 37.45 -14.51 27.29
N PHE A 583 37.19 -15.79 26.95
CA PHE A 583 35.88 -16.16 26.39
C PHE A 583 35.05 -16.95 27.34
N LEU A 584 33.73 -16.95 27.14
CA LEU A 584 32.80 -17.59 28.06
C LEU A 584 33.10 -19.03 28.42
N PRO A 585 33.25 -20.03 27.49
CA PRO A 585 33.36 -21.44 27.85
C PRO A 585 34.56 -21.68 28.75
N GLY A 586 35.56 -20.82 28.74
CA GLY A 586 36.70 -20.95 29.61
C GLY A 586 37.49 -22.19 29.30
N LYS A 587 37.61 -23.10 30.25
CA LYS A 587 38.44 -24.26 29.97
C LYS A 587 37.90 -25.25 28.95
N TYR A 588 36.65 -25.02 28.58
CA TYR A 588 35.89 -25.87 27.70
C TYR A 588 35.85 -25.34 26.29
N SER A 589 36.71 -24.37 25.99
CA SER A 589 36.62 -23.65 24.74
C SER A 589 36.96 -24.51 23.55
N ILE A 590 38.23 -24.92 23.50
CA ILE A 590 38.76 -25.71 22.42
C ILE A 590 38.02 -27.04 22.34
N GLU A 591 37.54 -27.59 23.47
CA GLU A 591 36.70 -28.79 23.46
C GLU A 591 35.37 -28.49 22.81
N MET A 592 34.84 -27.28 22.98
CA MET A 592 33.63 -26.91 22.29
C MET A 592 33.80 -26.96 20.77
N SER A 593 34.95 -26.51 20.22
CA SER A 593 35.17 -26.55 18.80
C SER A 593 35.31 -27.99 18.33
N SER A 594 35.56 -28.94 19.22
CA SER A 594 35.55 -30.33 18.81
C SER A 594 34.14 -30.85 18.62
N SER A 595 33.20 -30.54 19.51
CA SER A 595 31.80 -30.95 19.40
C SER A 595 31.17 -30.37 18.16
N VAL A 596 31.63 -29.17 17.82
CA VAL A 596 31.14 -28.47 16.68
C VAL A 596 31.82 -28.99 15.44
N TYR A 597 33.07 -29.48 15.53
CA TYR A 597 33.80 -30.09 14.45
C TYR A 597 33.13 -31.36 13.90
N LYS A 598 32.35 -32.07 14.70
CA LYS A 598 31.61 -33.26 14.28
C LYS A 598 30.70 -32.97 13.07
N ASN A 599 30.20 -31.74 13.08
CA ASN A 599 29.33 -31.16 12.08
C ASN A 599 29.97 -30.40 10.92
N TRP A 600 31.30 -30.23 10.89
CA TRP A 600 32.00 -29.58 9.80
C TRP A 600 31.98 -30.45 8.55
N VAL A 601 31.57 -29.80 7.43
CA VAL A 601 31.46 -30.43 6.11
C VAL A 601 32.28 -29.60 5.16
N PHE A 602 33.33 -30.27 4.65
CA PHE A 602 34.28 -29.69 3.71
C PHE A 602 33.52 -29.00 2.58
N THR A 603 32.60 -29.70 1.89
CA THR A 603 31.88 -29.18 0.74
C THR A 603 30.94 -28.03 1.01
N HIS A 604 30.57 -27.85 2.29
CA HIS A 604 29.79 -26.72 2.81
C HIS A 604 30.51 -25.46 3.22
N GLN A 605 31.83 -25.53 3.13
CA GLN A 605 32.72 -24.43 3.36
C GLN A 605 32.74 -23.54 2.11
N ALA A 606 32.30 -24.04 0.96
CA ALA A 606 32.17 -23.33 -0.30
C ALA A 606 31.07 -22.31 -0.11
N LEU A 607 31.27 -21.02 -0.34
CA LEU A 607 30.28 -20.03 -0.03
C LEU A 607 28.92 -20.21 -0.66
N PRO A 608 28.68 -20.59 -1.93
CA PRO A 608 27.34 -20.84 -2.47
C PRO A 608 26.67 -22.00 -1.75
N ALA A 609 27.44 -23.03 -1.40
CA ALA A 609 26.92 -24.17 -0.67
C ALA A 609 26.58 -23.85 0.77
N ASP A 610 27.39 -23.01 1.42
CA ASP A 610 27.18 -22.46 2.74
C ASP A 610 25.91 -21.68 2.63
N LEU A 611 25.86 -20.70 1.72
CA LEU A 611 24.72 -19.84 1.63
C LEU A 611 23.44 -20.59 1.36
N VAL A 612 23.43 -21.50 0.39
CA VAL A 612 22.26 -22.32 0.08
C VAL A 612 21.78 -23.18 1.23
N LYS A 613 22.68 -23.80 2.03
CA LYS A 613 22.35 -24.64 3.19
C LYS A 613 21.75 -23.88 4.37
N ARG A 614 22.07 -22.60 4.58
CA ARG A 614 21.52 -21.75 5.63
C ARG A 614 20.24 -21.02 5.26
N GLY A 615 19.73 -21.18 4.04
CA GLY A 615 18.50 -20.56 3.60
C GLY A 615 18.75 -19.18 3.03
N LEU A 616 20.00 -18.66 3.00
CA LEU A 616 20.24 -17.30 2.55
C LEU A 616 20.47 -17.14 1.05
N ALA A 617 20.37 -18.24 0.33
CA ALA A 617 20.51 -18.25 -1.10
C ALA A 617 19.58 -19.32 -1.62
N ILE A 618 18.94 -19.06 -2.74
CA ILE A 618 18.09 -20.06 -3.38
C ILE A 618 18.79 -20.37 -4.67
N GLU A 619 18.92 -21.65 -5.01
CA GLU A 619 19.64 -22.02 -6.22
C GLU A 619 18.91 -21.52 -7.50
N ASP A 620 19.42 -20.53 -8.27
CA ASP A 620 18.66 -20.00 -9.40
C ASP A 620 19.46 -19.82 -10.68
N PRO A 621 19.04 -20.40 -11.83
CA PRO A 621 19.69 -20.33 -13.13
C PRO A 621 19.59 -19.00 -13.89
N SER A 622 18.46 -18.32 -13.80
CA SER A 622 18.34 -17.01 -14.40
C SER A 622 19.20 -15.99 -13.65
N ALA A 623 19.51 -16.26 -12.37
CA ALA A 623 20.24 -15.37 -11.46
C ALA A 623 21.77 -15.33 -11.41
N PRO A 624 22.34 -14.17 -11.04
CA PRO A 624 23.72 -13.92 -10.67
C PRO A 624 24.70 -15.05 -10.46
N HIS A 625 25.12 -15.38 -9.23
CA HIS A 625 26.13 -16.41 -9.04
C HIS A 625 25.51 -17.81 -8.99
N GLY A 626 24.40 -17.90 -9.76
CA GLY A 626 23.53 -19.05 -9.93
C GLY A 626 22.63 -19.25 -8.72
N LEU A 627 22.45 -18.15 -7.98
CA LEU A 627 21.75 -18.11 -6.72
C LEU A 627 21.05 -16.79 -6.63
N ARG A 628 19.85 -16.88 -6.03
CA ARG A 628 19.08 -15.70 -5.67
C ARG A 628 19.14 -15.53 -4.15
N LEU A 629 19.76 -14.41 -3.73
CA LEU A 629 19.90 -14.00 -2.34
C LEU A 629 18.60 -13.49 -1.73
N VAL A 630 18.27 -14.12 -0.59
CA VAL A 630 17.06 -13.89 0.19
C VAL A 630 17.07 -12.57 0.94
N ILE A 631 18.27 -12.20 1.39
CA ILE A 631 18.56 -10.90 1.94
C ILE A 631 19.50 -10.40 0.86
N GLU A 632 19.07 -9.51 -0.05
CA GLU A 632 19.89 -8.99 -1.13
C GLU A 632 20.97 -8.05 -0.64
N ASP A 633 20.78 -7.23 0.40
CA ASP A 633 21.89 -6.44 0.95
C ASP A 633 22.41 -7.23 2.14
N TYR A 634 23.17 -8.27 1.78
CA TYR A 634 23.81 -9.13 2.73
C TYR A 634 25.21 -8.89 2.27
N PRO A 635 25.91 -7.86 2.76
CA PRO A 635 27.22 -7.46 2.32
C PRO A 635 28.25 -8.57 2.23
N TYR A 636 28.38 -9.47 3.20
CA TYR A 636 29.34 -10.58 3.18
C TYR A 636 29.10 -11.50 2.00
N ALA A 637 27.83 -11.86 1.77
CA ALA A 637 27.53 -12.78 0.68
C ALA A 637 27.81 -12.12 -0.64
N VAL A 638 27.74 -10.78 -0.74
CA VAL A 638 28.10 -10.11 -1.96
C VAL A 638 29.63 -9.93 -2.05
N ASP A 639 30.48 -9.74 -1.00
CA ASP A 639 31.98 -9.87 -0.95
C ASP A 639 32.21 -11.16 -1.68
N GLY A 640 31.71 -12.10 -0.87
CA GLY A 640 31.81 -13.51 -1.02
C GLY A 640 31.70 -14.00 -2.42
N LEU A 641 30.52 -13.79 -2.97
CA LEU A 641 30.27 -14.39 -4.24
C LEU A 641 31.18 -13.89 -5.35
N GLU A 642 31.61 -12.63 -5.37
CA GLU A 642 32.48 -12.16 -6.43
C GLU A 642 33.91 -12.65 -6.26
N ILE A 643 34.42 -12.74 -5.03
CA ILE A 643 35.72 -13.31 -4.66
C ILE A 643 35.57 -14.82 -4.79
N TRP A 644 34.41 -15.45 -4.64
CA TRP A 644 34.27 -16.90 -4.82
C TRP A 644 34.42 -17.27 -6.32
N ASP A 645 33.58 -16.72 -7.22
CA ASP A 645 33.66 -16.91 -8.65
C ASP A 645 35.01 -16.56 -9.23
N ALA A 646 35.65 -15.49 -8.74
CA ALA A 646 36.97 -15.11 -9.18
C ALA A 646 37.96 -16.17 -8.80
N ILE A 647 37.93 -16.70 -7.56
CA ILE A 647 38.84 -17.80 -7.17
C ILE A 647 38.59 -19.04 -8.05
N LYS A 648 37.33 -19.42 -8.21
CA LYS A 648 36.91 -20.57 -8.99
C LYS A 648 37.20 -20.46 -10.48
N THR A 649 37.13 -19.25 -11.06
CA THR A 649 37.45 -19.11 -12.45
C THR A 649 38.94 -19.32 -12.50
N TRP A 650 39.76 -18.69 -11.67
CA TRP A 650 41.19 -18.99 -11.68
C TRP A 650 41.60 -20.44 -11.47
N VAL A 651 40.97 -21.17 -10.55
CA VAL A 651 41.38 -22.53 -10.33
C VAL A 651 40.90 -23.34 -11.52
N HIS A 652 39.71 -23.12 -12.04
CA HIS A 652 39.24 -23.84 -13.22
C HIS A 652 40.19 -23.66 -14.38
N GLU A 653 40.75 -22.46 -14.63
CA GLU A 653 41.67 -22.24 -15.74
C GLU A 653 43.06 -22.74 -15.51
N TYR A 654 43.55 -22.67 -14.29
CA TYR A 654 44.83 -23.24 -13.94
C TYR A 654 44.75 -24.76 -14.03
N VAL A 655 43.80 -25.44 -13.41
CA VAL A 655 43.66 -26.89 -13.46
C VAL A 655 43.54 -27.30 -14.92
N SER A 656 42.70 -26.60 -15.68
CA SER A 656 42.48 -26.91 -17.10
C SER A 656 43.72 -26.82 -17.99
N LEU A 657 44.77 -26.11 -17.53
CA LEU A 657 46.01 -26.07 -18.28
C LEU A 657 46.78 -27.40 -18.20
N TYR A 658 46.62 -28.13 -17.07
CA TYR A 658 47.47 -29.27 -16.71
C TYR A 658 46.78 -30.60 -16.68
N TYR A 659 45.46 -30.61 -16.57
CA TYR A 659 44.72 -31.85 -16.52
C TYR A 659 43.70 -31.65 -17.61
N PRO A 660 43.98 -32.27 -18.76
CA PRO A 660 43.17 -32.22 -19.97
C PRO A 660 41.92 -33.07 -19.90
N THR A 661 41.89 -33.98 -18.93
CA THR A 661 40.91 -35.06 -18.81
C THR A 661 40.82 -35.56 -17.38
N ASP A 662 39.68 -36.08 -17.00
CA ASP A 662 39.44 -36.68 -15.69
C ASP A 662 40.39 -37.80 -15.43
N ALA A 663 40.93 -38.34 -16.52
CA ALA A 663 41.94 -39.41 -16.58
C ALA A 663 43.29 -38.89 -16.17
N ALA A 664 43.57 -37.60 -16.44
CA ALA A 664 44.79 -36.98 -15.94
C ALA A 664 44.67 -36.72 -14.43
N VAL A 665 43.45 -36.46 -13.93
CA VAL A 665 43.19 -36.24 -12.53
C VAL A 665 43.20 -37.60 -11.90
N GLN A 666 42.79 -38.64 -12.61
CA GLN A 666 42.82 -40.01 -12.13
C GLN A 666 44.22 -40.57 -12.11
N GLN A 667 45.06 -40.18 -13.08
CA GLN A 667 46.42 -40.67 -13.22
C GLN A 667 47.50 -40.05 -12.35
N ASP A 668 47.20 -38.91 -11.68
CA ASP A 668 48.21 -38.28 -10.86
C ASP A 668 48.37 -39.06 -9.56
N THR A 669 49.52 -39.72 -9.55
CA THR A 669 49.97 -40.58 -8.47
C THR A 669 50.13 -39.79 -7.16
N GLU A 670 50.49 -38.50 -7.25
CA GLU A 670 50.76 -37.67 -6.09
C GLU A 670 49.54 -36.93 -5.60
N LEU A 671 48.60 -36.59 -6.46
CA LEU A 671 47.41 -35.90 -6.09
C LEU A 671 46.53 -36.89 -5.37
N GLN A 672 46.47 -38.15 -5.81
CA GLN A 672 45.67 -39.16 -5.14
C GLN A 672 46.07 -39.42 -3.71
N ALA A 673 47.37 -39.46 -3.53
CA ALA A 673 48.09 -39.67 -2.30
C ALA A 673 47.91 -38.57 -1.27
N TRP A 674 48.05 -37.33 -1.79
CA TRP A 674 47.88 -36.07 -1.08
C TRP A 674 46.45 -36.11 -0.60
N TRP A 675 45.48 -36.23 -1.52
CA TRP A 675 44.09 -36.19 -1.10
C TRP A 675 43.63 -37.36 -0.26
N LYS A 676 44.20 -38.55 -0.45
CA LYS A 676 43.88 -39.71 0.37
C LYS A 676 44.32 -39.39 1.78
N GLU A 677 45.47 -38.78 1.94
CA GLU A 677 46.01 -38.44 3.25
C GLU A 677 45.37 -37.24 3.93
N ALA A 678 44.87 -36.25 3.19
CA ALA A 678 44.34 -35.03 3.74
C ALA A 678 43.16 -35.37 4.57
N VAL A 679 42.37 -36.24 3.95
CA VAL A 679 41.17 -36.81 4.51
C VAL A 679 41.42 -37.80 5.64
N GLU A 680 42.11 -38.88 5.29
CA GLU A 680 42.28 -40.04 6.13
C GLU A 680 43.27 -39.93 7.24
N LYS A 681 44.30 -39.12 7.11
CA LYS A 681 45.12 -38.91 8.27
C LYS A 681 44.90 -37.50 8.79
N GLY A 682 44.71 -36.48 7.92
CA GLY A 682 44.60 -35.08 8.34
C GLY A 682 43.33 -34.80 9.15
N HIS A 683 42.18 -35.13 8.53
CA HIS A 683 40.80 -35.06 9.02
C HIS A 683 40.27 -36.45 9.32
N GLY A 684 41.21 -37.25 9.80
CA GLY A 684 41.09 -38.65 10.11
C GLY A 684 39.85 -39.02 10.88
N ASP A 685 39.36 -38.17 11.81
CA ASP A 685 38.20 -38.52 12.61
C ASP A 685 36.88 -38.38 11.91
N LEU A 686 36.92 -37.90 10.66
CA LEU A 686 35.76 -37.79 9.77
C LEU A 686 35.96 -38.44 8.38
N LYS A 687 37.03 -39.23 8.18
CA LYS A 687 37.47 -39.86 6.93
C LYS A 687 36.45 -40.70 6.17
N GLU A 688 35.41 -41.06 6.92
CA GLU A 688 34.33 -41.96 6.56
C GLU A 688 33.03 -41.37 6.09
N LYS A 689 33.02 -40.04 6.13
CA LYS A 689 31.86 -39.27 5.74
C LYS A 689 31.64 -39.37 4.25
N PRO A 690 30.36 -39.45 3.83
CA PRO A 690 29.94 -39.55 2.44
C PRO A 690 30.27 -38.30 1.67
N TRP A 691 30.12 -37.13 2.27
CA TRP A 691 30.42 -35.84 1.65
C TRP A 691 31.86 -35.59 1.19
N TRP A 692 32.81 -36.46 1.50
CA TRP A 692 34.21 -36.23 1.15
C TRP A 692 34.36 -36.53 -0.33
N PRO A 693 34.84 -35.59 -1.14
CA PRO A 693 35.16 -35.87 -2.51
C PRO A 693 36.35 -36.75 -2.80
N LYS A 694 36.22 -37.36 -3.98
CA LYS A 694 37.20 -38.18 -4.68
C LYS A 694 38.11 -37.28 -5.51
N LYS A 695 39.08 -37.80 -6.25
CA LYS A 695 39.85 -36.97 -7.17
C LYS A 695 39.92 -37.73 -8.49
N GLN A 696 38.71 -37.93 -9.01
CA GLN A 696 38.54 -38.67 -10.24
C GLN A 696 38.16 -37.79 -11.39
N THR A 697 37.71 -36.58 -11.11
CA THR A 697 37.38 -35.71 -12.20
C THR A 697 38.14 -34.41 -12.06
N THR A 698 37.99 -33.65 -13.15
CA THR A 698 38.45 -32.29 -13.23
C THR A 698 37.61 -31.38 -12.34
N GLU A 699 36.29 -31.56 -12.26
CA GLU A 699 35.50 -30.71 -11.38
C GLU A 699 35.70 -30.96 -9.89
N ASP A 700 36.17 -32.16 -9.54
CA ASP A 700 36.41 -32.45 -8.15
C ASP A 700 37.69 -31.81 -7.74
N LEU A 701 38.72 -31.73 -8.58
CA LEU A 701 39.93 -31.06 -8.19
C LEU A 701 39.79 -29.55 -8.03
N ILE A 702 39.00 -28.97 -8.93
CA ILE A 702 38.85 -27.53 -9.00
C ILE A 702 38.13 -26.98 -7.78
N GLN A 703 37.10 -27.70 -7.35
CA GLN A 703 36.35 -27.32 -6.17
C GLN A 703 36.99 -27.66 -4.86
N SER A 704 37.77 -28.73 -4.74
CA SER A 704 38.48 -28.98 -3.52
C SER A 704 39.46 -27.83 -3.44
N CYS A 705 40.23 -27.55 -4.49
CA CYS A 705 41.17 -26.45 -4.49
C CYS A 705 40.50 -25.10 -4.29
N SER A 706 39.21 -24.89 -4.57
CA SER A 706 38.59 -23.58 -4.44
C SER A 706 38.15 -23.26 -3.05
N ILE A 707 37.75 -24.33 -2.36
CA ILE A 707 37.32 -24.29 -0.99
C ILE A 707 38.54 -24.03 -0.16
N ILE A 708 39.61 -24.80 -0.28
CA ILE A 708 40.89 -24.54 0.37
C ILE A 708 41.38 -23.13 0.04
N VAL A 709 41.24 -22.61 -1.19
CA VAL A 709 41.70 -21.27 -1.54
C VAL A 709 40.74 -20.23 -1.00
N TRP A 710 39.44 -20.50 -0.96
CA TRP A 710 38.48 -19.62 -0.31
C TRP A 710 38.64 -19.58 1.21
N THR A 711 39.15 -20.63 1.85
CA THR A 711 39.18 -20.64 3.28
C THR A 711 40.31 -19.84 3.84
N ALA A 712 41.43 -20.06 3.18
CA ALA A 712 42.66 -19.49 3.58
C ALA A 712 42.73 -18.02 3.31
N SER A 713 42.09 -17.53 2.24
CA SER A 713 42.14 -16.14 1.83
C SER A 713 40.96 -15.35 2.34
N ALA A 714 39.81 -15.44 1.68
CA ALA A 714 38.62 -14.69 2.04
C ALA A 714 37.82 -15.04 3.27
N LEU A 715 37.63 -16.34 3.60
CA LEU A 715 36.89 -16.71 4.79
C LEU A 715 37.55 -16.12 6.01
N HIS A 716 38.87 -16.39 6.16
CA HIS A 716 39.68 -15.87 7.26
C HIS A 716 39.69 -14.35 7.35
N ALA A 717 39.87 -13.63 6.23
CA ALA A 717 39.81 -12.19 6.13
C ALA A 717 38.57 -11.63 6.79
N ALA A 718 37.42 -12.08 6.29
CA ALA A 718 36.12 -11.66 6.74
C ALA A 718 35.83 -11.93 8.20
N VAL A 719 36.42 -12.97 8.79
CA VAL A 719 36.19 -13.28 10.19
C VAL A 719 37.38 -12.91 11.09
N ASN A 720 38.48 -12.42 10.53
CA ASN A 720 39.65 -12.03 11.29
C ASN A 720 39.87 -10.55 11.29
N PHE A 721 39.87 -9.87 10.14
CA PHE A 721 40.23 -8.48 10.16
C PHE A 721 39.24 -7.50 10.72
N GLY A 722 38.01 -7.92 10.95
CA GLY A 722 37.04 -7.06 11.55
C GLY A 722 36.95 -7.24 13.05
N GLN A 723 37.85 -8.02 13.68
CA GLN A 723 37.84 -8.35 15.11
C GLN A 723 38.09 -7.12 15.97
N TYR A 724 39.21 -6.39 15.86
CA TYR A 724 39.37 -5.21 16.69
C TYR A 724 38.51 -4.02 16.24
N PRO A 725 38.23 -3.77 14.94
CA PRO A 725 37.15 -2.91 14.48
C PRO A 725 35.80 -2.92 15.13
N TYR A 726 35.23 -4.07 15.48
CA TYR A 726 33.92 -4.13 16.12
C TYR A 726 34.00 -4.57 17.57
N GLY A 727 35.00 -5.40 17.91
CA GLY A 727 35.21 -6.00 19.23
C GLY A 727 36.13 -5.21 20.13
N GLY A 728 36.62 -4.11 19.54
CA GLY A 728 37.47 -3.15 20.21
C GLY A 728 36.71 -2.36 21.26
N LEU A 729 35.37 -2.26 21.11
CA LEU A 729 34.50 -1.69 22.11
C LEU A 729 33.97 -2.92 22.83
N ILE A 730 34.25 -3.15 24.12
CA ILE A 730 33.71 -4.31 24.78
C ILE A 730 32.22 -4.22 25.00
N LEU A 731 31.66 -3.02 24.89
CA LEU A 731 30.23 -2.88 24.99
C LEU A 731 29.56 -3.48 23.76
N ASN A 732 30.23 -3.52 22.58
CA ASN A 732 29.63 -3.98 21.32
C ASN A 732 29.64 -5.49 21.15
N ARG A 733 30.82 -6.04 21.45
CA ARG A 733 31.09 -7.45 21.35
C ARG A 733 31.65 -7.87 22.71
N PRO A 734 30.81 -8.12 23.73
CA PRO A 734 31.26 -8.66 24.99
C PRO A 734 31.59 -10.16 24.86
N THR A 735 32.55 -10.64 25.66
CA THR A 735 33.09 -11.98 25.59
C THR A 735 32.74 -12.88 26.76
N LEU A 736 32.61 -12.31 27.96
CA LEU A 736 32.26 -13.08 29.16
C LEU A 736 30.90 -12.62 29.63
N ALA A 737 30.05 -13.47 30.23
CA ALA A 737 28.73 -13.11 30.76
C ALA A 737 28.63 -13.62 32.20
N ARG A 738 28.61 -12.67 33.17
CA ARG A 738 28.77 -12.97 34.59
C ARG A 738 27.64 -12.91 35.59
N ARG A 739 26.47 -12.58 35.06
CA ARG A 739 25.24 -12.61 35.81
C ARG A 739 24.03 -12.73 34.90
N PHE A 740 22.98 -13.38 35.42
CA PHE A 740 21.74 -13.56 34.72
C PHE A 740 20.98 -12.26 34.67
N ILE A 741 19.81 -12.26 34.04
CA ILE A 741 18.98 -11.07 33.99
C ILE A 741 18.46 -10.87 35.42
N PRO A 742 18.66 -9.70 36.07
CA PRO A 742 18.12 -9.36 37.37
C PRO A 742 16.65 -9.68 37.59
N ALA A 743 16.43 -10.23 38.77
CA ALA A 743 15.09 -10.64 39.19
C ALA A 743 14.29 -9.48 39.76
N GLU A 744 13.02 -9.32 39.35
CA GLU A 744 12.16 -8.20 39.76
C GLU A 744 11.91 -8.17 41.27
N GLY A 745 11.92 -6.96 41.81
CA GLY A 745 11.72 -6.74 43.23
C GLY A 745 12.90 -7.20 44.09
N THR A 746 14.09 -7.09 43.51
CA THR A 746 15.34 -7.52 44.09
C THR A 746 16.31 -6.35 44.03
N PRO A 747 17.22 -6.16 45.00
CA PRO A 747 18.34 -5.23 44.93
C PRO A 747 19.22 -5.03 43.68
N GLU A 748 19.33 -6.00 42.77
CA GLU A 748 20.17 -5.87 41.58
C GLU A 748 19.38 -5.44 40.37
N TYR A 749 18.05 -5.50 40.50
CA TYR A 749 17.09 -5.06 39.49
C TYR A 749 16.87 -3.56 39.61
N ASP A 750 16.76 -3.14 40.88
CA ASP A 750 16.64 -1.75 41.26
C ASP A 750 17.87 -1.03 40.83
N GLU A 751 19.08 -1.61 40.91
CA GLU A 751 20.31 -0.95 40.43
C GLU A 751 20.36 -0.89 38.91
N MET A 752 19.48 -1.68 38.27
CA MET A 752 19.37 -1.70 36.81
C MET A 752 18.46 -0.55 36.41
N VAL A 753 17.44 -0.27 37.24
CA VAL A 753 16.60 0.90 37.07
C VAL A 753 17.46 2.12 37.39
N LYS A 754 18.20 2.13 38.49
CA LYS A 754 19.00 3.28 38.87
C LYS A 754 20.22 3.55 37.99
N ASN A 755 21.23 2.67 37.92
CA ASN A 755 22.43 2.85 37.10
C ASN A 755 22.55 1.73 36.05
N PRO A 756 21.81 1.74 34.93
CA PRO A 756 21.79 0.69 33.88
C PRO A 756 23.13 0.23 33.27
N GLN A 757 24.04 1.19 33.17
CA GLN A 757 25.36 0.92 32.67
C GLN A 757 26.26 0.28 33.71
N LYS A 758 25.93 0.24 35.03
CA LYS A 758 26.72 -0.60 35.92
C LYS A 758 26.08 -1.96 35.75
N ALA A 759 24.74 -2.11 35.73
CA ALA A 759 24.09 -3.40 35.54
C ALA A 759 24.50 -4.20 34.30
N TYR A 760 25.08 -3.50 33.31
CA TYR A 760 25.56 -3.99 32.04
C TYR A 760 26.98 -4.50 32.18
N LEU A 761 27.80 -3.56 32.61
CA LEU A 761 29.21 -3.76 32.82
C LEU A 761 29.55 -4.82 33.88
N ARG A 762 28.53 -5.06 34.76
CA ARG A 762 28.47 -6.05 35.82
C ARG A 762 28.18 -7.41 35.20
N THR A 763 27.53 -7.46 34.01
CA THR A 763 27.11 -8.60 33.20
C THR A 763 28.21 -9.05 32.28
N ILE A 764 28.98 -8.12 31.72
CA ILE A 764 29.95 -8.49 30.71
C ILE A 764 31.39 -8.57 31.20
N THR A 765 32.35 -8.53 30.28
CA THR A 765 33.76 -8.61 30.55
C THR A 765 34.19 -7.45 31.41
N PRO A 766 34.73 -7.76 32.60
CA PRO A 766 35.44 -6.85 33.50
C PRO A 766 36.73 -6.25 32.99
N LYS A 767 37.34 -5.35 33.76
CA LYS A 767 38.50 -4.63 33.27
C LYS A 767 39.69 -5.46 32.94
N PHE A 768 40.13 -6.44 33.73
CA PHE A 768 41.31 -7.21 33.35
C PHE A 768 41.05 -7.98 32.08
N GLU A 769 39.94 -8.74 31.99
CA GLU A 769 39.65 -9.54 30.81
C GLU A 769 39.47 -8.77 29.54
N THR A 770 38.85 -7.59 29.67
CA THR A 770 38.70 -6.60 28.62
C THR A 770 40.06 -6.14 28.13
N LEU A 771 41.12 -6.00 28.93
CA LEU A 771 42.40 -5.52 28.41
C LEU A 771 43.28 -6.63 27.82
N ILE A 772 42.90 -7.90 28.03
CA ILE A 772 43.53 -9.09 27.47
C ILE A 772 42.92 -9.25 26.10
N ASP A 773 41.59 -9.14 26.06
CA ASP A 773 40.82 -9.20 24.84
C ASP A 773 41.24 -8.17 23.81
N LEU A 774 41.02 -6.88 24.11
CA LEU A 774 41.28 -5.77 23.20
C LEU A 774 42.70 -5.90 22.70
N SER A 775 43.61 -6.31 23.58
CA SER A 775 45.02 -6.46 23.26
C SER A 775 45.41 -7.57 22.31
N VAL A 776 44.81 -8.76 22.28
CA VAL A 776 45.17 -9.75 21.26
C VAL A 776 44.37 -9.54 20.00
N ILE A 777 43.05 -9.26 20.07
CA ILE A 777 42.28 -9.06 18.86
C ILE A 777 42.74 -7.83 18.10
N GLU A 778 43.50 -6.90 18.75
CA GLU A 778 44.12 -5.80 18.07
C GLU A 778 45.32 -6.38 17.36
N ILE A 779 46.28 -7.07 18.00
CA ILE A 779 47.39 -7.68 17.26
C ILE A 779 46.86 -8.54 16.09
N LEU A 780 45.95 -9.50 16.33
CA LEU A 780 45.34 -10.33 15.28
C LEU A 780 44.57 -9.59 14.16
N SER A 781 44.12 -8.33 14.32
CA SER A 781 43.45 -7.54 13.28
C SER A 781 44.37 -6.68 12.40
N ARG A 782 45.69 -6.78 12.61
CA ARG A 782 46.70 -6.01 11.92
C ARG A 782 47.43 -6.80 10.83
N HIS A 783 47.71 -6.11 9.71
CA HIS A 783 48.38 -6.65 8.53
C HIS A 783 49.83 -6.26 8.58
N ALA A 784 50.75 -7.16 8.30
CA ALA A 784 52.16 -6.81 8.24
C ALA A 784 52.49 -5.94 7.03
N SER A 785 53.68 -5.31 6.96
CA SER A 785 54.11 -4.51 5.81
C SER A 785 54.06 -5.24 4.48
N ASP A 786 54.52 -6.50 4.57
CA ASP A 786 54.60 -7.48 3.47
C ASP A 786 53.30 -8.22 3.09
N GLU A 787 52.79 -9.07 3.96
CA GLU A 787 51.54 -9.82 3.85
C GLU A 787 51.07 -10.58 2.62
N ILE A 788 51.37 -10.19 1.36
CA ILE A 788 50.97 -10.85 0.09
C ILE A 788 49.47 -11.11 0.02
N TYR A 789 48.76 -10.29 -0.75
CA TYR A 789 47.32 -10.38 -0.83
C TYR A 789 46.82 -11.29 -1.93
N LEU A 790 45.56 -11.78 -1.98
CA LEU A 790 45.12 -12.79 -2.93
C LEU A 790 45.71 -12.86 -4.35
N GLY A 791 45.55 -11.88 -5.25
CA GLY A 791 46.12 -11.97 -6.60
C GLY A 791 47.63 -11.80 -6.67
N GLU A 792 48.35 -11.94 -5.56
CA GLU A 792 49.79 -11.80 -5.48
C GLU A 792 50.48 -13.12 -5.22
N ARG A 793 51.77 -13.07 -5.50
CA ARG A 793 52.65 -14.20 -5.30
C ARG A 793 54.01 -13.72 -4.90
N GLU A 794 54.72 -14.52 -4.10
CA GLU A 794 56.01 -14.14 -3.49
C GLU A 794 57.05 -13.76 -4.50
N THR A 795 57.08 -14.48 -5.65
CA THR A 795 57.99 -14.23 -6.77
C THR A 795 57.24 -14.32 -8.10
N PRO A 796 57.62 -13.56 -9.14
CA PRO A 796 56.99 -13.54 -10.48
C PRO A 796 57.17 -14.72 -11.42
N ASN A 797 58.29 -15.41 -11.18
CA ASN A 797 58.70 -16.55 -11.96
C ASN A 797 58.42 -17.85 -11.25
N TRP A 798 57.33 -17.96 -10.47
CA TRP A 798 57.04 -19.16 -9.69
C TRP A 798 56.87 -20.40 -10.54
N THR A 799 56.42 -20.19 -11.80
CA THR A 799 56.32 -21.18 -12.86
C THR A 799 56.90 -20.64 -14.16
N THR A 800 57.38 -21.55 -15.01
CA THR A 800 57.90 -21.16 -16.31
C THR A 800 56.78 -21.17 -17.34
N ASP A 801 55.54 -21.48 -16.93
CA ASP A 801 54.37 -21.45 -17.80
C ASP A 801 53.84 -20.06 -18.04
N LYS A 802 54.14 -19.48 -19.22
CA LYS A 802 53.60 -18.18 -19.59
C LYS A 802 52.07 -18.20 -19.50
N LYS A 803 51.37 -19.31 -19.77
CA LYS A 803 49.92 -19.36 -19.65
C LYS A 803 49.38 -19.39 -18.22
N ALA A 804 50.13 -19.98 -17.28
CA ALA A 804 49.74 -20.01 -15.91
C ALA A 804 49.91 -18.63 -15.38
N LEU A 805 50.97 -17.93 -15.79
CA LEU A 805 51.25 -16.58 -15.34
C LEU A 805 50.27 -15.56 -15.89
N GLU A 806 49.84 -15.80 -17.14
CA GLU A 806 48.87 -14.97 -17.78
C GLU A 806 47.53 -15.16 -17.13
N ALA A 807 47.08 -16.38 -16.84
CA ALA A 807 45.80 -16.52 -16.16
C ALA A 807 45.83 -16.09 -14.68
N PHE A 808 47.02 -15.88 -14.12
CA PHE A 808 47.18 -15.38 -12.77
C PHE A 808 47.05 -13.86 -12.82
N LYS A 809 47.59 -13.15 -13.82
CA LYS A 809 47.36 -11.71 -13.99
C LYS A 809 45.91 -11.43 -14.36
N ARG A 810 45.15 -12.31 -15.02
CA ARG A 810 43.72 -12.08 -15.24
C ARG A 810 43.00 -12.16 -13.92
N PHE A 811 43.45 -13.07 -13.03
CA PHE A 811 42.91 -13.25 -11.70
C PHE A 811 43.14 -11.99 -10.89
N GLY A 812 44.39 -11.50 -10.84
CA GLY A 812 44.71 -10.23 -10.19
C GLY A 812 43.81 -9.09 -10.68
N SER A 813 43.66 -8.96 -12.02
CA SER A 813 42.86 -7.92 -12.66
C SER A 813 41.38 -8.01 -12.40
N LYS A 814 40.88 -9.24 -12.25
CA LYS A 814 39.48 -9.53 -11.94
C LYS A 814 39.13 -9.15 -10.50
N LEU A 815 40.11 -9.23 -9.56
CA LEU A 815 40.01 -8.81 -8.17
C LEU A 815 40.08 -7.30 -8.02
N THR A 816 40.89 -6.51 -8.77
CA THR A 816 40.86 -5.04 -8.67
C THR A 816 39.51 -4.49 -9.14
N GLY A 817 38.86 -5.17 -10.12
CA GLY A 817 37.50 -4.86 -10.55
C GLY A 817 36.49 -4.97 -9.40
N ILE A 818 36.61 -6.01 -8.56
CA ILE A 818 35.73 -6.31 -7.45
C ILE A 818 35.86 -5.26 -6.36
N GLU A 819 37.08 -4.83 -6.04
CA GLU A 819 37.37 -3.71 -5.16
C GLU A 819 36.51 -2.54 -5.58
N GLY A 820 36.53 -2.29 -6.91
CA GLY A 820 35.80 -1.21 -7.55
C GLY A 820 34.30 -1.22 -7.32
N LYS A 821 33.69 -2.42 -7.28
CA LYS A 821 32.28 -2.60 -7.00
C LYS A 821 32.06 -2.72 -5.48
N ILE A 822 33.11 -2.89 -4.65
CA ILE A 822 32.89 -2.85 -3.23
C ILE A 822 32.71 -1.36 -2.93
N ASN A 823 33.67 -0.54 -3.38
CA ASN A 823 33.66 0.87 -3.14
C ASN A 823 32.44 1.62 -3.62
N ALA A 824 31.75 1.21 -4.71
CA ALA A 824 30.51 1.83 -5.11
C ALA A 824 29.24 1.34 -4.38
N ARG A 825 29.13 0.07 -3.95
CA ARG A 825 28.00 -0.41 -3.15
C ARG A 825 28.03 0.19 -1.73
N ASN A 826 29.27 0.46 -1.29
CA ASN A 826 29.61 1.19 -0.08
C ASN A 826 29.31 2.68 -0.12
N SER A 827 29.31 3.20 -1.38
CA SER A 827 28.96 4.58 -1.72
C SER A 827 27.52 4.69 -2.18
N ASP A 828 26.81 3.55 -2.23
CA ASP A 828 25.42 3.50 -2.63
C ASP A 828 24.53 3.57 -1.41
N PRO A 829 23.77 4.66 -1.17
CA PRO A 829 22.90 4.86 0.01
C PRO A 829 21.71 3.94 0.27
N SER A 830 21.35 3.13 -0.72
CA SER A 830 20.24 2.18 -0.71
C SER A 830 20.59 0.93 0.09
N LEU A 831 21.90 0.64 0.07
CA LEU A 831 22.53 -0.50 0.71
C LEU A 831 22.98 -0.04 2.09
N ARG A 832 21.96 -0.12 2.96
CA ARG A 832 22.08 0.39 4.29
C ARG A 832 23.01 -0.43 5.15
N ASN A 833 22.93 -1.75 4.99
CA ASN A 833 23.71 -2.63 5.81
C ASN A 833 25.20 -2.51 5.54
N ARG A 834 25.54 -1.76 4.49
CA ARG A 834 26.94 -1.65 4.13
C ARG A 834 27.75 -0.65 4.91
N THR A 835 27.03 0.09 5.76
CA THR A 835 27.57 1.09 6.67
C THR A 835 26.85 1.11 8.02
N GLY A 836 25.54 1.31 8.05
CA GLY A 836 24.74 1.33 9.26
C GLY A 836 25.05 2.48 10.21
N PRO A 837 24.57 2.44 11.46
CA PRO A 837 24.75 3.47 12.45
C PRO A 837 26.15 3.74 12.88
N VAL A 838 27.07 2.79 12.68
CA VAL A 838 28.48 2.91 13.07
C VAL A 838 29.35 3.64 12.05
N GLN A 839 28.67 3.79 10.89
CA GLN A 839 29.13 4.38 9.64
C GLN A 839 30.55 3.93 9.38
N LEU A 840 30.54 2.62 9.08
CA LEU A 840 31.73 1.81 8.83
C LEU A 840 31.54 1.10 7.49
N PRO A 841 32.11 1.55 6.33
CA PRO A 841 31.94 0.88 5.03
C PRO A 841 32.50 -0.51 5.16
N TYR A 842 31.65 -1.52 4.93
CA TYR A 842 32.09 -2.90 5.01
C TYR A 842 33.18 -3.06 3.96
N THR A 843 34.46 -3.07 4.32
CA THR A 843 35.52 -3.17 3.34
C THR A 843 36.41 -4.38 3.58
N LEU A 844 35.92 -5.38 4.30
CA LEU A 844 36.66 -6.60 4.66
C LEU A 844 36.79 -7.62 3.55
N LEU A 845 36.17 -7.18 2.46
CA LEU A 845 35.95 -7.77 1.14
C LEU A 845 37.01 -7.46 0.11
N HIS A 846 37.70 -6.34 0.37
CA HIS A 846 38.58 -5.68 -0.54
C HIS A 846 40.03 -6.12 -0.39
N ARG A 847 40.59 -6.74 -1.43
CA ARG A 847 41.90 -7.35 -1.45
C ARG A 847 42.96 -6.41 -0.99
N SER A 848 43.08 -5.25 -1.63
CA SER A 848 44.12 -4.32 -1.24
C SER A 848 43.92 -3.78 0.16
N SER A 849 45.08 -3.60 0.83
CA SER A 849 45.13 -2.91 2.11
C SER A 849 46.55 -2.47 2.39
N GLU A 850 46.82 -1.84 3.54
CA GLU A 850 48.14 -1.39 3.94
C GLU A 850 48.50 -1.87 5.37
N GLU A 851 49.72 -1.68 5.96
CA GLU A 851 50.03 -2.07 7.35
C GLU A 851 48.92 -1.68 8.29
N GLY A 852 48.69 -2.70 9.06
CA GLY A 852 47.87 -2.65 10.23
C GLY A 852 46.38 -2.71 10.08
N LEU A 853 46.03 -1.90 11.07
CA LEU A 853 44.75 -1.44 11.50
C LEU A 853 43.72 -1.07 10.44
N THR A 854 43.55 -1.80 9.32
CA THR A 854 42.72 -1.30 8.24
C THR A 854 41.27 -1.66 8.00
N PHE A 855 40.63 -2.72 8.55
CA PHE A 855 39.28 -3.17 8.18
C PHE A 855 39.12 -3.43 6.67
N LYS A 856 40.19 -3.84 6.00
CA LYS A 856 40.26 -4.06 4.54
C LYS A 856 41.32 -5.12 4.37
N GLY A 857 41.34 -5.78 3.22
CA GLY A 857 42.41 -6.72 2.94
C GLY A 857 41.99 -8.14 3.23
N ILE A 858 42.35 -8.86 2.17
CA ILE A 858 42.19 -10.29 2.05
C ILE A 858 43.63 -10.79 1.83
N PRO A 859 44.37 -11.40 2.80
CA PRO A 859 45.65 -12.04 2.57
C PRO A 859 45.49 -13.25 1.65
N ASN A 860 46.63 -13.71 1.09
CA ASN A 860 46.66 -14.98 0.40
C ASN A 860 46.27 -16.07 1.43
N SER A 861 46.97 -16.09 2.59
CA SER A 861 46.80 -17.00 3.70
C SER A 861 46.06 -16.58 4.97
N ILE A 862 46.07 -17.52 5.94
CA ILE A 862 45.58 -17.46 7.32
C ILE A 862 46.87 -17.24 8.06
N SER A 863 47.31 -15.99 8.10
CA SER A 863 48.60 -15.52 8.56
C SER A 863 48.71 -14.90 9.95
N ILE A 864 47.59 -14.97 10.67
CA ILE A 864 47.32 -14.38 12.01
C ILE A 864 45.92 -14.90 12.50
N GLY B 8 5.89 0.01 -10.89
CA GLY B 8 6.45 0.92 -9.89
C GLY B 8 6.68 2.32 -10.43
N GLN B 9 5.58 3.07 -10.63
CA GLN B 9 5.64 4.40 -11.22
C GLN B 9 4.78 5.53 -10.63
N LYS B 10 4.68 6.64 -11.36
CA LYS B 10 3.88 7.81 -11.01
C LYS B 10 2.49 7.75 -11.66
N ILE B 11 1.49 7.21 -10.93
CA ILE B 11 0.13 7.03 -11.45
C ILE B 11 -0.53 8.41 -11.62
N LYS B 12 -1.21 8.59 -12.75
CA LYS B 12 -1.80 9.88 -13.04
C LYS B 12 -3.30 9.97 -12.91
N GLY B 13 -3.69 11.23 -12.96
CA GLY B 13 -5.05 11.64 -12.91
C GLY B 13 -5.24 12.75 -13.92
N THR B 14 -6.46 12.63 -14.44
CA THR B 14 -7.06 13.59 -15.35
C THR B 14 -8.22 14.18 -14.54
N VAL B 15 -8.12 15.48 -14.20
CA VAL B 15 -9.09 16.14 -13.37
C VAL B 15 -9.85 17.16 -14.20
N VAL B 16 -11.09 16.74 -14.48
CA VAL B 16 -12.07 17.51 -15.22
C VAL B 16 -12.89 18.26 -14.20
N LEU B 17 -12.94 19.56 -14.40
CA LEU B 17 -13.68 20.44 -13.52
C LEU B 17 -14.29 21.59 -14.31
N MET B 18 -15.26 22.32 -13.78
CA MET B 18 -15.84 23.45 -14.50
C MET B 18 -15.80 24.58 -13.51
N PRO B 19 -15.30 25.77 -13.83
CA PRO B 19 -15.34 26.91 -12.95
C PRO B 19 -16.76 27.37 -12.83
N LYS B 20 -16.98 27.99 -11.70
CA LYS B 20 -18.21 28.63 -11.27
C LYS B 20 -18.95 29.46 -12.31
N ASN B 21 -18.28 30.46 -12.86
CA ASN B 21 -18.91 31.40 -13.76
C ASN B 21 -19.55 30.84 -15.03
N VAL B 22 -19.17 29.63 -15.45
CA VAL B 22 -19.76 29.05 -16.66
C VAL B 22 -21.14 28.44 -16.36
N LEU B 23 -21.40 28.11 -15.07
CA LEU B 23 -22.61 27.46 -14.61
C LEU B 23 -23.53 28.30 -13.71
N ASP B 24 -23.21 29.56 -13.39
CA ASP B 24 -24.18 30.35 -12.65
C ASP B 24 -24.71 31.52 -13.50
N PHE B 25 -26.00 31.78 -13.30
CA PHE B 25 -26.82 32.72 -14.06
C PHE B 25 -26.39 34.14 -14.24
N ASN B 26 -26.01 34.85 -13.18
CA ASN B 26 -25.65 36.24 -13.40
C ASN B 26 -24.32 36.32 -14.15
N ALA B 27 -23.35 35.44 -13.82
CA ALA B 27 -22.10 35.35 -14.58
C ALA B 27 -22.21 34.71 -15.98
N ILE B 28 -23.44 34.50 -16.45
CA ILE B 28 -23.73 34.01 -17.79
C ILE B 28 -24.45 35.16 -18.50
N THR B 29 -25.37 35.83 -17.77
CA THR B 29 -26.11 37.00 -18.24
C THR B 29 -25.33 38.31 -18.03
N SER B 30 -24.03 38.06 -17.84
CA SER B 30 -22.88 38.93 -17.58
C SER B 30 -22.78 39.63 -16.22
N ILE B 31 -21.68 39.06 -15.69
CA ILE B 31 -20.96 39.25 -14.43
C ILE B 31 -21.08 40.60 -13.72
CA VAL B 54 1.01 33.47 -22.76
C VAL B 54 -0.48 33.32 -22.48
N ILE B 55 -1.00 32.22 -23.05
CA ILE B 55 -2.42 31.81 -23.01
C ILE B 55 -2.76 30.87 -21.84
N ASP B 56 -4.08 30.71 -21.62
CA ASP B 56 -4.76 29.98 -20.55
C ASP B 56 -4.50 30.69 -19.22
N THR B 57 -5.34 31.73 -19.01
CA THR B 57 -5.36 32.57 -17.81
C THR B 57 -6.13 31.86 -16.70
N ALA B 58 -7.16 31.09 -17.12
CA ALA B 58 -7.91 30.19 -16.25
C ALA B 58 -7.25 28.81 -16.21
N THR B 59 -5.93 28.89 -15.99
CA THR B 59 -5.08 27.77 -15.67
C THR B 59 -5.34 27.68 -14.18
N SER B 60 -5.05 28.76 -13.41
CA SER B 60 -5.34 29.01 -11.99
C SER B 60 -5.50 27.90 -10.98
N PHE B 61 -6.24 26.86 -11.35
CA PHE B 61 -6.50 25.65 -10.59
C PHE B 61 -5.24 24.87 -10.24
N LEU B 62 -4.14 25.17 -10.93
CA LEU B 62 -2.84 24.64 -10.56
C LEU B 62 -2.08 25.66 -9.70
N GLY B 63 -0.94 25.22 -9.17
CA GLY B 63 -0.11 26.09 -8.36
C GLY B 63 -0.64 26.25 -6.95
N ARG B 64 -0.71 25.07 -6.31
CA ARG B 64 -1.20 24.90 -4.96
C ARG B 64 -2.61 25.42 -4.67
N ASN B 65 -3.51 25.18 -5.62
CA ASN B 65 -4.87 25.63 -5.47
C ASN B 65 -5.90 24.54 -5.35
N ILE B 66 -5.59 23.29 -5.71
CA ILE B 66 -6.48 22.14 -5.60
C ILE B 66 -5.68 20.88 -5.27
N SER B 67 -5.67 20.45 -4.01
CA SER B 67 -4.98 19.23 -3.65
C SER B 67 -5.98 18.12 -3.70
N MET B 68 -5.38 16.94 -3.77
CA MET B 68 -6.08 15.67 -3.75
C MET B 68 -5.18 14.66 -3.07
N GLN B 69 -5.74 13.77 -2.28
CA GLN B 69 -4.98 12.67 -1.70
C GLN B 69 -5.91 11.49 -1.74
N LEU B 70 -5.39 10.39 -2.30
CA LEU B 70 -6.12 9.15 -2.51
C LEU B 70 -6.35 8.31 -1.27
N ILE B 71 -7.50 7.66 -1.19
CA ILE B 71 -7.79 6.73 -0.12
C ILE B 71 -7.59 5.37 -0.79
N SER B 72 -7.06 4.41 -0.06
CA SER B 72 -6.84 3.08 -0.58
C SER B 72 -8.06 2.24 -0.29
N ALA B 73 -8.30 1.26 -1.17
CA ALA B 73 -9.37 0.28 -0.99
C ALA B 73 -8.81 -1.13 -0.75
N THR B 74 -7.48 -1.17 -0.92
CA THR B 74 -6.63 -2.33 -0.82
C THR B 74 -5.93 -2.41 0.55
N GLN B 75 -4.97 -1.51 0.85
CA GLN B 75 -4.24 -1.59 2.10
C GLN B 75 -4.70 -0.62 3.17
N THR B 76 -4.77 -1.13 4.41
CA THR B 76 -5.23 -0.35 5.56
C THR B 76 -4.12 0.46 6.23
N ASP B 77 -4.46 0.99 7.42
CA ASP B 77 -3.51 1.68 8.29
C ASP B 77 -3.57 1.00 9.66
N GLY B 78 -3.11 1.66 10.71
CA GLY B 78 -3.10 1.12 12.06
C GLY B 78 -4.49 0.86 12.62
N SER B 79 -5.51 1.46 12.01
CA SER B 79 -6.88 1.27 12.43
C SER B 79 -7.79 0.54 11.44
N GLY B 80 -7.25 0.03 10.33
CA GLY B 80 -8.02 -0.75 9.37
C GLY B 80 -8.81 0.07 8.34
N ASN B 81 -8.55 1.37 8.32
CA ASN B 81 -9.20 2.27 7.36
C ASN B 81 -8.20 2.56 6.23
N GLY B 82 -8.67 2.82 5.01
CA GLY B 82 -7.82 2.99 3.84
C GLY B 82 -6.66 3.96 3.97
N LYS B 83 -5.44 3.51 3.67
CA LYS B 83 -4.22 4.33 3.70
C LYS B 83 -4.41 5.61 2.90
N VAL B 84 -3.94 6.77 3.36
CA VAL B 84 -4.08 7.99 2.58
C VAL B 84 -2.76 8.53 2.04
N GLY B 85 -2.80 8.75 0.74
CA GLY B 85 -1.65 9.24 -0.01
C GLY B 85 -1.18 10.62 0.39
N LYS B 86 -0.21 11.07 -0.40
CA LYS B 86 0.41 12.36 -0.19
C LYS B 86 -0.42 13.43 -0.89
N GLU B 87 -0.40 14.62 -0.28
CA GLU B 87 -1.15 15.77 -0.75
C GLU B 87 -0.44 16.34 -1.97
N VAL B 88 -1.05 15.99 -3.13
CA VAL B 88 -0.57 16.41 -4.45
C VAL B 88 -1.51 17.47 -5.02
N TYR B 89 -0.95 18.60 -5.43
CA TYR B 89 -1.73 19.67 -6.03
C TYR B 89 -1.70 19.47 -7.54
N LEU B 90 -2.61 20.05 -8.31
CA LEU B 90 -2.57 19.89 -9.75
C LEU B 90 -1.25 20.36 -10.37
N GLU B 91 -0.73 19.47 -11.23
CA GLU B 91 0.49 19.72 -11.98
C GLU B 91 0.25 20.66 -13.15
N LYS B 92 -0.54 20.37 -14.19
CA LYS B 92 -0.71 21.27 -15.34
C LYS B 92 -2.06 21.24 -16.08
N HIS B 93 -2.32 22.23 -16.95
CA HIS B 93 -3.53 22.32 -17.78
C HIS B 93 -3.42 21.38 -18.97
N LEU B 94 -4.54 20.77 -19.39
CA LEU B 94 -4.56 19.90 -20.54
C LEU B 94 -5.43 20.49 -21.65
N PRO B 95 -4.87 21.12 -22.70
CA PRO B 95 -5.58 21.90 -23.73
C PRO B 95 -6.43 21.14 -24.73
N THR B 96 -7.32 21.95 -25.34
CA THR B 96 -8.47 21.63 -26.22
C THR B 96 -9.59 20.93 -25.43
N LEU B 97 -9.14 20.48 -24.23
CA LEU B 97 -9.78 19.93 -23.05
C LEU B 97 -10.46 18.55 -23.04
N PRO B 98 -9.71 17.49 -23.45
CA PRO B 98 -9.34 17.20 -24.84
C PRO B 98 -10.56 16.93 -25.72
N THR B 99 -11.29 18.05 -25.98
CA THR B 99 -12.61 18.21 -26.64
C THR B 99 -13.74 17.49 -25.88
N LEU B 100 -13.41 16.48 -25.05
CA LEU B 100 -14.34 15.75 -24.19
C LEU B 100 -14.75 16.63 -23.02
N GLY B 101 -15.94 17.17 -23.28
CA GLY B 101 -16.56 18.16 -22.44
C GLY B 101 -16.30 19.54 -23.02
N ALA B 102 -15.02 19.98 -22.96
CA ALA B 102 -14.44 21.26 -23.44
C ALA B 102 -14.88 22.59 -22.83
N ARG B 103 -16.16 22.74 -22.42
CA ARG B 103 -16.61 23.91 -21.63
C ARG B 103 -16.09 23.66 -20.22
N GLN B 104 -15.86 22.36 -19.95
CA GLN B 104 -15.15 21.88 -18.79
C GLN B 104 -13.69 21.82 -19.22
N ASP B 105 -12.84 22.34 -18.34
CA ASP B 105 -11.41 22.41 -18.61
C ASP B 105 -10.70 21.23 -17.96
N ALA B 106 -9.89 20.43 -18.67
CA ALA B 106 -9.16 19.31 -18.07
C ALA B 106 -7.77 19.68 -17.60
N PHE B 107 -7.38 19.12 -16.46
CA PHE B 107 -6.12 19.36 -15.78
C PHE B 107 -5.44 18.05 -15.39
N SER B 108 -4.13 18.09 -15.30
CA SER B 108 -3.33 16.91 -15.01
C SER B 108 -2.77 16.82 -13.61
N ILE B 109 -2.57 15.58 -13.12
CA ILE B 109 -1.97 15.40 -11.81
C ILE B 109 -1.34 14.03 -11.54
N PHE B 110 -0.10 14.00 -11.02
CA PHE B 110 0.66 12.76 -10.78
C PHE B 110 0.92 12.50 -9.32
N PHE B 111 0.41 11.34 -8.94
CA PHE B 111 0.48 10.89 -7.57
C PHE B 111 1.65 9.92 -7.39
N GLU B 112 2.31 10.08 -6.24
CA GLU B 112 3.40 9.19 -5.87
C GLU B 112 2.92 7.73 -5.73
N TRP B 113 3.88 6.86 -5.49
CA TRP B 113 3.55 5.47 -5.38
C TRP B 113 4.38 4.72 -4.33
N ASP B 114 3.65 3.68 -3.91
CA ASP B 114 4.02 2.64 -2.95
C ASP B 114 3.25 1.41 -3.43
N ALA B 115 3.80 0.23 -3.15
CA ALA B 115 3.11 -1.01 -3.43
C ALA B 115 2.16 -1.33 -2.29
N SER B 116 2.52 -0.88 -1.08
CA SER B 116 1.74 -1.08 0.14
C SER B 116 0.72 0.02 0.46
N PHE B 117 0.29 0.55 -0.68
CA PHE B 117 -0.83 1.45 -0.89
C PHE B 117 -1.15 0.82 -2.23
N GLY B 118 -2.14 -0.06 -2.16
CA GLY B 118 -2.57 -0.74 -3.36
C GLY B 118 -3.33 0.20 -4.27
N ILE B 119 -4.61 -0.18 -4.36
CA ILE B 119 -5.53 0.45 -5.27
C ILE B 119 -6.30 1.55 -4.56
N PRO B 120 -6.19 2.81 -5.02
CA PRO B 120 -7.11 3.89 -4.70
C PRO B 120 -8.58 3.59 -4.98
N GLY B 121 -9.40 3.61 -3.92
CA GLY B 121 -10.84 3.42 -4.02
C GLY B 121 -11.62 4.71 -3.78
N ALA B 122 -10.99 5.82 -3.37
CA ALA B 122 -11.64 7.09 -3.11
C ALA B 122 -10.61 8.21 -3.11
N PHE B 123 -11.02 9.46 -2.94
CA PHE B 123 -10.03 10.51 -2.77
C PHE B 123 -10.57 11.71 -2.04
N TYR B 124 -9.67 12.46 -1.43
CA TYR B 124 -10.03 13.68 -0.75
C TYR B 124 -9.64 14.83 -1.66
N ILE B 125 -10.43 15.88 -1.77
CA ILE B 125 -10.01 17.05 -2.53
C ILE B 125 -10.39 18.27 -1.73
N LYS B 126 -9.37 19.13 -1.71
CA LYS B 126 -9.43 20.37 -1.00
C LYS B 126 -9.30 21.56 -1.95
N ASN B 127 -10.23 22.50 -1.94
CA ASN B 127 -10.13 23.64 -2.84
C ASN B 127 -9.59 24.88 -2.14
N PHE B 128 -8.28 25.12 -2.25
CA PHE B 128 -7.62 26.24 -1.60
C PHE B 128 -7.89 27.61 -2.13
N MET B 129 -8.69 27.68 -3.19
CA MET B 129 -9.03 28.94 -3.84
C MET B 129 -10.21 29.56 -3.15
N THR B 130 -10.38 30.86 -3.43
CA THR B 130 -11.48 31.61 -2.84
C THR B 130 -12.82 31.23 -3.46
N ASP B 131 -12.89 30.78 -4.74
CA ASP B 131 -14.15 30.42 -5.38
C ASP B 131 -14.31 28.94 -5.68
N GLU B 132 -15.55 28.45 -5.61
CA GLU B 132 -15.90 27.07 -5.85
C GLU B 132 -15.90 26.65 -7.30
N PHE B 133 -15.34 25.49 -7.62
CA PHE B 133 -15.44 25.00 -8.97
C PHE B 133 -16.38 23.81 -8.92
N PHE B 134 -16.99 23.47 -10.06
CA PHE B 134 -17.79 22.28 -10.22
C PHE B 134 -16.81 21.18 -10.58
N LEU B 135 -16.62 20.16 -9.74
CA LEU B 135 -15.71 19.06 -10.07
C LEU B 135 -16.55 18.08 -10.90
N VAL B 136 -16.12 17.80 -12.12
CA VAL B 136 -16.83 16.90 -13.01
C VAL B 136 -16.41 15.44 -12.88
N SER B 137 -15.11 15.13 -12.99
CA SER B 137 -14.65 13.75 -12.99
C SER B 137 -13.16 13.64 -12.79
N VAL B 138 -12.76 12.50 -12.21
CA VAL B 138 -11.36 12.18 -12.03
C VAL B 138 -11.09 10.75 -12.50
N LYS B 139 -10.18 10.57 -13.48
CA LYS B 139 -9.78 9.24 -13.94
C LYS B 139 -8.31 9.10 -13.69
N LEU B 140 -8.05 8.02 -12.98
CA LEU B 140 -6.72 7.61 -12.61
C LEU B 140 -6.20 6.53 -13.54
N GLU B 141 -5.11 6.84 -14.26
CA GLU B 141 -4.50 5.90 -15.19
C GLU B 141 -3.14 5.43 -14.69
N ASP B 142 -2.48 4.67 -15.58
CA ASP B 142 -1.18 3.99 -15.46
C ASP B 142 -0.76 3.56 -14.05
N ILE B 143 -1.72 2.89 -13.39
CA ILE B 143 -1.51 2.29 -12.07
C ILE B 143 -0.93 0.93 -12.45
N PRO B 144 0.24 0.54 -11.89
CA PRO B 144 0.85 -0.78 -12.07
C PRO B 144 -0.12 -1.91 -11.76
N ASN B 145 -0.29 -2.65 -12.86
CA ASN B 145 -1.18 -3.79 -13.04
C ASN B 145 -2.67 -3.58 -12.75
N HIS B 146 -3.25 -2.35 -12.76
CA HIS B 146 -4.70 -2.22 -12.56
C HIS B 146 -5.53 -1.70 -13.74
N GLY B 147 -4.90 -0.91 -14.62
CA GLY B 147 -5.58 -0.37 -15.77
C GLY B 147 -5.95 1.08 -15.55
N THR B 148 -7.23 1.27 -15.21
CA THR B 148 -7.80 2.59 -14.94
C THR B 148 -9.03 2.58 -14.02
N ILE B 149 -9.05 3.62 -13.19
CA ILE B 149 -10.09 3.90 -12.21
C ILE B 149 -10.74 5.23 -12.55
N GLU B 150 -12.09 5.30 -12.50
CA GLU B 150 -12.82 6.55 -12.73
C GLU B 150 -13.77 6.91 -11.58
N PHE B 151 -13.75 8.22 -11.38
CA PHE B 151 -14.55 8.83 -10.36
C PHE B 151 -15.59 9.69 -11.05
N VAL B 152 -16.84 9.34 -10.85
CA VAL B 152 -17.95 10.13 -11.33
C VAL B 152 -18.29 11.10 -10.18
N CYS B 153 -17.85 12.36 -10.31
CA CYS B 153 -18.01 13.36 -9.26
C CYS B 153 -19.25 14.25 -9.29
N ASN B 154 -19.35 15.03 -10.38
CA ASN B 154 -20.40 16.00 -10.74
C ASN B 154 -20.86 16.90 -9.59
N SER B 155 -19.85 17.38 -8.84
CA SER B 155 -20.06 18.08 -7.58
C SER B 155 -19.30 19.36 -7.31
N TRP B 156 -20.01 20.41 -6.88
CA TRP B 156 -19.40 21.68 -6.48
C TRP B 156 -18.64 21.47 -5.19
N VAL B 157 -17.39 21.92 -5.26
CA VAL B 157 -16.40 21.81 -4.21
C VAL B 157 -16.01 23.21 -3.81
N TYR B 158 -16.11 23.46 -2.51
CA TYR B 158 -15.75 24.75 -1.95
C TYR B 158 -14.42 24.66 -1.24
N ASN B 159 -14.04 25.89 -0.86
CA ASN B 159 -12.83 26.12 -0.10
C ASN B 159 -12.91 25.28 1.14
N PHE B 160 -11.98 24.34 1.27
CA PHE B 160 -11.95 23.36 2.35
C PHE B 160 -12.39 23.76 3.75
N ARG B 161 -12.22 25.05 4.10
CA ARG B 161 -12.63 25.57 5.39
C ARG B 161 -14.11 25.90 5.44
N SER B 162 -14.80 25.68 4.32
CA SER B 162 -16.24 25.77 4.20
C SER B 162 -16.83 24.41 4.57
N TYR B 163 -15.94 23.47 4.92
CA TYR B 163 -16.28 22.10 5.23
C TYR B 163 -15.64 21.62 6.54
N LYS B 164 -16.44 21.06 7.46
CA LYS B 164 -16.04 20.43 8.74
C LYS B 164 -15.01 19.32 8.47
N LYS B 165 -15.33 18.53 7.44
CA LYS B 165 -14.47 17.49 6.91
C LYS B 165 -14.33 17.63 5.39
N ASN B 166 -13.15 17.25 4.90
CA ASN B 166 -12.79 17.31 3.51
C ASN B 166 -13.70 16.54 2.62
N ARG B 167 -13.84 17.06 1.41
CA ARG B 167 -14.68 16.40 0.44
C ARG B 167 -14.07 15.09 -0.04
N ILE B 168 -14.80 13.97 0.12
CA ILE B 168 -14.40 12.64 -0.38
C ILE B 168 -15.26 12.19 -1.59
N PHE B 169 -14.64 11.51 -2.54
CA PHE B 169 -15.30 10.99 -3.73
C PHE B 169 -14.86 9.55 -3.97
N PHE B 170 -15.85 8.66 -4.11
CA PHE B 170 -15.64 7.24 -4.33
C PHE B 170 -15.56 6.83 -5.81
N VAL B 171 -15.23 5.56 -6.06
CA VAL B 171 -15.16 4.97 -7.41
C VAL B 171 -16.55 4.83 -8.03
N ASN B 172 -16.61 4.53 -9.33
CA ASN B 172 -17.90 4.30 -9.93
C ASN B 172 -18.39 2.85 -9.81
N ASP B 173 -17.81 2.10 -8.85
CA ASP B 173 -18.24 0.74 -8.50
C ASP B 173 -19.40 0.77 -7.51
N THR B 174 -20.30 -0.18 -7.71
CA THR B 174 -21.50 -0.32 -6.93
C THR B 174 -21.31 -1.44 -5.90
N TYR B 175 -21.48 -1.10 -4.63
CA TYR B 175 -21.37 -2.06 -3.54
C TYR B 175 -22.50 -1.91 -2.52
N LEU B 176 -23.17 -3.02 -2.28
CA LEU B 176 -24.14 -3.14 -1.22
C LEU B 176 -23.35 -3.05 0.11
N PRO B 177 -23.73 -2.49 1.29
CA PRO B 177 -22.84 -2.27 2.44
C PRO B 177 -21.99 -3.44 2.92
N SER B 178 -22.54 -4.66 2.80
CA SER B 178 -21.84 -5.89 3.17
C SER B 178 -20.68 -6.23 2.25
N ALA B 179 -20.86 -5.84 0.98
CA ALA B 179 -19.88 -6.05 -0.05
C ALA B 179 -18.79 -4.98 -0.15
N THR B 180 -18.84 -3.91 0.68
CA THR B 180 -17.87 -2.80 0.63
C THR B 180 -16.43 -3.31 0.90
N PRO B 181 -15.38 -2.83 0.17
CA PRO B 181 -13.99 -2.80 0.63
C PRO B 181 -13.85 -2.44 2.10
N ALA B 182 -13.15 -3.29 2.84
CA ALA B 182 -13.00 -3.05 4.25
C ALA B 182 -12.15 -1.83 4.60
N PRO B 183 -11.13 -1.38 3.85
CA PRO B 183 -10.53 -0.04 4.01
C PRO B 183 -11.48 1.16 3.82
N LEU B 184 -12.53 0.91 3.03
CA LEU B 184 -13.50 1.91 2.63
C LEU B 184 -14.71 2.01 3.50
N LEU B 185 -15.17 0.94 4.12
CA LEU B 185 -16.34 0.96 5.00
C LEU B 185 -16.44 2.13 5.96
N LYS B 186 -15.32 2.54 6.58
CA LYS B 186 -15.27 3.67 7.48
C LYS B 186 -15.69 4.94 6.75
N TYR B 187 -15.06 5.22 5.60
CA TYR B 187 -15.30 6.40 4.78
C TYR B 187 -16.73 6.46 4.28
N ARG B 188 -17.28 5.27 4.05
CA ARG B 188 -18.63 5.13 3.55
C ARG B 188 -19.64 5.66 4.56
N LYS B 189 -19.57 5.07 5.75
CA LYS B 189 -20.42 5.46 6.84
C LYS B 189 -20.13 6.82 7.46
N GLU B 190 -18.90 7.32 7.28
CA GLU B 190 -18.40 8.62 7.74
C GLU B 190 -18.89 9.82 6.92
N GLU B 191 -19.05 9.70 5.59
CA GLU B 191 -19.57 10.79 4.77
C GLU B 191 -20.93 10.31 4.33
N PHE B 192 -21.70 10.58 5.36
CA PHE B 192 -23.03 10.07 5.50
C PHE B 192 -23.59 10.81 6.65
N GLU B 193 -22.80 10.59 7.71
CA GLU B 193 -22.91 11.23 8.97
C GLU B 193 -22.69 12.72 8.65
N VAL B 194 -21.82 13.01 7.66
CA VAL B 194 -21.59 14.34 7.14
C VAL B 194 -22.87 14.88 6.54
N LEU B 195 -23.43 14.07 5.63
CA LEU B 195 -24.68 14.33 4.92
C LEU B 195 -25.88 14.47 5.82
N ARG B 196 -25.90 13.78 6.95
CA ARG B 196 -27.06 13.83 7.82
C ARG B 196 -27.11 15.05 8.75
N GLY B 197 -25.94 15.47 9.25
CA GLY B 197 -25.79 16.58 10.18
C GLY B 197 -26.33 16.31 11.58
N ASP B 198 -26.48 17.37 12.39
CA ASP B 198 -27.02 17.20 13.73
C ASP B 198 -28.30 17.92 14.12
N GLY B 199 -29.17 18.29 13.16
CA GLY B 199 -30.46 18.91 13.41
C GLY B 199 -30.40 20.37 13.87
N THR B 200 -29.20 20.97 13.84
CA THR B 200 -28.99 22.34 14.31
C THR B 200 -28.08 23.16 13.38
N GLY B 201 -28.29 24.47 13.55
CA GLY B 201 -27.58 25.49 12.82
C GLY B 201 -28.47 26.08 11.76
N LYS B 202 -28.07 27.21 11.17
CA LYS B 202 -28.77 27.73 10.03
C LYS B 202 -27.93 27.21 8.88
N ARG B 203 -28.61 26.66 7.89
CA ARG B 203 -27.93 26.15 6.72
C ARG B 203 -27.39 27.17 5.73
N LYS B 204 -26.16 26.88 5.29
CA LYS B 204 -25.45 27.75 4.39
C LYS B 204 -25.44 27.13 3.00
N ASP B 205 -25.31 28.00 1.98
CA ASP B 205 -25.30 27.74 0.54
C ASP B 205 -24.49 26.53 0.05
N PHE B 206 -23.29 26.44 0.62
CA PHE B 206 -22.33 25.39 0.34
C PHE B 206 -22.50 24.10 1.12
N ASP B 207 -23.43 24.12 2.10
CA ASP B 207 -23.68 22.96 2.97
C ASP B 207 -24.43 21.87 2.25
N ARG B 208 -23.99 20.65 2.54
CA ARG B 208 -24.61 19.46 1.99
C ARG B 208 -25.35 18.68 3.06
N ILE B 209 -26.11 19.36 3.90
CA ILE B 209 -26.80 18.69 4.97
C ILE B 209 -28.28 18.48 4.68
N TYR B 210 -28.63 17.19 4.84
CA TYR B 210 -29.99 16.72 4.58
C TYR B 210 -30.73 16.34 5.86
N ASP B 211 -31.91 16.95 5.96
CA ASP B 211 -32.74 16.71 7.10
C ASP B 211 -34.16 17.11 6.76
N TYR B 212 -35.06 16.87 7.71
CA TYR B 212 -36.49 17.05 7.58
C TYR B 212 -37.10 18.14 8.44
N ASP B 213 -38.14 18.86 7.95
CA ASP B 213 -38.88 19.83 8.76
C ASP B 213 -40.25 19.99 8.18
N VAL B 214 -41.10 20.69 8.91
CA VAL B 214 -42.48 20.92 8.53
C VAL B 214 -42.66 22.16 7.65
N TYR B 215 -43.87 22.36 7.13
CA TYR B 215 -44.14 23.54 6.35
C TYR B 215 -44.72 24.60 7.26
N ASN B 216 -43.74 25.21 7.95
CA ASN B 216 -43.91 26.39 8.82
C ASN B 216 -43.32 27.69 8.25
N ASP B 217 -42.76 27.59 7.02
CA ASP B 217 -42.11 28.68 6.32
C ASP B 217 -42.94 29.38 5.30
N LEU B 218 -44.20 29.01 5.26
CA LEU B 218 -45.13 29.52 4.27
C LEU B 218 -45.93 30.73 4.68
N GLY B 219 -45.82 31.30 5.87
CA GLY B 219 -46.55 32.52 6.16
C GLY B 219 -45.60 33.70 6.37
N ASN B 220 -46.27 34.71 6.92
CA ASN B 220 -45.64 35.96 7.33
C ASN B 220 -46.35 36.49 8.59
N PRO B 221 -46.22 35.82 9.76
CA PRO B 221 -47.02 36.08 10.94
C PRO B 221 -46.69 37.47 11.50
N ASP B 222 -45.42 37.85 11.48
CA ASP B 222 -44.96 39.18 11.85
C ASP B 222 -45.54 40.34 11.05
N GLY B 223 -45.95 40.00 9.81
CA GLY B 223 -46.64 40.86 8.84
C GLY B 223 -48.16 40.75 8.97
N GLY B 224 -48.67 39.77 9.72
CA GLY B 224 -50.10 39.65 9.99
C GLY B 224 -50.81 38.71 9.05
N ASP B 225 -50.03 37.88 8.37
CA ASP B 225 -50.59 36.92 7.46
C ASP B 225 -50.07 35.51 7.75
N PRO B 226 -50.57 34.82 8.80
CA PRO B 226 -50.12 33.49 9.17
C PRO B 226 -50.87 32.43 8.39
N ARG B 227 -50.25 31.24 8.34
CA ARG B 227 -50.81 30.07 7.71
C ARG B 227 -50.66 28.91 8.71
N PRO B 228 -51.44 27.84 8.71
CA PRO B 228 -51.29 26.68 9.58
C PRO B 228 -50.03 25.91 9.35
N ILE B 229 -49.29 25.49 10.37
CA ILE B 229 -48.11 24.67 10.12
C ILE B 229 -48.54 23.29 9.62
N LEU B 230 -48.10 22.97 8.40
CA LEU B 230 -48.46 21.74 7.74
C LEU B 230 -47.36 20.74 7.84
N GLY B 231 -47.56 19.91 8.84
CA GLY B 231 -46.63 18.88 9.24
C GLY B 231 -46.65 18.79 10.76
N GLY B 232 -46.32 17.64 11.33
CA GLY B 232 -46.34 17.46 12.78
C GLY B 232 -47.73 17.01 13.22
N CYS B 233 -48.76 17.80 13.03
CA CYS B 233 -50.11 17.50 13.43
C CYS B 233 -50.65 16.28 12.71
N SER B 234 -51.83 15.87 13.15
CA SER B 234 -52.56 14.85 12.47
C SER B 234 -53.85 15.51 11.98
N ILE B 235 -53.95 16.81 12.28
CA ILE B 235 -55.00 17.77 11.92
C ILE B 235 -54.58 18.48 10.64
N TYR B 236 -53.24 18.69 10.63
CA TYR B 236 -52.38 19.28 9.63
C TYR B 236 -51.26 18.33 9.21
N PRO B 237 -51.48 17.17 8.54
CA PRO B 237 -50.40 16.33 8.05
C PRO B 237 -49.87 16.84 6.72
N TYR B 238 -48.61 16.55 6.49
CA TYR B 238 -48.01 16.91 5.25
C TYR B 238 -46.77 16.08 5.12
N PRO B 239 -46.17 15.97 3.92
CA PRO B 239 -44.82 15.47 3.81
C PRO B 239 -43.93 16.50 4.46
N LEU B 240 -42.74 16.01 4.78
CA LEU B 240 -41.85 16.90 5.41
C LEU B 240 -40.95 17.51 4.33
N ARG B 241 -40.04 18.42 4.65
CA ARG B 241 -39.18 19.02 3.67
C ARG B 241 -37.76 19.22 4.18
N VAL B 242 -36.81 19.74 3.40
CA VAL B 242 -35.42 19.87 3.81
C VAL B 242 -35.30 20.96 4.87
N ARG B 243 -34.63 20.66 5.98
CA ARG B 243 -34.45 21.57 7.11
C ARG B 243 -33.57 22.72 6.66
N THR B 244 -34.14 23.91 6.82
CA THR B 244 -33.40 25.10 6.46
C THR B 244 -32.72 25.79 7.65
N GLY B 245 -33.45 25.88 8.76
CA GLY B 245 -32.92 26.40 10.00
C GLY B 245 -32.82 27.91 10.12
N ARG B 246 -33.60 28.68 9.38
CA ARG B 246 -33.61 30.11 9.56
C ARG B 246 -34.19 30.46 10.93
N GLU B 247 -33.92 31.69 11.35
CA GLU B 247 -34.40 32.15 12.64
C GLU B 247 -35.91 32.23 12.66
N ARG B 248 -36.42 31.96 13.85
CA ARG B 248 -37.84 31.93 14.11
C ARG B 248 -38.43 33.31 14.13
N THR B 249 -39.73 33.27 13.84
CA THR B 249 -40.61 34.40 13.78
C THR B 249 -40.77 35.11 15.15
N ARG B 250 -41.26 36.36 15.14
CA ARG B 250 -41.43 37.11 16.37
C ARG B 250 -42.76 36.70 16.99
N THR B 251 -43.78 36.66 16.16
CA THR B 251 -45.11 36.24 16.52
C THR B 251 -45.33 34.74 16.77
N ASP B 252 -44.76 33.81 15.99
CA ASP B 252 -44.95 32.38 16.14
C ASP B 252 -43.54 31.84 16.09
N PRO B 253 -42.86 31.47 17.16
CA PRO B 253 -41.55 30.86 17.02
C PRO B 253 -41.58 29.37 16.63
N ASN B 254 -42.78 28.83 16.36
CA ASN B 254 -42.89 27.51 15.74
C ASN B 254 -42.84 27.65 14.20
N SER B 255 -42.82 28.89 13.70
CA SER B 255 -42.72 29.21 12.31
C SER B 255 -41.37 29.79 11.99
N GLU B 256 -40.96 29.62 10.76
CA GLU B 256 -39.63 30.04 10.37
C GLU B 256 -39.73 31.32 9.55
N LYS B 257 -38.85 32.29 9.88
CA LYS B 257 -38.82 33.59 9.22
C LYS B 257 -38.51 33.40 7.75
N PRO B 258 -39.30 33.92 6.79
CA PRO B 258 -38.98 33.91 5.36
C PRO B 258 -37.56 34.31 4.92
N GLY B 259 -37.08 34.15 3.69
CA GLY B 259 -35.73 34.59 3.34
C GLY B 259 -34.96 33.55 2.57
N GLU B 260 -33.68 33.41 2.95
CA GLU B 260 -32.69 32.49 2.39
C GLU B 260 -33.11 31.02 2.37
N VAL B 261 -33.69 30.58 1.24
CA VAL B 261 -34.26 29.23 1.27
C VAL B 261 -33.33 28.04 1.40
N TYR B 262 -32.09 27.97 0.93
CA TYR B 262 -31.23 26.78 1.04
C TYR B 262 -31.80 25.49 0.45
N VAL B 263 -30.90 24.86 -0.29
CA VAL B 263 -31.04 23.51 -0.77
C VAL B 263 -29.62 22.99 -0.61
N PRO B 264 -29.42 21.71 -0.20
CA PRO B 264 -28.11 21.05 -0.12
C PRO B 264 -27.12 21.15 -1.30
N ARG B 265 -26.78 22.38 -1.68
CA ARG B 265 -25.83 22.79 -2.70
C ARG B 265 -25.91 22.09 -4.03
N ASP B 266 -25.58 20.82 -4.07
CA ASP B 266 -25.69 20.09 -5.30
C ASP B 266 -27.15 19.79 -5.63
N GLU B 267 -28.17 19.96 -4.76
CA GLU B 267 -29.59 19.86 -5.18
C GLU B 267 -30.03 20.92 -6.16
N ASN B 268 -29.19 21.98 -6.19
CA ASN B 268 -29.33 23.13 -7.06
C ASN B 268 -28.47 23.01 -8.32
N PHE B 269 -29.17 22.77 -9.42
CA PHE B 269 -28.47 22.66 -10.68
C PHE B 269 -28.31 24.00 -11.36
N GLY B 270 -26.98 24.16 -11.58
CA GLY B 270 -26.37 25.23 -12.34
C GLY B 270 -26.39 24.82 -13.81
N HIS B 271 -26.54 25.76 -14.73
CA HIS B 271 -26.66 25.42 -16.15
C HIS B 271 -25.73 26.19 -17.09
N LEU B 272 -25.78 25.89 -18.40
CA LEU B 272 -24.91 26.53 -19.39
C LEU B 272 -25.52 27.68 -20.14
N LYS B 273 -26.78 27.49 -20.56
CA LYS B 273 -27.51 28.55 -21.26
C LYS B 273 -28.43 29.21 -20.24
N SER B 274 -28.32 30.53 -20.03
CA SER B 274 -29.16 31.25 -19.08
C SER B 274 -30.67 31.09 -19.18
N SER B 275 -31.16 30.58 -20.31
CA SER B 275 -32.59 30.38 -20.56
C SER B 275 -33.25 29.18 -19.92
N ASP B 276 -32.37 28.24 -19.55
CA ASP B 276 -32.70 27.00 -18.85
C ASP B 276 -32.86 27.15 -17.37
N PHE B 277 -32.32 28.25 -16.80
CA PHE B 277 -32.47 28.51 -15.39
C PHE B 277 -33.84 29.16 -15.21
N LEU B 278 -34.84 28.28 -15.43
CA LEU B 278 -36.26 28.48 -15.32
C LEU B 278 -36.69 29.03 -13.97
N THR B 279 -36.04 28.57 -12.89
CA THR B 279 -36.22 29.09 -11.54
C THR B 279 -35.99 30.59 -11.53
N TYR B 280 -34.99 31.10 -12.27
CA TYR B 280 -34.71 32.52 -12.35
C TYR B 280 -35.72 33.35 -13.12
N GLY B 281 -36.63 32.62 -13.78
CA GLY B 281 -37.71 33.19 -14.52
C GLY B 281 -38.93 33.30 -13.64
N ILE B 282 -39.13 32.33 -12.73
CA ILE B 282 -40.21 32.32 -11.75
C ILE B 282 -40.00 33.45 -10.74
N LYS B 283 -38.76 33.68 -10.29
CA LYS B 283 -38.52 34.81 -9.39
C LYS B 283 -38.26 36.12 -10.14
N SER B 284 -38.21 36.05 -11.47
CA SER B 284 -38.21 37.25 -12.27
C SER B 284 -39.65 37.53 -12.64
N LEU B 285 -40.51 36.55 -12.49
CA LEU B 285 -41.91 36.73 -12.71
C LEU B 285 -42.42 37.20 -11.36
N SER B 286 -41.91 36.67 -10.24
CA SER B 286 -42.37 37.06 -8.91
C SER B 286 -41.89 38.46 -8.50
N HIS B 287 -40.62 38.73 -8.74
CA HIS B 287 -40.02 40.02 -8.42
C HIS B 287 -40.03 40.98 -9.61
N ASP B 288 -40.47 40.69 -10.85
CA ASP B 288 -40.45 41.74 -11.88
C ASP B 288 -41.71 41.99 -12.66
N VAL B 289 -42.26 40.98 -13.34
CA VAL B 289 -43.32 41.28 -14.28
C VAL B 289 -44.71 41.37 -13.71
N ILE B 290 -44.95 40.61 -12.64
CA ILE B 290 -46.25 40.61 -11.97
C ILE B 290 -46.47 41.94 -11.26
N PRO B 291 -45.51 42.65 -10.59
CA PRO B 291 -45.76 44.01 -10.16
C PRO B 291 -45.83 44.98 -11.35
N LEU B 292 -45.23 44.70 -12.52
CA LEU B 292 -45.41 45.52 -13.71
C LEU B 292 -46.81 45.31 -14.24
N PHE B 293 -47.36 44.09 -14.21
CA PHE B 293 -48.72 43.90 -14.68
C PHE B 293 -49.66 44.65 -13.77
N LYS B 294 -49.27 44.69 -12.48
CA LYS B 294 -50.02 45.33 -11.40
C LYS B 294 -49.99 46.82 -11.67
N SER B 295 -48.81 47.47 -11.74
CA SER B 295 -48.70 48.87 -12.12
C SER B 295 -49.45 49.18 -13.41
N ALA B 296 -49.68 48.22 -14.33
CA ALA B 296 -50.40 48.48 -15.57
C ALA B 296 -51.91 48.44 -15.51
N ILE B 297 -52.46 47.65 -14.61
CA ILE B 297 -53.89 47.54 -14.49
C ILE B 297 -54.45 48.39 -13.34
N PHE B 298 -53.81 48.39 -12.16
CA PHE B 298 -54.33 49.06 -10.98
C PHE B 298 -53.65 50.36 -10.51
N GLN B 299 -52.49 50.72 -11.08
CA GLN B 299 -51.84 51.97 -10.72
C GLN B 299 -52.06 52.87 -11.94
N LEU B 300 -51.23 52.73 -12.99
CA LEU B 300 -51.33 53.51 -14.22
C LEU B 300 -52.66 53.47 -14.96
N ARG B 301 -53.45 52.42 -14.75
CA ARG B 301 -54.73 52.17 -15.40
C ARG B 301 -54.68 52.35 -16.93
N VAL B 302 -53.70 51.65 -17.52
CA VAL B 302 -53.49 51.60 -18.95
C VAL B 302 -53.96 50.32 -19.62
N THR B 303 -54.63 49.47 -18.84
CA THR B 303 -55.28 48.26 -19.34
C THR B 303 -56.39 47.97 -18.33
N SER B 304 -57.50 47.47 -18.85
CA SER B 304 -58.69 47.12 -18.09
C SER B 304 -58.38 45.99 -17.15
N SER B 305 -59.12 45.88 -16.06
CA SER B 305 -58.94 44.78 -15.11
C SER B 305 -59.68 43.51 -15.52
N GLU B 306 -60.61 43.71 -16.47
CA GLU B 306 -61.45 42.69 -17.08
C GLU B 306 -61.22 42.48 -18.58
N PHE B 307 -61.64 41.31 -19.09
CA PHE B 307 -61.65 41.03 -20.53
C PHE B 307 -63.05 41.32 -21.04
N GLU B 308 -63.32 41.93 -22.21
CA GLU B 308 -64.72 42.10 -22.58
C GLU B 308 -65.24 40.96 -23.41
N SER B 309 -64.35 40.28 -24.12
CA SER B 309 -64.77 39.18 -24.96
C SER B 309 -63.73 38.07 -24.98
N PHE B 310 -64.13 36.96 -25.61
CA PHE B 310 -63.27 35.81 -25.82
C PHE B 310 -62.13 36.17 -26.77
N GLU B 311 -62.40 37.11 -27.71
CA GLU B 311 -61.39 37.58 -28.62
C GLU B 311 -60.43 38.48 -27.86
N ASP B 312 -60.86 39.11 -26.75
CA ASP B 312 -59.94 39.90 -25.93
C ASP B 312 -58.96 38.92 -25.27
N VAL B 313 -59.47 37.82 -24.69
CA VAL B 313 -58.66 36.78 -24.04
C VAL B 313 -57.68 36.10 -24.98
N ARG B 314 -58.18 35.68 -26.15
CA ARG B 314 -57.36 35.03 -27.18
C ARG B 314 -56.25 35.93 -27.65
N SER B 315 -56.50 37.24 -27.83
CA SER B 315 -55.51 38.20 -28.31
C SER B 315 -54.21 38.34 -27.51
N LEU B 316 -54.07 37.82 -26.28
CA LEU B 316 -52.79 37.96 -25.57
C LEU B 316 -51.73 37.07 -26.22
N TYR B 317 -52.22 36.05 -26.93
CA TYR B 317 -51.37 35.13 -27.67
C TYR B 317 -51.44 35.38 -29.16
N GLU B 318 -52.51 36.01 -29.70
CA GLU B 318 -52.63 36.37 -31.11
C GLU B 318 -51.86 37.69 -31.31
N GLY B 319 -52.44 38.91 -31.23
CA GLY B 319 -51.74 40.19 -31.42
C GLY B 319 -50.80 40.64 -30.30
N GLY B 320 -51.23 40.46 -29.05
CA GLY B 320 -50.44 40.75 -27.86
C GLY B 320 -51.19 41.58 -26.83
N ILE B 321 -50.67 41.65 -25.60
CA ILE B 321 -51.25 42.56 -24.64
C ILE B 321 -50.49 43.89 -24.71
N LYS B 322 -51.38 44.86 -24.94
CA LYS B 322 -51.08 46.27 -25.12
C LYS B 322 -50.63 47.04 -23.86
N LEU B 323 -49.35 46.88 -23.52
CA LEU B 323 -48.73 47.53 -22.36
C LEU B 323 -47.78 48.64 -22.76
N PRO B 324 -47.71 49.77 -22.04
CA PRO B 324 -47.00 50.95 -22.47
C PRO B 324 -45.48 50.90 -22.48
N THR B 325 -45.08 52.09 -22.89
CA THR B 325 -43.73 52.61 -23.04
C THR B 325 -42.69 52.14 -22.03
N ASP B 326 -42.79 52.62 -20.77
CA ASP B 326 -41.91 52.30 -19.66
C ASP B 326 -42.16 50.99 -18.91
N ILE B 327 -43.22 50.25 -19.29
CA ILE B 327 -43.48 48.94 -18.71
C ILE B 327 -42.72 47.93 -19.55
N LEU B 328 -43.05 47.79 -20.85
CA LEU B 328 -42.39 46.88 -21.78
C LEU B 328 -40.91 47.08 -22.05
N SER B 329 -40.27 48.02 -21.36
CA SER B 329 -38.83 48.23 -21.47
C SER B 329 -38.11 47.68 -20.25
N GLN B 330 -38.88 47.45 -19.17
CA GLN B 330 -38.37 46.75 -17.99
C GLN B 330 -38.75 45.29 -18.15
N ILE B 331 -39.89 44.90 -18.80
CA ILE B 331 -40.25 43.50 -19.04
C ILE B 331 -39.18 42.85 -19.90
N SER B 332 -38.63 43.53 -20.91
CA SER B 332 -37.47 43.05 -21.64
C SER B 332 -36.50 44.21 -21.53
N PRO B 333 -35.32 44.02 -20.92
CA PRO B 333 -34.32 43.03 -21.25
C PRO B 333 -33.98 42.01 -20.16
N LEU B 334 -35.01 41.29 -19.73
CA LEU B 334 -34.83 40.34 -18.66
C LEU B 334 -34.29 39.01 -19.16
N PRO B 335 -33.19 38.50 -18.60
CA PRO B 335 -32.45 37.37 -19.11
C PRO B 335 -33.11 36.02 -18.85
N ALA B 336 -34.16 35.98 -18.04
CA ALA B 336 -34.86 34.75 -17.73
C ALA B 336 -36.25 34.64 -18.32
N LEU B 337 -36.71 35.72 -18.96
CA LEU B 337 -38.02 35.79 -19.60
C LEU B 337 -37.96 36.22 -21.07
N LYS B 338 -37.29 35.40 -21.91
CA LYS B 338 -37.16 35.63 -23.34
C LYS B 338 -38.01 34.61 -24.13
N GLU B 339 -37.97 33.29 -23.78
CA GLU B 339 -38.82 32.24 -24.39
C GLU B 339 -40.27 32.40 -23.96
N ILE B 340 -40.43 33.04 -22.80
CA ILE B 340 -41.70 33.20 -22.12
C ILE B 340 -42.58 34.17 -22.85
N PHE B 341 -42.07 35.39 -23.07
CA PHE B 341 -42.81 36.38 -23.82
C PHE B 341 -41.93 37.42 -24.44
N ARG B 342 -42.09 37.45 -25.77
CA ARG B 342 -41.41 38.45 -26.54
C ARG B 342 -42.30 39.62 -26.87
N THR B 343 -41.50 40.69 -26.81
CA THR B 343 -41.93 42.03 -27.09
C THR B 343 -41.16 42.55 -28.29
N ASP B 344 -41.94 42.66 -29.36
CA ASP B 344 -41.48 43.33 -30.56
C ASP B 344 -41.84 44.81 -30.36
N GLY B 345 -42.10 45.60 -31.40
CA GLY B 345 -42.57 46.97 -31.24
C GLY B 345 -44.07 46.95 -30.98
N GLU B 346 -44.87 47.71 -31.75
CA GLU B 346 -46.34 47.79 -31.72
C GLU B 346 -47.03 48.13 -30.38
N ASN B 347 -46.20 48.16 -29.31
CA ASN B 347 -46.49 48.31 -27.88
C ASN B 347 -47.23 47.08 -27.32
N VAL B 348 -46.77 45.86 -27.69
CA VAL B 348 -47.37 44.61 -27.25
C VAL B 348 -46.45 43.65 -26.49
N LEU B 349 -47.09 42.71 -25.75
CA LEU B 349 -46.42 41.63 -25.05
C LEU B 349 -47.16 40.36 -25.44
N GLN B 350 -46.49 39.43 -26.12
CA GLN B 350 -47.23 38.26 -26.59
C GLN B 350 -46.93 36.98 -25.85
N PHE B 351 -47.97 36.20 -25.79
CA PHE B 351 -47.94 34.91 -25.15
C PHE B 351 -47.97 33.86 -26.23
N PRO B 352 -47.44 32.65 -26.04
CA PRO B 352 -47.48 31.53 -27.00
C PRO B 352 -48.91 31.14 -27.37
N PRO B 353 -49.21 30.69 -28.59
CA PRO B 353 -50.53 30.15 -28.92
C PRO B 353 -50.67 28.91 -28.05
N PRO B 354 -51.72 28.73 -27.21
CA PRO B 354 -51.73 27.80 -26.09
C PRO B 354 -51.25 26.44 -26.54
N HIS B 355 -52.03 25.79 -27.45
CA HIS B 355 -51.84 24.49 -28.06
C HIS B 355 -53.19 23.89 -28.33
N VAL B 356 -54.12 24.09 -27.39
CA VAL B 356 -55.47 23.57 -27.47
C VAL B 356 -56.36 24.34 -28.46
N ALA B 357 -55.88 25.40 -29.06
CA ALA B 357 -56.79 26.22 -29.83
C ALA B 357 -56.71 26.16 -31.36
N LYS B 358 -56.86 24.97 -31.98
CA LYS B 358 -56.90 24.90 -33.45
C LYS B 358 -58.24 24.86 -34.15
N VAL B 359 -59.20 24.71 -33.23
CA VAL B 359 -60.61 25.00 -33.41
C VAL B 359 -60.61 25.84 -32.16
N SER B 360 -60.54 27.17 -32.41
CA SER B 360 -60.54 28.20 -31.39
C SER B 360 -61.82 28.14 -30.55
N LYS B 361 -62.85 27.60 -31.21
CA LYS B 361 -64.18 27.44 -30.69
C LYS B 361 -64.37 26.15 -29.90
N SER B 362 -63.47 25.18 -30.07
CA SER B 362 -63.60 23.93 -29.34
C SER B 362 -62.88 23.95 -28.04
N GLY B 363 -61.72 24.68 -28.09
CA GLY B 363 -60.76 24.91 -27.01
C GLY B 363 -61.50 24.83 -25.70
N VAL B 364 -62.35 25.83 -25.64
CA VAL B 364 -63.33 25.96 -24.60
C VAL B 364 -64.62 25.19 -24.98
N MET B 365 -65.55 25.80 -25.73
CA MET B 365 -66.91 25.35 -25.88
C MET B 365 -67.47 23.97 -26.08
N THR B 366 -66.77 22.92 -26.49
CA THR B 366 -67.39 21.59 -26.73
C THR B 366 -67.56 20.55 -25.61
N ASP B 367 -68.74 19.97 -25.33
CA ASP B 367 -68.94 18.91 -24.33
C ASP B 367 -68.08 17.67 -24.54
N GLU B 368 -67.83 17.50 -25.82
CA GLU B 368 -67.01 16.50 -26.42
C GLU B 368 -65.63 16.73 -25.86
N GLU B 369 -65.07 17.92 -26.00
CA GLU B 369 -63.74 18.20 -25.50
C GLU B 369 -63.69 18.45 -23.99
N PHE B 370 -64.79 18.91 -23.40
CA PHE B 370 -64.93 19.05 -21.97
C PHE B 370 -64.74 17.67 -21.34
N ALA B 371 -65.61 16.73 -21.74
CA ALA B 371 -65.55 15.37 -21.28
C ALA B 371 -64.34 14.58 -21.73
N ARG B 372 -63.72 14.82 -22.88
CA ARG B 372 -62.51 14.11 -23.33
C ARG B 372 -61.33 14.38 -22.41
N GLU B 373 -61.23 15.66 -22.02
CA GLU B 373 -60.14 16.12 -21.20
C GLU B 373 -60.11 15.64 -19.73
N VAL B 374 -61.09 14.83 -19.34
CA VAL B 374 -61.07 14.18 -18.04
C VAL B 374 -60.21 12.93 -18.17
N ILE B 375 -60.03 12.34 -19.34
CA ILE B 375 -59.18 11.18 -19.60
C ILE B 375 -57.91 11.50 -20.38
N ALA B 376 -57.89 12.58 -21.12
CA ALA B 376 -56.73 12.93 -21.91
C ALA B 376 -56.40 14.39 -21.72
N GLY B 377 -56.69 14.97 -20.53
CA GLY B 377 -56.41 16.37 -20.26
C GLY B 377 -55.15 16.61 -19.47
N VAL B 378 -55.13 17.68 -18.68
CA VAL B 378 -53.96 17.97 -17.84
C VAL B 378 -54.08 17.21 -16.51
N ASN B 379 -55.31 16.93 -16.09
CA ASN B 379 -55.58 16.25 -14.87
C ASN B 379 -56.44 15.08 -15.27
N PRO B 380 -55.78 13.98 -15.67
CA PRO B 380 -56.39 12.87 -16.28
C PRO B 380 -56.71 11.73 -15.33
N ASN B 381 -56.35 11.83 -14.04
CA ASN B 381 -56.67 10.77 -13.11
C ASN B 381 -57.75 10.95 -12.07
N VAL B 382 -58.69 11.88 -12.20
CA VAL B 382 -59.64 12.04 -11.12
C VAL B 382 -60.87 11.18 -11.30
N ILE B 383 -61.36 11.04 -12.53
CA ILE B 383 -62.56 10.29 -12.91
C ILE B 383 -62.69 8.91 -12.29
N ARG B 384 -63.87 8.63 -11.74
CA ARG B 384 -64.17 7.35 -11.13
C ARG B 384 -65.32 6.76 -11.91
N ARG B 385 -65.42 5.44 -11.94
CA ARG B 385 -66.57 4.75 -12.52
C ARG B 385 -67.70 4.89 -11.52
N LEU B 386 -68.92 5.11 -12.00
CA LEU B 386 -70.02 5.16 -11.07
C LEU B 386 -70.60 3.75 -10.92
N GLN B 387 -70.73 3.34 -9.65
CA GLN B 387 -71.29 2.05 -9.28
C GLN B 387 -72.55 2.18 -8.43
N GLU B 388 -72.97 3.43 -8.24
CA GLU B 388 -74.11 3.76 -7.39
C GLU B 388 -74.94 4.82 -8.05
N PHE B 389 -76.28 4.75 -7.99
CA PHE B 389 -77.01 5.91 -8.44
C PHE B 389 -78.14 6.23 -7.46
N PRO B 390 -78.24 7.49 -6.93
CA PRO B 390 -77.41 8.68 -7.23
C PRO B 390 -76.06 8.62 -6.57
N PRO B 391 -75.05 9.39 -6.96
CA PRO B 391 -73.75 9.34 -6.30
C PRO B 391 -73.81 9.74 -4.83
N LYS B 392 -73.34 8.82 -4.00
CA LYS B 392 -73.31 8.98 -2.56
C LYS B 392 -72.13 9.81 -2.08
N SER B 393 -72.18 10.23 -0.81
CA SER B 393 -71.07 10.96 -0.29
C SER B 393 -70.49 10.33 0.96
N THR B 394 -69.16 10.30 0.92
CA THR B 394 -68.31 9.79 1.99
C THR B 394 -68.25 10.60 3.30
N LEU B 395 -68.41 11.93 3.16
CA LEU B 395 -68.48 12.95 4.20
C LEU B 395 -69.44 12.66 5.33
N ASP B 396 -68.89 12.89 6.52
CA ASP B 396 -69.52 12.66 7.80
C ASP B 396 -70.79 13.47 8.07
N PRO B 397 -71.95 12.82 8.31
CA PRO B 397 -73.23 13.44 8.55
C PRO B 397 -73.32 14.42 9.72
N THR B 398 -72.50 14.21 10.76
CA THR B 398 -72.49 15.07 11.94
C THR B 398 -71.87 16.42 11.65
N LEU B 399 -70.91 16.39 10.73
CA LEU B 399 -70.20 17.57 10.29
C LEU B 399 -70.75 18.19 9.02
N TYR B 400 -71.43 17.42 8.15
CA TYR B 400 -71.88 17.89 6.84
C TYR B 400 -73.28 17.61 6.37
N GLY B 401 -74.04 16.81 7.11
CA GLY B 401 -75.41 16.50 6.72
C GLY B 401 -75.46 15.40 5.70
N ASP B 402 -76.54 15.32 4.90
CA ASP B 402 -76.72 14.21 3.96
C ASP B 402 -75.66 14.21 2.87
N GLN B 403 -75.68 15.17 1.96
CA GLN B 403 -74.72 15.31 0.87
C GLN B 403 -74.87 14.36 -0.31
N THR B 404 -75.75 13.36 -0.25
CA THR B 404 -76.00 12.51 -1.40
C THR B 404 -76.51 13.36 -2.56
N SER B 405 -76.26 12.92 -3.79
CA SER B 405 -76.61 13.69 -4.96
C SER B 405 -78.11 13.92 -5.16
N THR B 406 -78.35 15.09 -5.73
CA THR B 406 -79.70 15.55 -6.04
C THR B 406 -80.04 15.39 -7.53
N ILE B 407 -79.19 14.60 -8.24
CA ILE B 407 -79.40 14.25 -9.64
C ILE B 407 -80.29 13.04 -9.59
N THR B 408 -81.03 12.84 -10.66
CA THR B 408 -81.90 11.68 -10.82
C THR B 408 -81.63 10.93 -12.13
N LYS B 409 -82.07 9.67 -12.13
CA LYS B 409 -82.04 8.75 -13.27
C LYS B 409 -82.48 9.49 -14.51
N GLU B 410 -83.67 10.05 -14.33
CA GLU B 410 -84.43 10.77 -15.33
C GLU B 410 -83.85 12.05 -15.92
N GLN B 411 -82.87 12.73 -15.30
CA GLN B 411 -82.22 13.89 -15.92
C GLN B 411 -81.06 13.39 -16.77
N LEU B 412 -80.57 12.19 -16.43
CA LEU B 412 -79.47 11.52 -17.15
C LEU B 412 -80.00 10.80 -18.36
N GLU B 413 -80.96 9.87 -18.15
CA GLU B 413 -81.57 9.01 -19.16
C GLU B 413 -82.10 9.66 -20.43
N ILE B 414 -82.51 10.88 -20.18
CA ILE B 414 -83.08 11.77 -21.15
C ILE B 414 -82.07 12.21 -22.20
N ASN B 415 -80.78 12.00 -21.93
CA ASN B 415 -79.65 12.40 -22.77
C ASN B 415 -78.66 11.27 -23.05
N MET B 416 -79.06 10.03 -22.71
CA MET B 416 -78.26 8.81 -22.92
C MET B 416 -78.83 8.05 -24.12
N GLY B 417 -79.59 8.78 -24.95
CA GLY B 417 -80.32 8.19 -26.05
C GLY B 417 -81.50 7.47 -25.43
N GLY B 418 -81.26 6.18 -25.19
CA GLY B 418 -82.25 5.32 -24.57
C GLY B 418 -81.70 4.24 -23.65
N VAL B 419 -80.52 4.40 -23.03
CA VAL B 419 -80.02 3.42 -22.04
C VAL B 419 -80.59 3.84 -20.69
N THR B 420 -80.92 2.89 -19.80
CA THR B 420 -81.35 3.29 -18.46
C THR B 420 -80.12 3.30 -17.57
N VAL B 421 -80.16 4.15 -16.55
CA VAL B 421 -79.06 4.31 -15.61
C VAL B 421 -78.68 2.96 -15.04
N GLU B 422 -79.67 2.12 -14.72
CA GLU B 422 -79.44 0.79 -14.19
C GLU B 422 -78.64 -0.08 -15.13
N GLU B 423 -79.05 -0.06 -16.39
CA GLU B 423 -78.38 -0.81 -17.43
C GLU B 423 -76.97 -0.31 -17.64
N ALA B 424 -76.77 1.01 -17.54
CA ALA B 424 -75.49 1.67 -17.75
C ALA B 424 -74.49 1.35 -16.67
N LEU B 425 -74.97 1.29 -15.43
CA LEU B 425 -74.18 0.89 -14.26
C LEU B 425 -73.65 -0.52 -14.41
N SER B 426 -74.53 -1.37 -14.94
CA SER B 426 -74.29 -2.79 -15.14
C SER B 426 -73.27 -3.13 -16.19
N THR B 427 -73.29 -2.29 -17.23
CA THR B 427 -72.39 -2.34 -18.38
C THR B 427 -71.17 -1.40 -18.25
N GLN B 428 -71.11 -0.62 -17.14
CA GLN B 428 -70.04 0.30 -16.71
C GLN B 428 -69.74 1.42 -17.70
N ARG B 429 -70.86 2.09 -17.97
CA ARG B 429 -70.95 3.16 -18.95
C ARG B 429 -71.14 4.55 -18.33
N LEU B 430 -71.30 4.63 -16.98
CA LEU B 430 -71.47 5.86 -16.17
C LEU B 430 -70.35 6.01 -15.18
N PHE B 431 -69.86 7.24 -15.25
CA PHE B 431 -68.69 7.67 -14.55
C PHE B 431 -68.92 9.06 -13.98
N ILE B 432 -68.01 9.43 -13.10
CA ILE B 432 -68.15 10.73 -12.47
C ILE B 432 -66.82 11.39 -12.13
N LEU B 433 -66.90 12.71 -12.30
CA LEU B 433 -65.92 13.68 -11.86
C LEU B 433 -66.56 14.30 -10.61
N ASP B 434 -66.38 13.58 -9.48
CA ASP B 434 -66.95 13.98 -8.20
C ASP B 434 -65.94 14.82 -7.40
N TYR B 435 -66.32 16.06 -7.11
CA TYR B 435 -65.47 16.96 -6.34
C TYR B 435 -66.16 17.48 -5.09
N GLN B 436 -67.25 16.81 -4.73
CA GLN B 436 -68.08 17.15 -3.60
C GLN B 436 -67.32 17.08 -2.29
N ASP B 437 -66.63 15.96 -2.14
CA ASP B 437 -65.93 15.64 -0.92
C ASP B 437 -64.72 16.51 -0.62
N ALA B 438 -63.90 16.87 -1.60
CA ALA B 438 -62.73 17.71 -1.42
C ALA B 438 -63.10 19.15 -1.19
N PHE B 439 -64.07 19.65 -1.93
CA PHE B 439 -64.41 21.05 -1.91
C PHE B 439 -65.36 21.52 -0.85
N ILE B 440 -66.51 20.84 -0.63
CA ILE B 440 -67.49 21.19 0.38
C ILE B 440 -66.91 21.47 1.78
N PRO B 441 -65.90 20.74 2.28
CA PRO B 441 -65.23 21.03 3.54
C PRO B 441 -64.52 22.33 3.77
N TYR B 442 -64.43 22.97 2.61
CA TYR B 442 -63.73 24.22 2.37
C TYR B 442 -64.58 25.29 1.74
N LEU B 443 -65.75 25.02 1.14
CA LEU B 443 -66.48 26.12 0.52
C LEU B 443 -66.95 27.19 1.48
N THR B 444 -67.34 26.96 2.75
CA THR B 444 -67.66 28.09 3.60
C THR B 444 -66.39 28.87 3.87
N ARG B 445 -65.23 28.23 4.07
CA ARG B 445 -64.00 28.99 4.14
C ARG B 445 -63.65 29.67 2.83
N ILE B 446 -63.57 29.04 1.65
CA ILE B 446 -63.21 29.77 0.43
C ILE B 446 -64.33 30.70 -0.06
N ASN B 447 -65.63 30.41 0.16
CA ASN B 447 -66.70 31.32 -0.31
C ASN B 447 -67.04 32.43 0.66
N SER B 448 -66.26 32.54 1.76
CA SER B 448 -66.31 33.72 2.64
C SER B 448 -65.26 34.73 2.12
N LEU B 449 -65.47 34.78 0.82
CA LEU B 449 -64.95 35.62 -0.23
C LEU B 449 -63.50 36.11 -0.04
N PRO B 450 -62.99 37.32 -0.41
CA PRO B 450 -63.71 38.52 -0.83
C PRO B 450 -64.22 38.45 -2.27
N THR B 451 -63.42 37.77 -3.12
CA THR B 451 -63.54 37.47 -4.55
C THR B 451 -64.48 36.34 -4.95
N ALA B 452 -64.18 35.18 -4.35
CA ALA B 452 -64.80 33.87 -4.55
C ALA B 452 -66.30 33.61 -4.49
N LYS B 453 -66.87 32.93 -5.48
CA LYS B 453 -68.25 32.47 -5.42
C LYS B 453 -68.22 31.20 -6.28
N ALA B 454 -68.13 30.06 -5.58
CA ALA B 454 -67.93 28.78 -6.23
C ALA B 454 -68.86 27.70 -5.75
N TYR B 455 -68.71 26.49 -6.29
CA TYR B 455 -69.53 25.37 -5.88
C TYR B 455 -68.64 24.12 -5.66
N ALA B 456 -69.27 22.97 -5.38
CA ALA B 456 -68.57 21.69 -5.36
C ALA B 456 -69.29 20.89 -6.44
N THR B 457 -68.51 20.44 -7.43
CA THR B 457 -69.13 19.91 -8.61
C THR B 457 -69.01 18.45 -9.01
N ARG B 458 -70.17 17.80 -8.97
CA ARG B 458 -70.26 16.45 -9.50
C ARG B 458 -70.57 16.58 -10.99
N THR B 459 -69.88 15.90 -11.92
CA THR B 459 -70.24 15.90 -13.33
C THR B 459 -70.46 14.44 -13.66
N ILE B 460 -71.62 14.02 -14.18
CA ILE B 460 -71.85 12.62 -14.61
C ILE B 460 -71.45 12.43 -16.08
N LEU B 461 -70.58 11.46 -16.39
CA LEU B 461 -70.03 11.24 -17.74
C LEU B 461 -70.47 9.92 -18.39
N PHE B 462 -71.16 9.96 -19.54
CA PHE B 462 -71.61 8.76 -20.21
C PHE B 462 -70.70 8.35 -21.33
N LEU B 463 -70.31 7.08 -21.25
CA LEU B 463 -69.49 6.47 -22.29
C LEU B 463 -70.39 6.06 -23.42
N LYS B 464 -70.32 6.78 -24.55
CA LYS B 464 -71.12 6.40 -25.70
C LYS B 464 -70.55 5.19 -26.45
N ASP B 465 -71.26 4.72 -27.47
CA ASP B 465 -70.85 3.54 -28.23
C ASP B 465 -69.54 3.64 -29.02
N ASP B 466 -69.07 4.87 -29.28
CA ASP B 466 -67.81 5.13 -29.96
C ASP B 466 -66.60 5.35 -29.05
N GLY B 467 -66.76 5.16 -27.72
CA GLY B 467 -65.66 5.31 -26.79
C GLY B 467 -65.37 6.76 -26.43
N THR B 468 -66.44 7.52 -26.44
CA THR B 468 -66.41 8.92 -26.14
C THR B 468 -67.21 9.16 -24.87
N LEU B 469 -66.74 10.09 -24.07
CA LEU B 469 -67.51 10.46 -22.91
C LEU B 469 -68.22 11.71 -23.32
N LYS B 470 -69.44 11.82 -22.83
CA LYS B 470 -70.21 13.01 -23.01
C LYS B 470 -70.80 13.34 -21.66
N PRO B 471 -70.82 14.61 -21.25
CA PRO B 471 -71.46 15.04 -20.02
C PRO B 471 -72.98 15.06 -20.07
N LEU B 472 -73.60 14.40 -19.09
CA LEU B 472 -75.05 14.30 -18.94
C LEU B 472 -75.66 15.24 -17.92
N ALA B 473 -74.90 15.76 -16.95
CA ALA B 473 -75.38 16.59 -15.85
C ALA B 473 -74.26 17.04 -14.94
N ILE B 474 -74.34 18.31 -14.49
CA ILE B 474 -73.42 18.93 -13.53
C ILE B 474 -74.20 19.33 -12.27
N GLU B 475 -73.67 19.04 -11.07
CA GLU B 475 -74.35 19.40 -9.84
C GLU B 475 -73.50 20.41 -9.09
N LEU B 476 -74.20 21.48 -8.75
CA LEU B 476 -73.49 22.56 -8.13
C LEU B 476 -74.01 22.68 -6.71
N SER B 477 -73.22 22.16 -5.77
CA SER B 477 -73.55 22.23 -4.37
C SER B 477 -72.76 23.30 -3.65
N LYS B 478 -73.39 24.05 -2.75
CA LYS B 478 -72.64 24.93 -1.85
C LYS B 478 -73.16 24.70 -0.43
N PRO B 479 -72.53 25.11 0.67
CA PRO B 479 -73.14 25.03 2.00
C PRO B 479 -74.25 26.00 2.29
N HIS B 480 -75.07 25.43 3.18
CA HIS B 480 -76.19 26.15 3.79
C HIS B 480 -75.65 27.22 4.76
N PRO B 481 -76.32 28.32 5.12
CA PRO B 481 -76.09 29.02 6.40
C PRO B 481 -76.51 28.35 7.74
N ASP B 482 -75.39 27.79 8.27
CA ASP B 482 -75.05 26.90 9.41
C ASP B 482 -74.86 25.57 8.65
N GLY B 483 -73.67 25.20 8.16
CA GLY B 483 -73.55 24.12 7.18
C GLY B 483 -72.81 22.83 7.49
N ASP B 484 -73.73 22.00 8.01
CA ASP B 484 -73.67 20.66 8.58
C ASP B 484 -75.09 20.07 8.64
N ASN B 485 -76.11 20.88 8.31
CA ASN B 485 -77.51 20.48 8.24
C ASN B 485 -77.95 20.54 6.79
N LEU B 486 -79.06 19.82 6.46
CA LEU B 486 -79.63 19.56 5.11
C LEU B 486 -78.67 18.82 4.17
N GLY B 487 -77.43 19.27 4.36
CA GLY B 487 -76.24 18.98 3.65
C GLY B 487 -76.06 20.25 2.85
N PRO B 488 -75.97 20.09 1.54
CA PRO B 488 -75.72 21.19 0.64
C PRO B 488 -76.95 21.99 0.16
N GLU B 489 -76.72 23.00 -0.68
CA GLU B 489 -77.76 23.64 -1.48
C GLU B 489 -77.27 23.38 -2.88
N SER B 490 -77.96 22.47 -3.58
CA SER B 490 -77.59 22.09 -4.94
C SER B 490 -78.59 22.40 -6.07
N ILE B 491 -78.01 22.60 -7.27
CA ILE B 491 -78.77 22.79 -8.50
C ILE B 491 -78.14 21.96 -9.61
N VAL B 492 -79.00 21.23 -10.33
CA VAL B 492 -78.56 20.42 -11.44
C VAL B 492 -78.88 21.07 -12.77
N VAL B 493 -77.82 21.28 -13.56
CA VAL B 493 -78.01 21.82 -14.89
C VAL B 493 -77.67 20.74 -15.91
N LEU B 494 -78.64 20.56 -16.82
CA LEU B 494 -78.56 19.60 -17.91
C LEU B 494 -78.01 20.19 -19.19
N PRO B 495 -77.41 19.39 -20.14
CA PRO B 495 -76.82 19.83 -21.41
C PRO B 495 -77.74 20.65 -22.31
N ALA B 496 -77.10 21.65 -22.92
CA ALA B 496 -77.82 22.59 -23.72
C ALA B 496 -76.94 23.35 -24.68
N THR B 497 -77.49 23.20 -25.88
CA THR B 497 -76.95 23.71 -27.13
C THR B 497 -77.32 25.15 -27.46
N GLU B 498 -78.53 25.52 -27.03
CA GLU B 498 -79.19 26.79 -27.32
C GLU B 498 -79.83 27.58 -26.20
N GLY B 499 -79.66 28.90 -26.40
CA GLY B 499 -80.26 30.05 -25.72
C GLY B 499 -80.58 29.99 -24.24
N VAL B 500 -79.94 30.96 -23.57
CA VAL B 500 -79.81 31.17 -22.13
C VAL B 500 -79.38 29.88 -21.45
N ASP B 501 -80.07 28.73 -21.53
CA ASP B 501 -79.59 27.49 -20.96
C ASP B 501 -78.31 26.99 -21.62
N SER B 502 -77.89 27.57 -22.75
CA SER B 502 -76.64 27.23 -23.40
C SER B 502 -75.53 27.89 -22.61
N THR B 503 -75.73 29.17 -22.25
CA THR B 503 -74.76 29.87 -21.44
C THR B 503 -74.86 29.43 -19.99
N ILE B 504 -75.99 28.88 -19.53
CA ILE B 504 -76.05 28.35 -18.18
C ILE B 504 -75.23 27.06 -18.11
N TRP B 505 -75.13 26.24 -19.18
CA TRP B 505 -74.31 25.03 -19.12
C TRP B 505 -72.82 25.32 -19.21
N LEU B 506 -72.48 26.33 -20.00
CA LEU B 506 -71.13 26.80 -20.16
C LEU B 506 -70.57 27.37 -18.86
N LEU B 507 -71.51 27.82 -18.04
CA LEU B 507 -71.26 28.45 -16.75
C LEU B 507 -70.99 27.36 -15.73
N ALA B 508 -71.86 26.34 -15.73
CA ALA B 508 -71.73 25.18 -14.87
C ALA B 508 -70.42 24.47 -15.05
N LYS B 509 -70.06 24.35 -16.33
CA LYS B 509 -68.82 23.72 -16.75
C LYS B 509 -67.61 24.47 -16.24
N ALA B 510 -67.67 25.81 -16.26
CA ALA B 510 -66.62 26.70 -15.78
C ALA B 510 -66.33 26.44 -14.31
N HIS B 511 -67.39 26.47 -13.48
CA HIS B 511 -67.26 26.11 -12.08
C HIS B 511 -66.71 24.67 -11.90
N VAL B 512 -67.00 23.71 -12.79
CA VAL B 512 -66.36 22.39 -12.75
C VAL B 512 -64.89 22.55 -13.10
N ILE B 513 -64.45 23.28 -14.12
CA ILE B 513 -63.02 23.34 -14.39
C ILE B 513 -62.29 24.26 -13.40
N VAL B 514 -62.98 25.13 -12.65
CA VAL B 514 -62.36 25.88 -11.54
C VAL B 514 -62.03 24.91 -10.38
N ASN B 515 -62.90 23.91 -10.22
CA ASN B 515 -62.70 22.82 -9.28
C ASN B 515 -61.54 21.94 -9.72
N ASP B 516 -61.53 21.55 -11.01
CA ASP B 516 -60.49 20.70 -11.54
C ASP B 516 -59.14 21.36 -11.57
N SER B 517 -59.03 22.66 -11.85
CA SER B 517 -57.72 23.28 -11.95
C SER B 517 -57.20 23.53 -10.56
N GLY B 518 -58.13 23.72 -9.63
CA GLY B 518 -57.78 23.85 -8.22
C GLY B 518 -57.18 22.54 -7.75
N TYR B 519 -57.94 21.45 -7.83
CA TYR B 519 -57.47 20.13 -7.45
C TYR B 519 -56.31 19.59 -8.27
N HIS B 520 -56.29 19.85 -9.58
CA HIS B 520 -55.13 19.47 -10.35
C HIS B 520 -53.87 20.06 -9.74
N GLN B 521 -53.75 21.39 -9.66
CA GLN B 521 -52.60 22.10 -9.15
C GLN B 521 -52.15 21.73 -7.74
N LEU B 522 -53.12 21.95 -6.87
CA LEU B 522 -52.94 21.70 -5.48
C LEU B 522 -52.70 20.27 -5.17
N VAL B 523 -53.46 19.31 -5.73
CA VAL B 523 -53.29 17.90 -5.38
C VAL B 523 -52.66 16.99 -6.43
N SER B 524 -53.29 16.77 -7.57
CA SER B 524 -52.69 15.97 -8.60
C SER B 524 -51.26 16.37 -8.98
N HIS B 525 -50.91 17.66 -9.04
CA HIS B 525 -49.55 18.02 -9.35
C HIS B 525 -48.76 18.34 -8.11
N TRP B 526 -49.01 19.37 -7.29
CA TRP B 526 -48.11 19.66 -6.18
C TRP B 526 -48.08 18.61 -5.09
N LEU B 527 -49.19 17.97 -4.66
CA LEU B 527 -49.05 17.01 -3.55
C LEU B 527 -48.53 15.66 -3.96
N ASN B 528 -49.12 15.05 -4.99
CA ASN B 528 -48.79 13.68 -5.41
C ASN B 528 -47.56 13.49 -6.26
N THR B 529 -46.85 14.57 -6.42
CA THR B 529 -45.68 14.64 -7.22
C THR B 529 -44.63 15.43 -6.44
N HIS B 530 -44.64 16.76 -6.39
CA HIS B 530 -43.60 17.52 -5.74
C HIS B 530 -43.37 17.23 -4.26
N ALA B 531 -44.43 17.40 -3.47
CA ALA B 531 -44.33 17.37 -2.00
C ALA B 531 -43.88 16.02 -1.47
N VAL B 532 -44.76 15.03 -1.71
CA VAL B 532 -44.68 13.60 -1.47
C VAL B 532 -43.34 12.99 -1.84
N MET B 533 -42.69 13.50 -2.87
CA MET B 533 -41.42 12.99 -3.35
C MET B 533 -40.27 13.54 -2.56
N GLU B 534 -40.40 14.74 -1.99
CA GLU B 534 -39.30 15.27 -1.19
C GLU B 534 -38.88 14.38 0.00
N PRO B 535 -39.69 13.78 0.91
CA PRO B 535 -39.26 12.79 1.90
C PRO B 535 -38.27 11.72 1.42
N PHE B 536 -38.52 11.19 0.23
CA PHE B 536 -37.69 10.17 -0.37
C PHE B 536 -36.32 10.62 -0.78
N ALA B 537 -36.22 11.83 -1.36
CA ALA B 537 -34.94 12.39 -1.79
C ALA B 537 -34.00 12.72 -0.65
N ILE B 538 -34.51 13.21 0.48
CA ILE B 538 -33.70 13.47 1.67
C ILE B 538 -33.26 12.12 2.23
N ALA B 539 -34.19 11.17 2.40
CA ALA B 539 -33.90 9.83 2.89
C ALA B 539 -32.84 9.10 2.11
N THR B 540 -32.90 9.15 0.77
CA THR B 540 -31.93 8.51 -0.06
C THR B 540 -30.55 9.08 0.19
N ASN B 541 -30.36 10.40 0.30
CA ASN B 541 -29.04 10.97 0.57
C ASN B 541 -28.51 10.77 1.99
N ARG B 542 -29.39 10.93 3.00
CA ARG B 542 -29.08 10.70 4.40
C ARG B 542 -28.63 9.29 4.75
N HIS B 543 -29.01 8.24 3.97
CA HIS B 543 -28.82 6.82 4.31
C HIS B 543 -28.40 5.82 3.24
N LEU B 544 -28.40 6.10 1.93
CA LEU B 544 -27.86 5.19 0.91
C LEU B 544 -26.62 5.87 0.38
N SER B 545 -25.46 5.21 0.50
CA SER B 545 -24.17 5.72 0.10
C SER B 545 -24.17 5.89 -1.39
N VAL B 546 -23.34 6.79 -1.88
CA VAL B 546 -23.22 6.98 -3.32
C VAL B 546 -22.75 5.68 -4.03
N LEU B 547 -22.20 4.72 -3.26
CA LEU B 547 -21.79 3.39 -3.74
C LEU B 547 -22.91 2.36 -3.81
N HIS B 548 -24.08 2.71 -3.27
CA HIS B 548 -25.15 1.78 -3.13
C HIS B 548 -25.92 1.66 -4.44
N PRO B 549 -26.27 0.44 -4.94
CA PRO B 549 -27.12 0.19 -6.08
C PRO B 549 -28.48 0.85 -6.13
N ILE B 550 -29.22 1.01 -5.00
CA ILE B 550 -30.51 1.68 -4.99
C ILE B 550 -30.27 3.20 -4.96
N TYR B 551 -29.11 3.70 -4.49
CA TYR B 551 -28.77 5.09 -4.66
C TYR B 551 -28.58 5.19 -6.18
N LYS B 552 -27.57 4.55 -6.80
CA LYS B 552 -27.39 4.56 -8.25
C LYS B 552 -28.66 4.35 -9.09
N LEU B 553 -29.63 3.52 -8.68
CA LEU B 553 -30.92 3.41 -9.34
C LEU B 553 -31.79 4.68 -9.27
N LEU B 554 -32.05 5.15 -8.03
CA LEU B 554 -32.94 6.27 -7.79
C LEU B 554 -32.34 7.67 -7.76
N TYR B 555 -31.03 7.95 -7.68
CA TYR B 555 -30.55 9.33 -7.69
C TYR B 555 -30.92 10.20 -8.90
N PRO B 556 -31.30 9.72 -10.13
CA PRO B 556 -31.68 10.55 -11.28
C PRO B 556 -33.05 11.16 -11.34
N HIS B 557 -33.95 10.56 -10.57
CA HIS B 557 -35.36 10.92 -10.50
C HIS B 557 -35.67 12.01 -9.44
N TYR B 558 -34.62 12.51 -8.82
CA TYR B 558 -34.72 13.55 -7.82
C TYR B 558 -34.07 14.86 -8.29
N ARG B 559 -33.48 14.86 -9.51
CA ARG B 559 -32.83 15.99 -10.10
C ARG B 559 -33.68 17.25 -10.16
N ASP B 560 -33.22 18.22 -9.37
CA ASP B 560 -33.84 19.50 -9.12
C ASP B 560 -35.20 19.45 -8.45
N THR B 561 -35.51 18.34 -7.77
CA THR B 561 -36.79 18.27 -7.07
C THR B 561 -36.79 19.05 -5.78
N ILE B 562 -35.70 19.02 -5.00
CA ILE B 562 -35.63 19.74 -3.74
C ILE B 562 -35.49 21.26 -3.92
N ASN B 563 -34.91 21.59 -5.07
CA ASN B 563 -34.67 22.92 -5.56
C ASN B 563 -35.92 23.58 -6.09
N ILE B 564 -36.77 23.01 -6.96
CA ILE B 564 -38.00 23.75 -7.29
C ILE B 564 -39.02 23.71 -6.18
N ASN B 565 -38.89 22.84 -5.17
CA ASN B 565 -39.80 22.86 -4.06
C ASN B 565 -39.47 24.01 -3.13
N GLY B 566 -38.17 24.28 -2.93
CA GLY B 566 -37.67 25.42 -2.18
C GLY B 566 -38.09 26.72 -2.82
N LEU B 567 -37.83 26.94 -4.11
CA LEU B 567 -38.36 28.09 -4.83
C LEU B 567 -39.86 28.07 -4.73
N ALA B 568 -40.61 26.97 -4.69
CA ALA B 568 -42.04 27.07 -4.60
C ALA B 568 -42.46 27.48 -3.21
N ARG B 569 -41.75 27.09 -2.14
CA ARG B 569 -42.15 27.52 -0.80
C ARG B 569 -41.85 29.00 -0.59
N GLN B 570 -40.90 29.57 -1.35
CA GLN B 570 -40.51 30.97 -1.25
C GLN B 570 -41.22 31.87 -2.23
N SER B 571 -41.75 31.34 -3.34
CA SER B 571 -42.41 32.15 -4.37
C SER B 571 -43.80 31.78 -4.88
N LEU B 572 -44.15 30.49 -4.97
CA LEU B 572 -45.43 30.02 -5.47
C LEU B 572 -46.51 29.76 -4.43
N ILE B 573 -46.18 28.93 -3.41
CA ILE B 573 -47.13 28.44 -2.39
C ILE B 573 -47.10 29.13 -1.02
N ASN B 574 -46.21 30.08 -0.92
CA ASN B 574 -46.00 30.97 0.21
C ASN B 574 -47.20 31.89 0.43
N ALA B 575 -47.22 32.64 1.53
CA ALA B 575 -48.33 33.52 1.83
C ALA B 575 -48.22 34.71 0.92
N ASP B 576 -49.24 34.61 0.09
CA ASP B 576 -49.66 35.54 -0.95
C ASP B 576 -48.94 35.43 -2.28
N GLY B 577 -48.37 34.27 -2.58
CA GLY B 577 -47.67 34.08 -3.82
C GLY B 577 -48.60 33.80 -4.97
N ILE B 578 -47.94 33.31 -6.02
CA ILE B 578 -48.57 33.01 -7.27
C ILE B 578 -49.70 32.02 -7.16
N ILE B 579 -49.57 30.82 -6.56
CA ILE B 579 -50.65 29.82 -6.55
C ILE B 579 -51.88 30.34 -5.79
N GLU B 580 -51.69 31.10 -4.70
CA GLU B 580 -52.80 31.60 -3.91
C GLU B 580 -53.66 32.67 -4.59
N LYS B 581 -52.91 33.56 -5.29
CA LYS B 581 -53.49 34.63 -6.07
C LYS B 581 -54.21 34.11 -7.29
N SER B 582 -53.57 33.15 -7.97
CA SER B 582 -54.04 32.49 -9.18
C SER B 582 -55.12 31.44 -8.96
N PHE B 583 -55.25 30.68 -7.86
CA PHE B 583 -56.29 29.62 -7.72
C PHE B 583 -57.34 29.77 -6.61
N LEU B 584 -58.50 29.17 -6.88
CA LEU B 584 -59.67 29.33 -6.05
C LEU B 584 -59.55 29.18 -4.54
N PRO B 585 -58.90 28.17 -3.90
CA PRO B 585 -58.87 28.04 -2.46
C PRO B 585 -58.32 29.34 -1.87
N GLY B 586 -57.25 29.91 -2.41
CA GLY B 586 -56.74 31.17 -1.92
C GLY B 586 -55.78 30.92 -0.80
N LYS B 587 -55.92 31.57 0.35
CA LYS B 587 -55.02 31.30 1.47
C LYS B 587 -55.17 29.91 2.04
N TYR B 588 -56.34 29.35 1.79
CA TYR B 588 -56.63 27.98 2.14
C TYR B 588 -56.07 26.96 1.15
N SER B 589 -55.24 27.33 0.16
CA SER B 589 -54.78 26.45 -0.91
C SER B 589 -53.92 25.28 -0.50
N ILE B 590 -52.81 25.51 0.21
CA ILE B 590 -51.92 24.47 0.64
C ILE B 590 -52.54 23.71 1.83
N GLU B 591 -53.23 24.37 2.75
CA GLU B 591 -53.96 23.73 3.83
C GLU B 591 -54.90 22.69 3.27
N MET B 592 -55.53 22.93 2.11
CA MET B 592 -56.34 21.95 1.40
C MET B 592 -55.58 20.72 0.90
N SER B 593 -54.33 20.86 0.40
CA SER B 593 -53.56 19.72 0.00
C SER B 593 -53.21 18.86 1.18
N SER B 594 -53.06 19.48 2.37
CA SER B 594 -52.84 18.78 3.66
C SER B 594 -54.03 17.93 4.04
N SER B 595 -55.26 18.40 3.83
CA SER B 595 -56.44 17.61 4.02
C SER B 595 -56.50 16.41 3.10
N VAL B 596 -56.24 16.58 1.81
CA VAL B 596 -56.28 15.49 0.85
C VAL B 596 -55.14 14.53 1.12
N TYR B 597 -54.04 14.98 1.72
CA TYR B 597 -52.93 14.12 2.12
C TYR B 597 -53.35 13.08 3.15
N LYS B 598 -54.32 13.36 4.01
CA LYS B 598 -54.86 12.38 4.94
C LYS B 598 -55.28 11.11 4.18
N ASN B 599 -55.70 11.26 2.92
CA ASN B 599 -56.08 10.13 2.07
C ASN B 599 -55.04 9.66 1.05
N TRP B 600 -53.79 10.15 1.12
CA TRP B 600 -52.76 9.64 0.23
C TRP B 600 -52.20 8.29 0.68
N VAL B 601 -52.13 7.39 -0.32
CA VAL B 601 -51.62 6.05 -0.10
C VAL B 601 -50.35 5.86 -0.92
N PHE B 602 -49.16 5.64 -0.31
CA PHE B 602 -47.88 5.48 -0.99
C PHE B 602 -48.07 4.45 -2.08
N THR B 603 -48.79 3.36 -1.75
CA THR B 603 -48.99 2.21 -2.66
C THR B 603 -49.95 2.35 -3.84
N HIS B 604 -51.01 3.16 -3.70
CA HIS B 604 -52.00 3.43 -4.72
C HIS B 604 -51.58 4.42 -5.79
N GLN B 605 -50.33 4.81 -5.71
CA GLN B 605 -49.78 5.75 -6.64
C GLN B 605 -49.47 5.17 -8.00
N ALA B 606 -49.08 3.89 -7.88
CA ALA B 606 -48.76 2.92 -8.93
C ALA B 606 -49.91 2.89 -9.95
N LEU B 607 -49.70 2.95 -11.29
CA LEU B 607 -50.87 3.06 -12.14
C LEU B 607 -51.86 1.92 -12.00
N PRO B 608 -51.59 0.60 -12.05
CA PRO B 608 -52.61 -0.43 -12.10
C PRO B 608 -53.60 -0.33 -10.97
N ALA B 609 -52.98 -0.04 -9.79
CA ALA B 609 -53.59 0.17 -8.47
C ALA B 609 -54.45 1.42 -8.43
N ASP B 610 -53.96 2.50 -9.09
CA ASP B 610 -54.79 3.67 -9.30
C ASP B 610 -56.00 3.36 -10.19
N LEU B 611 -55.84 2.72 -11.38
CA LEU B 611 -56.96 2.44 -12.28
C LEU B 611 -58.00 1.52 -11.66
N VAL B 612 -57.60 0.58 -10.79
CA VAL B 612 -58.52 -0.33 -10.18
C VAL B 612 -59.28 0.25 -9.01
N LYS B 613 -58.65 1.10 -8.19
CA LYS B 613 -59.34 1.76 -7.09
C LYS B 613 -60.46 2.65 -7.63
N ARG B 614 -60.27 3.30 -8.81
CA ARG B 614 -61.26 4.21 -9.41
C ARG B 614 -62.28 3.53 -10.34
N GLY B 615 -62.22 2.21 -10.55
CA GLY B 615 -63.18 1.48 -11.37
C GLY B 615 -62.96 1.56 -12.87
N LEU B 616 -61.84 2.14 -13.35
CA LEU B 616 -61.57 2.24 -14.77
C LEU B 616 -60.69 1.13 -15.29
N ALA B 617 -60.45 0.17 -14.39
CA ALA B 617 -59.70 -1.03 -14.69
C ALA B 617 -60.24 -2.15 -13.85
N ILE B 618 -60.44 -3.27 -14.53
CA ILE B 618 -60.96 -4.48 -13.94
C ILE B 618 -59.81 -5.46 -13.95
N GLU B 619 -59.63 -6.17 -12.83
CA GLU B 619 -58.57 -7.17 -12.77
C GLU B 619 -59.05 -8.39 -13.52
N ASP B 620 -58.34 -8.61 -14.64
CA ASP B 620 -58.68 -9.61 -15.66
C ASP B 620 -57.47 -10.40 -16.19
N PRO B 621 -57.57 -11.55 -16.91
CA PRO B 621 -56.48 -12.51 -17.11
C PRO B 621 -55.38 -12.08 -18.11
N SER B 622 -55.58 -12.39 -19.40
CA SER B 622 -54.72 -11.92 -20.47
C SER B 622 -55.60 -10.77 -20.93
N ALA B 623 -55.43 -9.69 -20.17
CA ALA B 623 -56.27 -8.54 -20.34
C ALA B 623 -55.90 -7.42 -21.32
N PRO B 624 -54.69 -6.88 -21.57
CA PRO B 624 -53.38 -7.49 -21.36
C PRO B 624 -52.61 -7.44 -20.04
N HIS B 625 -52.32 -6.22 -19.54
CA HIS B 625 -51.51 -5.94 -18.34
C HIS B 625 -51.97 -6.55 -17.00
N GLY B 626 -52.97 -7.43 -17.08
CA GLY B 626 -53.65 -7.96 -15.91
C GLY B 626 -54.80 -7.03 -15.56
N LEU B 627 -55.17 -6.20 -16.56
CA LEU B 627 -56.13 -5.12 -16.39
C LEU B 627 -57.07 -4.86 -17.55
N ARG B 628 -58.35 -5.27 -17.57
CA ARG B 628 -59.17 -4.79 -18.69
C ARG B 628 -59.69 -3.41 -18.34
N LEU B 629 -59.31 -2.47 -19.17
CA LEU B 629 -59.80 -1.13 -19.02
C LEU B 629 -61.31 -1.05 -19.28
N VAL B 630 -61.99 -0.39 -18.35
CA VAL B 630 -63.40 -0.13 -18.46
C VAL B 630 -63.65 0.89 -19.57
N ILE B 631 -62.76 1.85 -19.77
CA ILE B 631 -62.84 2.71 -20.95
C ILE B 631 -61.48 2.54 -21.65
N GLU B 632 -61.54 1.93 -22.86
CA GLU B 632 -60.36 1.50 -23.63
C GLU B 632 -59.53 2.57 -24.29
N ASP B 633 -60.21 3.61 -24.70
CA ASP B 633 -59.53 4.77 -25.25
C ASP B 633 -59.47 5.75 -24.09
N TYR B 634 -58.57 5.42 -23.17
CA TYR B 634 -58.29 6.25 -22.03
C TYR B 634 -56.80 6.45 -22.17
N PRO B 635 -56.41 7.49 -22.93
CA PRO B 635 -55.08 7.67 -23.46
C PRO B 635 -53.98 7.78 -22.41
N TYR B 636 -54.31 8.37 -21.24
CA TYR B 636 -53.40 8.44 -20.10
C TYR B 636 -53.16 7.05 -19.50
N ALA B 637 -54.27 6.32 -19.30
CA ALA B 637 -54.21 4.97 -18.74
C ALA B 637 -53.43 4.04 -19.63
N VAL B 638 -53.83 3.97 -20.90
CA VAL B 638 -53.24 3.19 -21.99
C VAL B 638 -51.76 3.43 -22.23
N ASP B 639 -51.37 4.69 -22.42
CA ASP B 639 -49.98 5.01 -22.62
C ASP B 639 -49.22 4.93 -21.30
N GLY B 640 -49.86 5.15 -20.14
CA GLY B 640 -49.23 5.10 -18.82
C GLY B 640 -48.94 3.68 -18.36
N LEU B 641 -49.89 2.78 -18.56
CA LEU B 641 -49.73 1.37 -18.28
C LEU B 641 -48.50 0.83 -18.99
N GLU B 642 -48.28 1.12 -20.29
CA GLU B 642 -47.05 0.76 -20.98
C GLU B 642 -45.80 1.40 -20.41
N ILE B 643 -45.76 2.64 -19.89
CA ILE B 643 -44.53 3.17 -19.27
C ILE B 643 -44.32 2.51 -17.92
N TRP B 644 -45.40 2.26 -17.16
CA TRP B 644 -45.38 1.54 -15.90
C TRP B 644 -44.72 0.18 -16.04
N ASP B 645 -45.12 -0.65 -17.04
CA ASP B 645 -44.51 -1.94 -17.34
C ASP B 645 -43.03 -1.82 -17.65
N ALA B 646 -42.65 -0.86 -18.49
CA ALA B 646 -41.27 -0.52 -18.81
C ALA B 646 -40.42 -0.24 -17.58
N ILE B 647 -40.92 0.58 -16.65
CA ILE B 647 -40.20 0.97 -15.43
C ILE B 647 -40.02 -0.22 -14.52
N LYS B 648 -41.15 -0.89 -14.22
CA LYS B 648 -41.25 -2.05 -13.32
C LYS B 648 -40.43 -3.22 -13.85
N THR B 649 -40.29 -3.39 -15.19
CA THR B 649 -39.40 -4.38 -15.77
C THR B 649 -37.97 -3.89 -15.63
N TRP B 650 -37.59 -2.61 -15.84
CA TRP B 650 -36.23 -2.14 -15.62
C TRP B 650 -35.75 -2.28 -14.17
N VAL B 651 -36.58 -1.84 -13.24
CA VAL B 651 -36.28 -1.92 -11.83
C VAL B 651 -36.15 -3.40 -11.43
N HIS B 652 -37.05 -4.30 -11.87
CA HIS B 652 -37.00 -5.71 -11.57
C HIS B 652 -35.70 -6.30 -11.98
N GLU B 653 -35.15 -5.93 -13.12
CA GLU B 653 -33.88 -6.47 -13.56
C GLU B 653 -32.70 -5.99 -12.79
N TYR B 654 -32.80 -4.70 -12.45
CA TYR B 654 -31.75 -4.03 -11.75
C TYR B 654 -31.61 -4.51 -10.34
N VAL B 655 -32.64 -4.45 -9.49
CA VAL B 655 -32.41 -4.88 -8.12
C VAL B 655 -32.14 -6.37 -8.19
N SER B 656 -32.70 -7.13 -9.16
CA SER B 656 -32.44 -8.56 -9.29
C SER B 656 -31.01 -8.95 -9.54
N LEU B 657 -30.13 -7.99 -9.85
CA LEU B 657 -28.71 -8.22 -9.93
C LEU B 657 -27.97 -8.05 -8.58
N TYR B 658 -28.60 -7.39 -7.58
CA TYR B 658 -27.92 -7.11 -6.31
C TYR B 658 -28.56 -7.82 -5.13
N TYR B 659 -29.87 -8.07 -5.25
CA TYR B 659 -30.63 -8.75 -4.24
C TYR B 659 -31.06 -10.09 -4.82
N PRO B 660 -30.20 -11.14 -4.60
CA PRO B 660 -30.34 -12.51 -5.12
C PRO B 660 -31.52 -13.23 -4.51
N THR B 661 -31.67 -12.92 -3.22
CA THR B 661 -32.72 -13.45 -2.37
C THR B 661 -33.38 -12.37 -1.50
N ASP B 662 -34.54 -12.68 -0.90
CA ASP B 662 -35.21 -11.81 0.06
C ASP B 662 -34.34 -11.46 1.25
N ALA B 663 -33.53 -12.43 1.65
CA ALA B 663 -32.62 -12.35 2.79
C ALA B 663 -31.57 -11.28 2.67
N ALA B 664 -31.06 -11.04 1.47
CA ALA B 664 -30.10 -9.97 1.25
C ALA B 664 -30.73 -8.57 1.21
N VAL B 665 -32.06 -8.47 1.14
CA VAL B 665 -32.77 -7.19 1.24
C VAL B 665 -32.85 -6.87 2.71
N GLN B 666 -33.39 -7.82 3.49
CA GLN B 666 -33.52 -7.76 4.96
C GLN B 666 -32.19 -7.50 5.66
N GLN B 667 -31.11 -8.09 5.17
CA GLN B 667 -29.79 -7.83 5.71
C GLN B 667 -29.12 -6.58 5.13
N ASP B 668 -29.81 -5.80 4.28
CA ASP B 668 -29.24 -4.56 3.78
C ASP B 668 -29.56 -3.48 4.77
N THR B 669 -28.48 -3.17 5.46
CA THR B 669 -28.47 -2.21 6.54
C THR B 669 -28.94 -0.79 6.20
N GLU B 670 -28.40 -0.28 5.09
CA GLU B 670 -28.71 1.04 4.63
C GLU B 670 -30.12 1.16 4.10
N LEU B 671 -30.55 0.18 3.30
CA LEU B 671 -31.89 0.13 2.72
C LEU B 671 -32.93 0.06 3.81
N GLN B 672 -32.57 -0.67 4.87
CA GLN B 672 -33.44 -0.82 6.01
C GLN B 672 -33.67 0.50 6.77
N ALA B 673 -32.63 1.30 7.03
CA ALA B 673 -32.80 2.60 7.66
C ALA B 673 -33.39 3.61 6.70
N TRP B 674 -33.03 3.54 5.40
CA TRP B 674 -33.52 4.40 4.31
C TRP B 674 -35.03 4.38 4.29
N TRP B 675 -35.62 3.20 4.20
CA TRP B 675 -37.04 3.09 4.15
C TRP B 675 -37.70 3.41 5.48
N LYS B 676 -37.07 3.12 6.61
CA LYS B 676 -37.73 3.40 7.87
C LYS B 676 -37.77 4.91 8.06
N GLU B 677 -36.67 5.58 7.73
CA GLU B 677 -36.65 7.03 7.82
C GLU B 677 -37.56 7.68 6.79
N ALA B 678 -37.65 7.19 5.56
CA ALA B 678 -38.52 7.75 4.55
C ALA B 678 -39.98 7.71 5.00
N VAL B 679 -40.42 6.63 5.65
CA VAL B 679 -41.78 6.48 6.19
C VAL B 679 -42.00 7.19 7.52
N GLU B 680 -41.12 7.03 8.49
CA GLU B 680 -41.32 7.60 9.82
C GLU B 680 -41.00 9.05 10.02
N LYS B 681 -39.88 9.48 9.49
CA LYS B 681 -39.47 10.85 9.63
C LYS B 681 -40.03 11.52 8.40
N GLY B 682 -39.59 11.14 7.21
CA GLY B 682 -40.05 11.66 5.96
C GLY B 682 -41.55 11.79 5.79
N HIS B 683 -42.30 10.74 6.10
CA HIS B 683 -43.76 10.76 5.94
C HIS B 683 -44.48 10.53 7.27
N GLY B 684 -43.94 11.18 8.30
CA GLY B 684 -44.30 11.01 9.71
C GLY B 684 -45.75 10.87 10.08
N ASP B 685 -46.59 11.78 9.58
CA ASP B 685 -47.96 11.83 9.97
C ASP B 685 -48.80 10.71 9.38
N LEU B 686 -48.17 9.82 8.61
CA LEU B 686 -48.86 8.65 8.11
C LEU B 686 -48.10 7.36 8.47
N LYS B 687 -47.07 7.38 9.33
CA LYS B 687 -46.18 6.24 9.53
C LYS B 687 -46.70 4.93 10.08
N GLU B 688 -47.95 5.01 10.51
CA GLU B 688 -48.69 3.94 11.15
C GLU B 688 -49.72 3.29 10.26
N LYS B 689 -49.94 3.91 9.10
CA LYS B 689 -50.92 3.46 8.15
C LYS B 689 -50.65 2.05 7.68
N PRO B 690 -51.61 1.10 7.70
CA PRO B 690 -51.41 -0.33 7.46
C PRO B 690 -50.71 -0.68 6.14
N TRP B 691 -51.03 0.08 5.09
CA TRP B 691 -50.49 -0.06 3.73
C TRP B 691 -49.01 0.04 3.48
N TRP B 692 -48.22 0.62 4.40
CA TRP B 692 -46.81 0.84 4.13
C TRP B 692 -46.05 -0.47 3.94
N PRO B 693 -45.34 -0.59 2.83
CA PRO B 693 -44.36 -1.64 2.65
C PRO B 693 -43.22 -1.68 3.67
N LYS B 694 -42.62 -2.85 3.54
CA LYS B 694 -41.46 -3.28 4.29
C LYS B 694 -40.35 -3.44 3.25
N LYS B 695 -39.13 -3.76 3.68
CA LYS B 695 -38.07 -4.11 2.75
C LYS B 695 -37.61 -5.49 3.17
N GLN B 696 -38.57 -6.42 3.12
CA GLN B 696 -38.38 -7.79 3.54
C GLN B 696 -38.13 -8.80 2.44
N THR B 697 -38.64 -8.50 1.25
CA THR B 697 -38.51 -9.34 0.07
C THR B 697 -37.92 -8.56 -1.08
N THR B 698 -37.78 -9.30 -2.18
CA THR B 698 -37.26 -8.79 -3.43
C THR B 698 -38.30 -7.87 -4.09
N GLU B 699 -39.60 -8.18 -4.05
CA GLU B 699 -40.63 -7.38 -4.70
C GLU B 699 -41.19 -6.26 -3.82
N ASP B 700 -41.09 -6.26 -2.48
CA ASP B 700 -41.40 -5.11 -1.63
C ASP B 700 -40.51 -3.96 -2.16
N LEU B 701 -39.19 -4.19 -2.35
CA LEU B 701 -38.25 -3.22 -2.85
C LEU B 701 -38.56 -2.84 -4.27
N ILE B 702 -38.79 -3.77 -5.20
CA ILE B 702 -39.07 -3.48 -6.60
C ILE B 702 -40.32 -2.61 -6.72
N GLN B 703 -41.43 -2.89 -6.03
CA GLN B 703 -42.63 -2.07 -6.17
C GLN B 703 -42.49 -0.67 -5.59
N SER B 704 -41.78 -0.49 -4.48
CA SER B 704 -41.57 0.81 -3.86
C SER B 704 -40.70 1.66 -4.73
N CYS B 705 -39.68 1.06 -5.32
CA CYS B 705 -38.87 1.70 -6.33
C CYS B 705 -39.61 1.91 -7.63
N SER B 706 -40.66 1.17 -7.99
CA SER B 706 -41.40 1.35 -9.21
C SER B 706 -42.31 2.55 -9.07
N ILE B 707 -42.89 2.68 -7.88
CA ILE B 707 -43.75 3.78 -7.52
C ILE B 707 -43.01 5.11 -7.55
N ILE B 708 -41.81 5.17 -6.97
CA ILE B 708 -41.01 6.37 -6.96
C ILE B 708 -40.57 6.79 -8.35
N VAL B 709 -40.18 5.87 -9.20
CA VAL B 709 -39.79 6.23 -10.55
C VAL B 709 -41.02 6.66 -11.33
N TRP B 710 -42.19 6.03 -11.26
CA TRP B 710 -43.36 6.52 -11.97
C TRP B 710 -43.77 7.93 -11.57
N THR B 711 -43.93 8.24 -10.27
CA THR B 711 -44.31 9.59 -9.81
C THR B 711 -43.36 10.72 -10.20
N ALA B 712 -42.10 10.36 -10.27
CA ALA B 712 -41.07 11.30 -10.67
C ALA B 712 -41.02 11.59 -12.14
N SER B 713 -41.16 10.54 -12.95
CA SER B 713 -41.04 10.58 -14.38
C SER B 713 -42.37 10.74 -15.03
N ALA B 714 -43.17 9.69 -15.17
CA ALA B 714 -44.43 9.79 -15.87
C ALA B 714 -45.66 10.30 -15.19
N LEU B 715 -45.84 10.26 -13.85
CA LEU B 715 -47.04 10.89 -13.24
C LEU B 715 -46.91 12.38 -13.44
N HIS B 716 -45.71 12.87 -13.08
CA HIS B 716 -45.38 14.29 -13.14
C HIS B 716 -45.49 14.82 -14.55
N ALA B 717 -44.71 14.26 -15.49
CA ALA B 717 -44.73 14.69 -16.87
C ALA B 717 -46.14 14.78 -17.45
N ALA B 718 -47.02 13.82 -17.13
CA ALA B 718 -48.44 13.81 -17.52
C ALA B 718 -49.40 14.82 -16.87
N VAL B 719 -49.08 15.39 -15.69
CA VAL B 719 -49.93 16.39 -15.06
C VAL B 719 -49.25 17.75 -15.10
N ASN B 720 -47.99 17.83 -15.54
CA ASN B 720 -47.38 19.13 -15.63
C ASN B 720 -47.11 19.66 -17.04
N PHE B 721 -46.70 18.91 -18.09
CA PHE B 721 -46.45 19.54 -19.40
C PHE B 721 -47.66 19.87 -20.26
N GLY B 722 -48.84 19.61 -19.70
CA GLY B 722 -50.11 19.91 -20.32
C GLY B 722 -50.80 21.13 -19.75
N GLN B 723 -50.20 21.71 -18.72
CA GLN B 723 -50.53 22.90 -17.95
C GLN B 723 -50.83 24.06 -18.89
N TYR B 724 -49.83 24.79 -19.41
CA TYR B 724 -50.06 25.79 -20.45
C TYR B 724 -50.62 25.31 -21.82
N PRO B 725 -50.22 24.25 -22.56
CA PRO B 725 -50.97 23.68 -23.69
C PRO B 725 -52.49 23.70 -23.68
N TYR B 726 -53.08 23.25 -22.57
CA TYR B 726 -54.51 23.19 -22.36
C TYR B 726 -55.07 24.41 -21.64
N GLY B 727 -54.27 25.04 -20.81
CA GLY B 727 -54.78 26.15 -20.03
C GLY B 727 -54.06 27.44 -20.26
N GLY B 728 -53.54 27.64 -21.48
CA GLY B 728 -52.98 28.89 -21.93
C GLY B 728 -54.10 29.82 -22.37
N LEU B 729 -55.24 29.15 -22.61
CA LEU B 729 -56.51 29.76 -22.88
C LEU B 729 -57.16 29.68 -21.51
N ILE B 730 -57.34 30.80 -20.82
CA ILE B 730 -57.98 30.77 -19.51
C ILE B 730 -59.45 30.40 -19.65
N LEU B 731 -60.01 30.40 -20.88
CA LEU B 731 -61.41 30.12 -21.12
C LEU B 731 -61.70 28.65 -21.00
N ASN B 732 -60.72 27.86 -21.46
CA ASN B 732 -60.76 26.41 -21.35
C ASN B 732 -60.43 25.97 -19.93
N ARG B 733 -59.36 26.54 -19.31
CA ARG B 733 -58.96 26.21 -17.95
C ARG B 733 -58.94 27.40 -16.97
N PRO B 734 -60.12 27.84 -16.50
CA PRO B 734 -60.30 28.85 -15.46
C PRO B 734 -59.92 28.42 -14.06
N THR B 735 -59.16 29.29 -13.41
CA THR B 735 -58.58 29.03 -12.09
C THR B 735 -59.39 29.53 -10.91
N LEU B 736 -60.16 30.61 -11.17
CA LEU B 736 -61.02 31.34 -10.23
C LEU B 736 -62.53 31.34 -10.48
N ALA B 737 -63.38 31.34 -9.46
CA ALA B 737 -64.79 31.42 -9.71
C ALA B 737 -65.26 32.60 -8.90
N ARG B 738 -65.82 33.63 -9.58
CA ARG B 738 -66.24 34.91 -9.00
C ARG B 738 -67.73 35.28 -8.97
N ARG B 739 -68.62 34.32 -9.28
CA ARG B 739 -70.06 34.52 -9.32
C ARG B 739 -70.73 33.18 -9.39
N PHE B 740 -71.90 33.08 -8.76
CA PHE B 740 -72.68 31.88 -8.82
C PHE B 740 -73.37 31.84 -10.17
N ILE B 741 -74.33 30.94 -10.34
CA ILE B 741 -75.12 30.88 -11.55
C ILE B 741 -76.14 32.01 -11.34
N PRO B 742 -76.24 33.03 -12.22
CA PRO B 742 -77.30 34.01 -12.27
C PRO B 742 -78.69 33.46 -12.09
N ALA B 743 -79.37 34.05 -11.10
CA ALA B 743 -80.72 33.67 -10.73
C ALA B 743 -81.74 34.43 -11.55
N GLU B 744 -82.63 33.69 -12.21
CA GLU B 744 -83.65 34.24 -13.12
C GLU B 744 -84.39 35.43 -12.54
N GLY B 745 -84.31 36.53 -13.28
CA GLY B 745 -84.93 37.78 -12.88
C GLY B 745 -83.93 38.90 -12.55
N THR B 746 -82.69 38.61 -12.12
CA THR B 746 -81.65 39.58 -11.74
C THR B 746 -80.92 40.34 -12.86
N PRO B 747 -80.19 41.46 -12.61
CA PRO B 747 -79.27 42.07 -13.57
C PRO B 747 -78.08 41.24 -14.09
N GLU B 748 -77.73 40.20 -13.34
CA GLU B 748 -76.67 39.27 -13.73
C GLU B 748 -77.26 38.33 -14.77
N TYR B 749 -78.54 37.97 -14.53
CA TYR B 749 -79.31 37.09 -15.40
C TYR B 749 -79.68 37.80 -16.68
N ASP B 750 -80.02 39.09 -16.61
CA ASP B 750 -80.27 39.82 -17.82
C ASP B 750 -78.98 40.09 -18.57
N GLU B 751 -77.86 40.48 -17.94
CA GLU B 751 -76.58 40.65 -18.63
C GLU B 751 -76.06 39.36 -19.27
N MET B 752 -76.53 38.21 -18.81
CA MET B 752 -76.13 36.91 -19.33
C MET B 752 -76.85 36.56 -20.63
N VAL B 753 -78.12 36.99 -20.74
CA VAL B 753 -78.89 36.77 -21.95
C VAL B 753 -78.48 37.80 -23.00
N LYS B 754 -78.29 39.05 -22.57
CA LYS B 754 -77.85 40.10 -23.46
C LYS B 754 -76.40 39.88 -23.89
N ASN B 755 -75.58 39.30 -23.01
CA ASN B 755 -74.16 39.12 -23.28
C ASN B 755 -73.64 37.90 -22.52
N PRO B 756 -73.72 36.70 -23.12
CA PRO B 756 -73.20 35.45 -22.61
C PRO B 756 -71.70 35.45 -22.37
N GLN B 757 -70.91 36.24 -23.10
CA GLN B 757 -69.48 36.35 -22.88
C GLN B 757 -69.07 37.30 -21.78
N LYS B 758 -69.93 38.23 -21.33
CA LYS B 758 -69.53 39.07 -20.22
C LYS B 758 -69.92 38.24 -19.02
N ALA B 759 -71.12 37.61 -19.01
CA ALA B 759 -71.52 36.66 -17.97
C ALA B 759 -70.37 35.69 -17.66
N TYR B 760 -69.81 35.04 -18.68
CA TYR B 760 -68.69 34.13 -18.56
C TYR B 760 -67.42 34.69 -17.95
N LEU B 761 -66.85 35.72 -18.56
CA LEU B 761 -65.62 36.31 -18.13
C LEU B 761 -65.68 36.97 -16.78
N ARG B 762 -66.89 37.45 -16.48
CA ARG B 762 -67.18 38.01 -15.18
C ARG B 762 -67.31 36.91 -14.15
N THR B 763 -67.61 35.65 -14.52
CA THR B 763 -67.55 34.66 -13.47
C THR B 763 -66.18 34.00 -13.40
N ILE B 764 -65.14 34.30 -14.18
CA ILE B 764 -63.87 33.60 -13.98
C ILE B 764 -62.66 34.52 -13.83
N THR B 765 -61.44 33.99 -13.88
CA THR B 765 -60.19 34.70 -13.77
C THR B 765 -60.09 36.06 -14.46
N PRO B 766 -59.91 37.16 -13.70
CA PRO B 766 -59.56 38.50 -14.18
C PRO B 766 -58.33 38.59 -15.07
N LYS B 767 -58.11 39.76 -15.68
CA LYS B 767 -57.00 39.99 -16.59
C LYS B 767 -55.68 39.85 -15.87
N PHE B 768 -55.65 40.34 -14.63
CA PHE B 768 -54.41 40.33 -13.87
C PHE B 768 -53.95 38.94 -13.51
N GLU B 769 -54.86 38.18 -12.85
CA GLU B 769 -54.63 36.81 -12.42
C GLU B 769 -54.41 35.88 -13.59
N THR B 770 -55.08 36.10 -14.75
CA THR B 770 -54.84 35.40 -16.02
C THR B 770 -53.39 35.70 -16.40
N LEU B 771 -52.90 36.94 -16.47
CA LEU B 771 -51.49 37.15 -16.73
C LEU B 771 -50.57 36.51 -15.66
N ILE B 772 -50.85 36.48 -14.33
CA ILE B 772 -50.06 35.81 -13.25
C ILE B 772 -49.97 34.31 -13.54
N ASP B 773 -51.14 33.73 -13.82
CA ASP B 773 -51.37 32.32 -14.15
C ASP B 773 -50.67 31.95 -15.43
N LEU B 774 -51.10 32.42 -16.62
CA LEU B 774 -50.52 32.05 -17.89
C LEU B 774 -49.03 32.20 -17.89
N SER B 775 -48.45 33.21 -17.23
CA SER B 775 -47.00 33.37 -17.20
C SER B 775 -46.29 32.31 -16.35
N VAL B 776 -46.71 31.97 -15.12
CA VAL B 776 -46.06 30.89 -14.39
C VAL B 776 -46.45 29.55 -15.02
N ILE B 777 -47.72 29.32 -15.40
CA ILE B 777 -48.15 28.08 -16.02
C ILE B 777 -47.39 27.83 -17.30
N GLU B 778 -46.80 28.87 -17.91
CA GLU B 778 -45.94 28.72 -19.07
C GLU B 778 -44.53 28.45 -18.62
N ILE B 779 -43.89 29.08 -17.63
CA ILE B 779 -42.53 28.70 -17.25
C ILE B 779 -42.54 27.29 -16.64
N LEU B 780 -43.70 26.76 -16.23
CA LEU B 780 -43.81 25.41 -15.68
C LEU B 780 -43.92 24.30 -16.71
N SER B 781 -44.54 24.47 -17.90
CA SER B 781 -44.67 23.40 -18.87
C SER B 781 -43.58 23.37 -19.94
N ARG B 782 -42.41 23.93 -19.68
CA ARG B 782 -41.39 24.01 -20.69
C ARG B 782 -40.13 23.22 -20.35
N HIS B 783 -39.50 22.53 -21.32
CA HIS B 783 -38.30 21.74 -21.04
C HIS B 783 -37.02 22.50 -21.25
N ALA B 784 -36.16 22.39 -20.24
CA ALA B 784 -34.84 22.95 -20.36
C ALA B 784 -34.14 22.15 -21.46
N SER B 785 -33.26 22.79 -22.25
CA SER B 785 -32.59 22.09 -23.35
C SER B 785 -31.71 20.94 -22.87
N ASP B 786 -31.15 21.09 -21.66
CA ASP B 786 -30.29 20.12 -20.99
C ASP B 786 -31.00 19.09 -20.12
N GLU B 787 -32.32 19.00 -20.25
CA GLU B 787 -33.12 18.02 -19.53
C GLU B 787 -32.74 16.63 -19.99
N ILE B 788 -32.81 15.76 -18.97
CA ILE B 788 -32.46 14.35 -19.07
C ILE B 788 -33.76 13.60 -18.91
N TYR B 789 -34.15 12.87 -19.96
CA TYR B 789 -35.46 12.20 -20.00
C TYR B 789 -35.50 10.76 -19.46
N LEU B 790 -36.63 10.09 -19.22
CA LEU B 790 -36.75 8.82 -18.50
C LEU B 790 -35.73 7.70 -18.70
N GLY B 791 -35.46 7.27 -19.94
CA GLY B 791 -34.52 6.18 -20.16
C GLY B 791 -33.06 6.59 -20.27
N GLU B 792 -32.79 7.87 -19.97
CA GLU B 792 -31.46 8.44 -20.02
C GLU B 792 -30.81 8.51 -18.64
N ARG B 793 -29.47 8.59 -18.65
CA ARG B 793 -28.69 8.79 -17.45
C ARG B 793 -27.66 9.88 -17.70
N GLU B 794 -27.32 10.71 -16.69
CA GLU B 794 -26.45 11.87 -16.87
C GLU B 794 -25.07 11.55 -17.46
N THR B 795 -24.29 10.70 -16.80
CA THR B 795 -22.99 10.24 -17.27
C THR B 795 -23.11 8.81 -17.81
N PRO B 796 -22.38 8.41 -18.88
CA PRO B 796 -22.41 7.04 -19.41
C PRO B 796 -21.85 5.95 -18.49
N ASN B 797 -20.84 6.33 -17.72
CA ASN B 797 -20.19 5.44 -16.78
C ASN B 797 -20.64 5.59 -15.31
N TRP B 798 -21.97 5.61 -15.03
CA TRP B 798 -22.46 5.77 -13.67
C TRP B 798 -22.15 4.56 -12.78
N THR B 799 -22.03 3.39 -13.43
CA THR B 799 -21.67 2.15 -12.76
C THR B 799 -20.78 1.35 -13.70
N THR B 800 -19.79 0.66 -13.10
CA THR B 800 -18.91 -0.21 -13.86
C THR B 800 -19.64 -1.47 -14.29
N ASP B 801 -20.78 -1.76 -13.66
CA ASP B 801 -21.59 -2.95 -13.85
C ASP B 801 -22.15 -3.09 -15.25
N LYS B 802 -21.53 -4.01 -16.02
CA LYS B 802 -21.89 -4.27 -17.40
C LYS B 802 -23.32 -4.75 -17.51
N LYS B 803 -23.76 -5.64 -16.61
CA LYS B 803 -25.14 -6.11 -16.56
C LYS B 803 -26.08 -5.02 -16.04
N ALA B 804 -25.64 -3.88 -15.50
CA ALA B 804 -26.53 -2.79 -15.11
C ALA B 804 -26.61 -1.84 -16.27
N LEU B 805 -25.49 -1.57 -16.92
CA LEU B 805 -25.43 -0.71 -18.10
C LEU B 805 -26.32 -1.23 -19.24
N GLU B 806 -26.12 -2.51 -19.54
CA GLU B 806 -26.79 -3.30 -20.57
C GLU B 806 -28.30 -3.36 -20.44
N ALA B 807 -28.73 -3.68 -19.22
CA ALA B 807 -30.13 -3.74 -18.86
C ALA B 807 -30.79 -2.37 -18.79
N PHE B 808 -29.95 -1.31 -18.60
CA PHE B 808 -30.43 0.05 -18.68
C PHE B 808 -30.77 0.33 -20.13
N LYS B 809 -29.91 -0.08 -21.06
CA LYS B 809 -30.18 0.24 -22.43
C LYS B 809 -31.33 -0.42 -23.17
N ARG B 810 -31.94 -1.42 -22.56
CA ARG B 810 -33.09 -2.15 -23.08
C ARG B 810 -34.37 -1.44 -22.63
N PHE B 811 -34.23 -0.65 -21.55
CA PHE B 811 -35.27 0.23 -21.03
C PHE B 811 -35.35 1.44 -21.97
N GLY B 812 -34.21 1.98 -22.42
CA GLY B 812 -34.16 3.09 -23.35
C GLY B 812 -34.83 2.75 -24.67
N SER B 813 -34.51 1.56 -25.17
CA SER B 813 -35.02 1.03 -26.42
C SER B 813 -36.50 0.66 -26.38
N LYS B 814 -37.02 0.21 -25.22
CA LYS B 814 -38.44 -0.14 -25.02
C LYS B 814 -39.28 1.12 -24.97
N LEU B 815 -38.66 2.18 -24.45
CA LEU B 815 -39.33 3.45 -24.38
C LEU B 815 -39.36 4.06 -25.76
N THR B 816 -38.38 3.78 -26.60
CA THR B 816 -38.39 4.21 -28.00
C THR B 816 -39.55 3.51 -28.73
N GLY B 817 -39.85 2.26 -28.36
CA GLY B 817 -40.92 1.48 -28.93
C GLY B 817 -42.30 2.00 -28.52
N ILE B 818 -42.46 2.32 -27.22
CA ILE B 818 -43.68 2.89 -26.65
C ILE B 818 -43.94 4.26 -27.28
N GLU B 819 -42.92 5.08 -27.55
CA GLU B 819 -43.14 6.34 -28.26
C GLU B 819 -43.75 6.01 -29.59
N GLY B 820 -43.20 4.99 -30.28
CA GLY B 820 -43.76 4.49 -31.51
C GLY B 820 -45.23 4.10 -31.41
N LYS B 821 -45.59 3.25 -30.45
CA LYS B 821 -46.98 2.83 -30.29
C LYS B 821 -47.95 3.98 -30.08
N ILE B 822 -47.49 5.04 -29.38
CA ILE B 822 -48.23 6.28 -29.08
C ILE B 822 -48.54 7.03 -30.35
N ASN B 823 -47.51 7.17 -31.20
CA ASN B 823 -47.62 7.74 -32.55
C ASN B 823 -48.66 6.96 -33.34
N ALA B 824 -48.51 5.63 -33.44
CA ALA B 824 -49.42 4.81 -34.21
C ALA B 824 -50.86 4.81 -33.72
N ARG B 825 -51.04 5.10 -32.43
CA ARG B 825 -52.36 5.27 -31.85
C ARG B 825 -52.81 6.69 -32.06
N ASN B 826 -51.98 7.72 -31.89
CA ASN B 826 -52.33 9.12 -32.12
C ASN B 826 -52.79 9.42 -33.54
N SER B 827 -52.45 8.53 -34.49
CA SER B 827 -52.82 8.64 -35.89
C SER B 827 -54.08 7.86 -36.23
N ASP B 828 -54.57 7.00 -35.33
CA ASP B 828 -55.75 6.21 -35.58
C ASP B 828 -57.09 6.95 -35.37
N PRO B 829 -57.96 7.08 -36.41
CA PRO B 829 -59.27 7.70 -36.32
C PRO B 829 -60.32 7.08 -35.39
N SER B 830 -60.06 5.86 -34.91
CA SER B 830 -60.96 5.17 -34.01
C SER B 830 -60.77 5.59 -32.55
N LEU B 831 -59.57 6.13 -32.29
CA LEU B 831 -59.13 6.66 -31.03
C LEU B 831 -59.34 8.19 -31.04
N ARG B 832 -60.65 8.48 -30.90
CA ARG B 832 -61.20 9.82 -30.89
C ARG B 832 -60.77 10.69 -29.70
N ASN B 833 -60.53 10.03 -28.57
CA ASN B 833 -60.11 10.66 -27.34
C ASN B 833 -58.65 11.03 -27.25
N ARG B 834 -57.88 10.84 -28.32
CA ARG B 834 -56.46 11.14 -28.36
C ARG B 834 -56.08 12.45 -29.05
N THR B 835 -57.04 12.97 -29.80
CA THR B 835 -56.87 14.15 -30.62
C THR B 835 -57.96 15.12 -30.20
N GLY B 836 -59.23 14.68 -30.12
CA GLY B 836 -60.36 15.48 -29.73
C GLY B 836 -60.70 16.63 -30.66
N PRO B 837 -61.82 17.36 -30.48
CA PRO B 837 -62.18 18.49 -31.33
C PRO B 837 -61.15 19.59 -31.45
N VAL B 838 -60.20 19.75 -30.51
CA VAL B 838 -59.10 20.72 -30.63
C VAL B 838 -57.84 20.19 -31.36
N GLN B 839 -58.01 18.92 -31.86
CA GLN B 839 -57.07 18.06 -32.59
C GLN B 839 -55.67 18.16 -31.99
N LEU B 840 -55.51 17.64 -30.77
CA LEU B 840 -54.24 17.80 -30.11
C LEU B 840 -53.87 16.45 -29.59
N PRO B 841 -53.05 15.75 -30.38
CA PRO B 841 -52.51 14.43 -30.12
C PRO B 841 -51.90 14.28 -28.73
N TYR B 842 -52.28 13.20 -28.02
CA TYR B 842 -51.82 12.89 -26.68
C TYR B 842 -50.39 12.38 -26.67
N THR B 843 -49.53 13.40 -26.61
CA THR B 843 -48.12 13.20 -26.52
C THR B 843 -47.55 13.40 -25.14
N LEU B 844 -48.36 13.48 -24.07
CA LEU B 844 -47.77 13.78 -22.79
C LEU B 844 -46.85 12.67 -22.30
N LEU B 845 -47.29 11.44 -22.52
CA LEU B 845 -46.56 10.26 -22.10
C LEU B 845 -45.69 9.61 -23.18
N HIS B 846 -45.17 10.47 -24.04
CA HIS B 846 -44.19 10.19 -25.09
C HIS B 846 -42.93 10.75 -24.48
N ARG B 847 -41.87 10.00 -24.17
CA ARG B 847 -40.72 10.58 -23.48
C ARG B 847 -39.74 11.47 -24.15
N SER B 848 -39.34 11.35 -25.42
CA SER B 848 -38.34 12.30 -25.82
C SER B 848 -38.97 13.52 -26.37
N SER B 849 -38.20 14.55 -26.07
CA SER B 849 -38.62 15.87 -26.40
C SER B 849 -37.43 16.77 -26.58
N GLU B 850 -37.80 17.83 -27.26
CA GLU B 850 -36.90 18.95 -27.44
C GLU B 850 -37.26 19.97 -26.37
N GLU B 851 -36.51 21.08 -26.32
CA GLU B 851 -36.75 22.17 -25.38
C GLU B 851 -38.07 22.96 -25.53
N GLY B 852 -38.56 23.60 -24.46
CA GLY B 852 -39.77 24.43 -24.45
C GLY B 852 -41.12 23.74 -24.61
N LEU B 853 -41.93 24.56 -25.29
CA LEU B 853 -43.32 24.33 -25.63
C LEU B 853 -43.85 23.03 -26.22
N THR B 854 -43.01 22.00 -26.28
CA THR B 854 -43.33 20.66 -26.74
C THR B 854 -44.49 20.13 -25.90
N PHE B 855 -45.49 19.47 -26.42
CA PHE B 855 -46.52 19.00 -25.49
C PHE B 855 -46.12 17.59 -25.10
N LYS B 856 -44.84 17.24 -25.08
CA LYS B 856 -44.44 15.86 -24.87
C LYS B 856 -43.24 15.83 -24.00
N GLY B 857 -42.70 14.65 -23.73
CA GLY B 857 -41.47 14.55 -22.95
C GLY B 857 -41.72 14.09 -21.53
N ILE B 858 -40.96 13.06 -21.13
CA ILE B 858 -41.06 12.50 -19.79
C ILE B 858 -39.70 12.68 -19.14
N PRO B 859 -39.45 13.70 -18.31
CA PRO B 859 -38.19 13.94 -17.63
C PRO B 859 -37.93 12.82 -16.65
N ASN B 860 -36.70 12.64 -16.16
CA ASN B 860 -36.42 11.63 -15.16
C ASN B 860 -37.11 12.01 -13.86
N SER B 861 -36.90 13.26 -13.49
CA SER B 861 -37.39 13.81 -12.26
C SER B 861 -38.53 14.77 -12.42
N ILE B 862 -38.74 15.36 -11.25
CA ILE B 862 -39.65 16.44 -10.89
C ILE B 862 -38.62 17.58 -10.92
N SER B 863 -38.47 18.06 -12.14
CA SER B 863 -37.48 19.06 -12.53
C SER B 863 -38.01 20.47 -12.62
N ILE B 864 -39.36 20.56 -12.69
CA ILE B 864 -40.15 21.79 -12.76
C ILE B 864 -41.59 21.51 -12.24
#